data_2CMM
# 
_entry.id   2CMM 
# 
_audit_conform.dict_name       mmcif_pdbx.dic 
_audit_conform.dict_version    5.387 
_audit_conform.dict_location   http://mmcif.pdb.org/dictionaries/ascii/mmcif_pdbx.dic 
# 
loop_
_database_2.database_id 
_database_2.database_code 
_database_2.pdbx_database_accession 
_database_2.pdbx_DOI 
PDB   2CMM         pdb_00002cmm 10.2210/pdb2cmm/pdb 
WWPDB D_1000177933 ?            ?                   
# 
loop_
_pdbx_audit_revision_history.ordinal 
_pdbx_audit_revision_history.data_content_type 
_pdbx_audit_revision_history.major_revision 
_pdbx_audit_revision_history.minor_revision 
_pdbx_audit_revision_history.revision_date 
1 'Structure model' 1 0 1994-01-31 
2 'Structure model' 1 1 2008-03-03 
3 'Structure model' 1 2 2011-07-13 
4 'Structure model' 1 3 2024-02-14 
# 
_pdbx_audit_revision_details.ordinal             1 
_pdbx_audit_revision_details.revision_ordinal    1 
_pdbx_audit_revision_details.data_content_type   'Structure model' 
_pdbx_audit_revision_details.provider            repository 
_pdbx_audit_revision_details.type                'Initial release' 
_pdbx_audit_revision_details.description         ? 
_pdbx_audit_revision_details.details             ? 
# 
loop_
_pdbx_audit_revision_group.ordinal 
_pdbx_audit_revision_group.revision_ordinal 
_pdbx_audit_revision_group.data_content_type 
_pdbx_audit_revision_group.group 
1 2 'Structure model' 'Version format compliance' 
2 3 'Structure model' 'Version format compliance' 
3 4 'Structure model' 'Data collection'           
4 4 'Structure model' 'Database references'       
5 4 'Structure model' 'Derived calculations'      
6 4 'Structure model' Other                       
# 
loop_
_pdbx_audit_revision_category.ordinal 
_pdbx_audit_revision_category.revision_ordinal 
_pdbx_audit_revision_category.data_content_type 
_pdbx_audit_revision_category.category 
1 4 'Structure model' chem_comp_atom         
2 4 'Structure model' chem_comp_bond         
3 4 'Structure model' database_2             
4 4 'Structure model' pdbx_database_status   
5 4 'Structure model' pdbx_struct_conn_angle 
6 4 'Structure model' struct_conn            
7 4 'Structure model' struct_site            
# 
loop_
_pdbx_audit_revision_item.ordinal 
_pdbx_audit_revision_item.revision_ordinal 
_pdbx_audit_revision_item.data_content_type 
_pdbx_audit_revision_item.item 
1  4 'Structure model' '_database_2.pdbx_DOI'                        
2  4 'Structure model' '_database_2.pdbx_database_accession'         
3  4 'Structure model' '_pdbx_database_status.process_site'          
4  4 'Structure model' '_pdbx_struct_conn_angle.ptnr1_auth_comp_id'  
5  4 'Structure model' '_pdbx_struct_conn_angle.ptnr1_auth_seq_id'   
6  4 'Structure model' '_pdbx_struct_conn_angle.ptnr1_label_asym_id' 
7  4 'Structure model' '_pdbx_struct_conn_angle.ptnr1_label_atom_id' 
8  4 'Structure model' '_pdbx_struct_conn_angle.ptnr1_label_comp_id' 
9  4 'Structure model' '_pdbx_struct_conn_angle.ptnr1_label_seq_id'  
10 4 'Structure model' '_pdbx_struct_conn_angle.ptnr3_auth_comp_id'  
11 4 'Structure model' '_pdbx_struct_conn_angle.ptnr3_auth_seq_id'   
12 4 'Structure model' '_pdbx_struct_conn_angle.ptnr3_label_asym_id' 
13 4 'Structure model' '_pdbx_struct_conn_angle.ptnr3_label_atom_id' 
14 4 'Structure model' '_pdbx_struct_conn_angle.ptnr3_label_comp_id' 
15 4 'Structure model' '_pdbx_struct_conn_angle.ptnr3_label_seq_id'  
16 4 'Structure model' '_pdbx_struct_conn_angle.value'               
17 4 'Structure model' '_struct_conn.pdbx_dist_value'                
18 4 'Structure model' '_struct_conn.ptnr1_auth_comp_id'             
19 4 'Structure model' '_struct_conn.ptnr1_auth_seq_id'              
20 4 'Structure model' '_struct_conn.ptnr1_label_asym_id'            
21 4 'Structure model' '_struct_conn.ptnr1_label_atom_id'            
22 4 'Structure model' '_struct_conn.ptnr1_label_comp_id'            
23 4 'Structure model' '_struct_conn.ptnr1_label_seq_id'             
24 4 'Structure model' '_struct_conn.ptnr2_auth_comp_id'             
25 4 'Structure model' '_struct_conn.ptnr2_auth_seq_id'              
26 4 'Structure model' '_struct_conn.ptnr2_label_asym_id'            
27 4 'Structure model' '_struct_conn.ptnr2_label_atom_id'            
28 4 'Structure model' '_struct_conn.ptnr2_label_comp_id'            
29 4 'Structure model' '_struct_conn.ptnr2_label_seq_id'             
30 4 'Structure model' '_struct_site.pdbx_auth_asym_id'              
31 4 'Structure model' '_struct_site.pdbx_auth_comp_id'              
32 4 'Structure model' '_struct_site.pdbx_auth_seq_id'               
# 
_pdbx_database_status.status_code                     REL 
_pdbx_database_status.entry_id                        2CMM 
_pdbx_database_status.recvd_initial_deposition_date   1993-12-24 
_pdbx_database_status.deposit_site                    ? 
_pdbx_database_status.process_site                    BNL 
_pdbx_database_status.SG_entry                        . 
_pdbx_database_status.pdb_format_compatible           Y 
_pdbx_database_status.status_code_mr                  ? 
_pdbx_database_status.status_code_sf                  ? 
_pdbx_database_status.status_code_cs                  ? 
_pdbx_database_status.status_code_nmr_data            ? 
_pdbx_database_status.methods_development_category    ? 
# 
loop_
_audit_author.name 
_audit_author.pdbx_ordinal 
'Sato, T.'     1 
'Tanaka, N.'   2 
'Moriyama, H.' 3 
'Igarashi, N.' 4 
'Neya, S.'     5 
'Funasaki, N.' 6 
'Iizuka, T.'   7 
'Shiro, Y.'    8 
# 
loop_
_citation.id 
_citation.title 
_citation.journal_abbrev 
_citation.journal_volume 
_citation.page_first 
_citation.page_last 
_citation.year 
_citation.journal_id_ASTM 
_citation.country 
_citation.journal_id_ISSN 
_citation.journal_id_CSD 
_citation.book_publisher 
_citation.pdbx_database_id_PubMed 
_citation.pdbx_database_id_DOI 
primary 'Structural analysis of the myoglobin reconstituted with iron porphine.' J.Biol.Chem.         268 8935 8942 1993 JBCHA3 US 
0021-9258 0071 ? 8473336 ? 
1       
;The Crystal Structures of Cyanide Metmyoglobins Reconstituted with Iron(III) Complexes of Porphyrin, 5,10,15,20-Tetramethylporphyrin, and 5, 10,15,20-Tetraetylporphyrin
;
Bull.Chem.Soc.Jpn.   65  739  ?    1992 BCSJA8 JA 0009-2673 0007 ? ?       ? 
2       
;Kinetic Studies on Co Binding to Reconstituted Myoglobins with Four Synthetic Hemes; Structural Control in Ligand Binding to Myoglobin
;
Biochim.Biophys.Acta 121 1    ?    1992 BBACAQ NE 0006-3002 0113 ? ?       ? 
# 
loop_
_citation_author.citation_id 
_citation_author.name 
_citation_author.ordinal 
_citation_author.identifier_ORCID 
primary 'Neya, S.'      1  ? 
primary 'Funasaki, N.'  2  ? 
primary 'Sato, T.'      3  ? 
primary 'Igarashi, N.'  4  ? 
primary 'Tanaka, N.'    5  ? 
1       'Sato, T.'      6  ? 
1       'Tanaka, N.'    7  ? 
1       'Moriyama, H.'  8  ? 
1       'Matsumoto, O.' 9  ? 
1       'Takenaka, A.'  10 ? 
1       'Neya, S.'      11 ? 
1       'Funasaki, N.'  12 ? 
2       'Sato, T.'      13 ? 
2       'Tanaka, N.'    14 ? 
2       'Neya, S.'      15 ? 
2       'Funasaki, N.'  16 ? 
2       'Iizuka, T.'    17 ? 
2       'Shiro, Y.'     18 ? 
# 
loop_
_entity.id 
_entity.type 
_entity.src_method 
_entity.pdbx_description 
_entity.formula_weight 
_entity.pdbx_number_of_molecules 
_entity.pdbx_ec 
_entity.pdbx_mutation 
_entity.pdbx_fragment 
_entity.details 
1 polymer     man MYOGLOBIN           17234.951 1  ? ? ? ? 
2 non-polymer syn 'CYANIDE ION'       26.017    1  ? ? ? ? 
3 non-polymer syn 'PORPHYRIN FE(III)' 364.181   1  ? ? ? ? 
4 water       nat water               18.015    59 ? ? ? ? 
# 
_entity_poly.entity_id                      1 
_entity_poly.type                           'polypeptide(L)' 
_entity_poly.nstd_linkage                   no 
_entity_poly.nstd_monomer                   no 
_entity_poly.pdbx_seq_one_letter_code       
;VLSEGEWQLVLHVWAKVEADVAGHGQDILIRLFKSHPETLEKFDRFKHLKTEAEMKASEDLKKHGVTVLTALGAILKKKG
HHEAELKPLAQSHATKHKIPIKYLEFISEAIIHVLHSRHPGDFGADAQGAMNKALELFRKDIAAKYKELGYQG
;
_entity_poly.pdbx_seq_one_letter_code_can   
;VLSEGEWQLVLHVWAKVEADVAGHGQDILIRLFKSHPETLEKFDRFKHLKTEAEMKASEDLKKHGVTVLTALGAILKKKG
HHEAELKPLAQSHATKHKIPIKYLEFISEAIIHVLHSRHPGDFGADAQGAMNKALELFRKDIAAKYKELGYQG
;
_entity_poly.pdbx_strand_id                 A 
_entity_poly.pdbx_target_identifier         ? 
# 
loop_
_pdbx_entity_nonpoly.entity_id 
_pdbx_entity_nonpoly.name 
_pdbx_entity_nonpoly.comp_id 
2 'CYANIDE ION'       CYN 
3 'PORPHYRIN FE(III)' POR 
4 water               HOH 
# 
loop_
_entity_poly_seq.entity_id 
_entity_poly_seq.num 
_entity_poly_seq.mon_id 
_entity_poly_seq.hetero 
1 1   VAL n 
1 2   LEU n 
1 3   SER n 
1 4   GLU n 
1 5   GLY n 
1 6   GLU n 
1 7   TRP n 
1 8   GLN n 
1 9   LEU n 
1 10  VAL n 
1 11  LEU n 
1 12  HIS n 
1 13  VAL n 
1 14  TRP n 
1 15  ALA n 
1 16  LYS n 
1 17  VAL n 
1 18  GLU n 
1 19  ALA n 
1 20  ASP n 
1 21  VAL n 
1 22  ALA n 
1 23  GLY n 
1 24  HIS n 
1 25  GLY n 
1 26  GLN n 
1 27  ASP n 
1 28  ILE n 
1 29  LEU n 
1 30  ILE n 
1 31  ARG n 
1 32  LEU n 
1 33  PHE n 
1 34  LYS n 
1 35  SER n 
1 36  HIS n 
1 37  PRO n 
1 38  GLU n 
1 39  THR n 
1 40  LEU n 
1 41  GLU n 
1 42  LYS n 
1 43  PHE n 
1 44  ASP n 
1 45  ARG n 
1 46  PHE n 
1 47  LYS n 
1 48  HIS n 
1 49  LEU n 
1 50  LYS n 
1 51  THR n 
1 52  GLU n 
1 53  ALA n 
1 54  GLU n 
1 55  MET n 
1 56  LYS n 
1 57  ALA n 
1 58  SER n 
1 59  GLU n 
1 60  ASP n 
1 61  LEU n 
1 62  LYS n 
1 63  LYS n 
1 64  HIS n 
1 65  GLY n 
1 66  VAL n 
1 67  THR n 
1 68  VAL n 
1 69  LEU n 
1 70  THR n 
1 71  ALA n 
1 72  LEU n 
1 73  GLY n 
1 74  ALA n 
1 75  ILE n 
1 76  LEU n 
1 77  LYS n 
1 78  LYS n 
1 79  LYS n 
1 80  GLY n 
1 81  HIS n 
1 82  HIS n 
1 83  GLU n 
1 84  ALA n 
1 85  GLU n 
1 86  LEU n 
1 87  LYS n 
1 88  PRO n 
1 89  LEU n 
1 90  ALA n 
1 91  GLN n 
1 92  SER n 
1 93  HIS n 
1 94  ALA n 
1 95  THR n 
1 96  LYS n 
1 97  HIS n 
1 98  LYS n 
1 99  ILE n 
1 100 PRO n 
1 101 ILE n 
1 102 LYS n 
1 103 TYR n 
1 104 LEU n 
1 105 GLU n 
1 106 PHE n 
1 107 ILE n 
1 108 SER n 
1 109 GLU n 
1 110 ALA n 
1 111 ILE n 
1 112 ILE n 
1 113 HIS n 
1 114 VAL n 
1 115 LEU n 
1 116 HIS n 
1 117 SER n 
1 118 ARG n 
1 119 HIS n 
1 120 PRO n 
1 121 GLY n 
1 122 ASP n 
1 123 PHE n 
1 124 GLY n 
1 125 ALA n 
1 126 ASP n 
1 127 ALA n 
1 128 GLN n 
1 129 GLY n 
1 130 ALA n 
1 131 MET n 
1 132 ASN n 
1 133 LYS n 
1 134 ALA n 
1 135 LEU n 
1 136 GLU n 
1 137 LEU n 
1 138 PHE n 
1 139 ARG n 
1 140 LYS n 
1 141 ASP n 
1 142 ILE n 
1 143 ALA n 
1 144 ALA n 
1 145 LYS n 
1 146 TYR n 
1 147 LYS n 
1 148 GLU n 
1 149 LEU n 
1 150 GLY n 
1 151 TYR n 
1 152 GLN n 
1 153 GLY n 
# 
_entity_src_gen.entity_id                          1 
_entity_src_gen.pdbx_src_id                        1 
_entity_src_gen.pdbx_alt_source_flag               sample 
_entity_src_gen.pdbx_seq_type                      ? 
_entity_src_gen.pdbx_beg_seq_num                   ? 
_entity_src_gen.pdbx_end_seq_num                   ? 
_entity_src_gen.gene_src_common_name               'sperm whale' 
_entity_src_gen.gene_src_genus                     Physeter 
_entity_src_gen.pdbx_gene_src_gene                 ? 
_entity_src_gen.gene_src_species                   ? 
_entity_src_gen.gene_src_strain                    ? 
_entity_src_gen.gene_src_tissue                    ? 
_entity_src_gen.gene_src_tissue_fraction           ? 
_entity_src_gen.gene_src_details                   ? 
_entity_src_gen.pdbx_gene_src_fragment             ? 
_entity_src_gen.pdbx_gene_src_scientific_name      'Physeter catodon' 
_entity_src_gen.pdbx_gene_src_ncbi_taxonomy_id     9755 
_entity_src_gen.pdbx_gene_src_variant              ? 
_entity_src_gen.pdbx_gene_src_cell_line            ? 
_entity_src_gen.pdbx_gene_src_atcc                 ? 
_entity_src_gen.pdbx_gene_src_organ                ? 
_entity_src_gen.pdbx_gene_src_organelle            ? 
_entity_src_gen.pdbx_gene_src_cell                 ? 
_entity_src_gen.pdbx_gene_src_cellular_location    ? 
_entity_src_gen.host_org_common_name               ? 
_entity_src_gen.pdbx_host_org_scientific_name      ? 
_entity_src_gen.pdbx_host_org_ncbi_taxonomy_id     ? 
_entity_src_gen.host_org_genus                     ? 
_entity_src_gen.pdbx_host_org_gene                 ? 
_entity_src_gen.pdbx_host_org_organ                ? 
_entity_src_gen.host_org_species                   ? 
_entity_src_gen.pdbx_host_org_tissue               ? 
_entity_src_gen.pdbx_host_org_tissue_fraction      ? 
_entity_src_gen.pdbx_host_org_strain               ? 
_entity_src_gen.pdbx_host_org_variant              ? 
_entity_src_gen.pdbx_host_org_cell_line            ? 
_entity_src_gen.pdbx_host_org_atcc                 ? 
_entity_src_gen.pdbx_host_org_culture_collection   ? 
_entity_src_gen.pdbx_host_org_cell                 ? 
_entity_src_gen.pdbx_host_org_organelle            ? 
_entity_src_gen.pdbx_host_org_cellular_location    ? 
_entity_src_gen.pdbx_host_org_vector_type          ? 
_entity_src_gen.pdbx_host_org_vector               ? 
_entity_src_gen.host_org_details                   ? 
_entity_src_gen.expression_system_id               ? 
_entity_src_gen.plasmid_name                       ? 
_entity_src_gen.plasmid_details                    ? 
_entity_src_gen.pdbx_description                   ? 
# 
loop_
_chem_comp.id 
_chem_comp.type 
_chem_comp.mon_nstd_flag 
_chem_comp.name 
_chem_comp.pdbx_synonyms 
_chem_comp.formula 
_chem_comp.formula_weight 
ALA 'L-peptide linking' y ALANINE             ? 'C3 H7 N O2'     89.093  
ARG 'L-peptide linking' y ARGININE            ? 'C6 H15 N4 O2 1' 175.209 
ASN 'L-peptide linking' y ASPARAGINE          ? 'C4 H8 N2 O3'    132.118 
ASP 'L-peptide linking' y 'ASPARTIC ACID'     ? 'C4 H7 N O4'     133.103 
CYN non-polymer         . 'CYANIDE ION'       ? 'C N -1'         26.017  
GLN 'L-peptide linking' y GLUTAMINE           ? 'C5 H10 N2 O3'   146.144 
GLU 'L-peptide linking' y 'GLUTAMIC ACID'     ? 'C5 H9 N O4'     147.129 
GLY 'peptide linking'   y GLYCINE             ? 'C2 H5 N O2'     75.067  
HIS 'L-peptide linking' y HISTIDINE           ? 'C6 H10 N3 O2 1' 156.162 
HOH non-polymer         . WATER               ? 'H2 O'           18.015  
ILE 'L-peptide linking' y ISOLEUCINE          ? 'C6 H13 N O2'    131.173 
LEU 'L-peptide linking' y LEUCINE             ? 'C6 H13 N O2'    131.173 
LYS 'L-peptide linking' y LYSINE              ? 'C6 H15 N2 O2 1' 147.195 
MET 'L-peptide linking' y METHIONINE          ? 'C5 H11 N O2 S'  149.211 
PHE 'L-peptide linking' y PHENYLALANINE       ? 'C9 H11 N O2'    165.189 
POR non-polymer         . 'PORPHYRIN FE(III)' ? 'C20 H12 Fe N4'  364.181 
PRO 'L-peptide linking' y PROLINE             ? 'C5 H9 N O2'     115.130 
SER 'L-peptide linking' y SERINE              ? 'C3 H7 N O3'     105.093 
THR 'L-peptide linking' y THREONINE           ? 'C4 H9 N O3'     119.119 
TRP 'L-peptide linking' y TRYPTOPHAN          ? 'C11 H12 N2 O2'  204.225 
TYR 'L-peptide linking' y TYROSINE            ? 'C9 H11 N O3'    181.189 
VAL 'L-peptide linking' y VALINE              ? 'C5 H11 N O2'    117.146 
# 
loop_
_pdbx_poly_seq_scheme.asym_id 
_pdbx_poly_seq_scheme.entity_id 
_pdbx_poly_seq_scheme.seq_id 
_pdbx_poly_seq_scheme.mon_id 
_pdbx_poly_seq_scheme.ndb_seq_num 
_pdbx_poly_seq_scheme.pdb_seq_num 
_pdbx_poly_seq_scheme.auth_seq_num 
_pdbx_poly_seq_scheme.pdb_mon_id 
_pdbx_poly_seq_scheme.auth_mon_id 
_pdbx_poly_seq_scheme.pdb_strand_id 
_pdbx_poly_seq_scheme.pdb_ins_code 
_pdbx_poly_seq_scheme.hetero 
A 1 1   VAL 1   1   1   VAL VAL A . n 
A 1 2   LEU 2   2   2   LEU LEU A . n 
A 1 3   SER 3   3   3   SER SER A . n 
A 1 4   GLU 4   4   4   GLU GLU A . n 
A 1 5   GLY 5   5   5   GLY GLY A . n 
A 1 6   GLU 6   6   6   GLU GLU A . n 
A 1 7   TRP 7   7   7   TRP TRP A . n 
A 1 8   GLN 8   8   8   GLN GLN A . n 
A 1 9   LEU 9   9   9   LEU LEU A . n 
A 1 10  VAL 10  10  10  VAL VAL A . n 
A 1 11  LEU 11  11  11  LEU LEU A . n 
A 1 12  HIS 12  12  12  HIS HIS A . n 
A 1 13  VAL 13  13  13  VAL VAL A . n 
A 1 14  TRP 14  14  14  TRP TRP A . n 
A 1 15  ALA 15  15  15  ALA ALA A . n 
A 1 16  LYS 16  16  16  LYS LYS A . n 
A 1 17  VAL 17  17  17  VAL VAL A . n 
A 1 18  GLU 18  18  18  GLU GLU A . n 
A 1 19  ALA 19  19  19  ALA ALA A . n 
A 1 20  ASP 20  20  20  ASP ASP A . n 
A 1 21  VAL 21  21  21  VAL VAL A . n 
A 1 22  ALA 22  22  22  ALA ALA A . n 
A 1 23  GLY 23  23  23  GLY GLY A . n 
A 1 24  HIS 24  24  24  HIS HIS A . n 
A 1 25  GLY 25  25  25  GLY GLY A . n 
A 1 26  GLN 26  26  26  GLN GLN A . n 
A 1 27  ASP 27  27  27  ASP ASP A . n 
A 1 28  ILE 28  28  28  ILE ILE A . n 
A 1 29  LEU 29  29  29  LEU LEU A . n 
A 1 30  ILE 30  30  30  ILE ILE A . n 
A 1 31  ARG 31  31  31  ARG ARG A . n 
A 1 32  LEU 32  32  32  LEU LEU A . n 
A 1 33  PHE 33  33  33  PHE PHE A . n 
A 1 34  LYS 34  34  34  LYS LYS A . n 
A 1 35  SER 35  35  35  SER SER A . n 
A 1 36  HIS 36  36  36  HIS HIS A . n 
A 1 37  PRO 37  37  37  PRO PRO A . n 
A 1 38  GLU 38  38  38  GLU GLU A . n 
A 1 39  THR 39  39  39  THR THR A . n 
A 1 40  LEU 40  40  40  LEU LEU A . n 
A 1 41  GLU 41  41  41  GLU GLU A . n 
A 1 42  LYS 42  42  42  LYS LYS A . n 
A 1 43  PHE 43  43  43  PHE PHE A . n 
A 1 44  ASP 44  44  44  ASP ASP A . n 
A 1 45  ARG 45  45  45  ARG ARG A . n 
A 1 46  PHE 46  46  46  PHE PHE A . n 
A 1 47  LYS 47  47  47  LYS LYS A . n 
A 1 48  HIS 48  48  48  HIS HIS A . n 
A 1 49  LEU 49  49  49  LEU LEU A . n 
A 1 50  LYS 50  50  50  LYS LYS A . n 
A 1 51  THR 51  51  51  THR THR A . n 
A 1 52  GLU 52  52  52  GLU GLU A . n 
A 1 53  ALA 53  53  53  ALA ALA A . n 
A 1 54  GLU 54  54  54  GLU GLU A . n 
A 1 55  MET 55  55  55  MET MET A . n 
A 1 56  LYS 56  56  56  LYS LYS A . n 
A 1 57  ALA 57  57  57  ALA ALA A . n 
A 1 58  SER 58  58  58  SER SER A . n 
A 1 59  GLU 59  59  59  GLU GLU A . n 
A 1 60  ASP 60  60  60  ASP ASP A . n 
A 1 61  LEU 61  61  61  LEU LEU A . n 
A 1 62  LYS 62  62  62  LYS LYS A . n 
A 1 63  LYS 63  63  63  LYS LYS A . n 
A 1 64  HIS 64  64  64  HIS HIS A . n 
A 1 65  GLY 65  65  65  GLY GLY A . n 
A 1 66  VAL 66  66  66  VAL VAL A . n 
A 1 67  THR 67  67  67  THR THR A . n 
A 1 68  VAL 68  68  68  VAL VAL A . n 
A 1 69  LEU 69  69  69  LEU LEU A . n 
A 1 70  THR 70  70  70  THR THR A . n 
A 1 71  ALA 71  71  71  ALA ALA A . n 
A 1 72  LEU 72  72  72  LEU LEU A . n 
A 1 73  GLY 73  73  73  GLY GLY A . n 
A 1 74  ALA 74  74  74  ALA ALA A . n 
A 1 75  ILE 75  75  75  ILE ILE A . n 
A 1 76  LEU 76  76  76  LEU LEU A . n 
A 1 77  LYS 77  77  77  LYS LYS A . n 
A 1 78  LYS 78  78  78  LYS LYS A . n 
A 1 79  LYS 79  79  79  LYS LYS A . n 
A 1 80  GLY 80  80  80  GLY GLY A . n 
A 1 81  HIS 81  81  81  HIS HIS A . n 
A 1 82  HIS 82  82  82  HIS HIS A . n 
A 1 83  GLU 83  83  83  GLU GLU A . n 
A 1 84  ALA 84  84  84  ALA ALA A . n 
A 1 85  GLU 85  85  85  GLU GLU A . n 
A 1 86  LEU 86  86  86  LEU LEU A . n 
A 1 87  LYS 87  87  87  LYS LYS A . n 
A 1 88  PRO 88  88  88  PRO PRO A . n 
A 1 89  LEU 89  89  89  LEU LEU A . n 
A 1 90  ALA 90  90  90  ALA ALA A . n 
A 1 91  GLN 91  91  91  GLN GLN A . n 
A 1 92  SER 92  92  92  SER SER A . n 
A 1 93  HIS 93  93  93  HIS HIS A . n 
A 1 94  ALA 94  94  94  ALA ALA A . n 
A 1 95  THR 95  95  95  THR THR A . n 
A 1 96  LYS 96  96  96  LYS LYS A . n 
A 1 97  HIS 97  97  97  HIS HIS A . n 
A 1 98  LYS 98  98  98  LYS LYS A . n 
A 1 99  ILE 99  99  99  ILE ILE A . n 
A 1 100 PRO 100 100 100 PRO PRO A . n 
A 1 101 ILE 101 101 101 ILE ILE A . n 
A 1 102 LYS 102 102 102 LYS LYS A . n 
A 1 103 TYR 103 103 103 TYR TYR A . n 
A 1 104 LEU 104 104 104 LEU LEU A . n 
A 1 105 GLU 105 105 105 GLU GLU A . n 
A 1 106 PHE 106 106 106 PHE PHE A . n 
A 1 107 ILE 107 107 107 ILE ILE A . n 
A 1 108 SER 108 108 108 SER SER A . n 
A 1 109 GLU 109 109 109 GLU GLU A . n 
A 1 110 ALA 110 110 110 ALA ALA A . n 
A 1 111 ILE 111 111 111 ILE ILE A . n 
A 1 112 ILE 112 112 112 ILE ILE A . n 
A 1 113 HIS 113 113 113 HIS HIS A . n 
A 1 114 VAL 114 114 114 VAL VAL A . n 
A 1 115 LEU 115 115 115 LEU LEU A . n 
A 1 116 HIS 116 116 116 HIS HIS A . n 
A 1 117 SER 117 117 117 SER SER A . n 
A 1 118 ARG 118 118 118 ARG ARG A . n 
A 1 119 HIS 119 119 119 HIS HIS A . n 
A 1 120 PRO 120 120 120 PRO PRO A . n 
A 1 121 GLY 121 121 121 GLY GLY A . n 
A 1 122 ASP 122 122 122 ASP ASP A . n 
A 1 123 PHE 123 123 123 PHE PHE A . n 
A 1 124 GLY 124 124 124 GLY GLY A . n 
A 1 125 ALA 125 125 125 ALA ALA A . n 
A 1 126 ASP 126 126 126 ASP ASP A . n 
A 1 127 ALA 127 127 127 ALA ALA A . n 
A 1 128 GLN 128 128 128 GLN GLN A . n 
A 1 129 GLY 129 129 129 GLY GLY A . n 
A 1 130 ALA 130 130 130 ALA ALA A . n 
A 1 131 MET 131 131 131 MET MET A . n 
A 1 132 ASN 132 132 132 ASN ASN A . n 
A 1 133 LYS 133 133 133 LYS LYS A . n 
A 1 134 ALA 134 134 134 ALA ALA A . n 
A 1 135 LEU 135 135 135 LEU LEU A . n 
A 1 136 GLU 136 136 136 GLU GLU A . n 
A 1 137 LEU 137 137 137 LEU LEU A . n 
A 1 138 PHE 138 138 138 PHE PHE A . n 
A 1 139 ARG 139 139 139 ARG ARG A . n 
A 1 140 LYS 140 140 140 LYS LYS A . n 
A 1 141 ASP 141 141 141 ASP ASP A . n 
A 1 142 ILE 142 142 142 ILE ILE A . n 
A 1 143 ALA 143 143 143 ALA ALA A . n 
A 1 144 ALA 144 144 144 ALA ALA A . n 
A 1 145 LYS 145 145 145 LYS LYS A . n 
A 1 146 TYR 146 146 146 TYR TYR A . n 
A 1 147 LYS 147 147 147 LYS LYS A . n 
A 1 148 GLU 148 148 148 GLU GLU A . n 
A 1 149 LEU 149 149 149 LEU LEU A . n 
A 1 150 GLY 150 150 150 GLY GLY A . n 
A 1 151 TYR 151 151 151 TYR TYR A . n 
A 1 152 GLN 152 152 152 GLN GLN A . n 
A 1 153 GLY 153 153 153 GLY GLY A . n 
# 
loop_
_pdbx_nonpoly_scheme.asym_id 
_pdbx_nonpoly_scheme.entity_id 
_pdbx_nonpoly_scheme.mon_id 
_pdbx_nonpoly_scheme.ndb_seq_num 
_pdbx_nonpoly_scheme.pdb_seq_num 
_pdbx_nonpoly_scheme.auth_seq_num 
_pdbx_nonpoly_scheme.pdb_mon_id 
_pdbx_nonpoly_scheme.auth_mon_id 
_pdbx_nonpoly_scheme.pdb_strand_id 
_pdbx_nonpoly_scheme.pdb_ins_code 
B 2 CYN 1  154 154 CYN CYN A . 
C 3 POR 1  155 154 POR POR A . 
D 4 HOH 1  201 201 HOH HOH A . 
D 4 HOH 2  202 202 HOH HOH A . 
D 4 HOH 3  203 203 HOH HOH A . 
D 4 HOH 4  204 204 HOH HOH A . 
D 4 HOH 5  205 205 HOH HOH A . 
D 4 HOH 6  206 206 HOH HOH A . 
D 4 HOH 7  207 207 HOH HOH A . 
D 4 HOH 8  208 208 HOH HOH A . 
D 4 HOH 9  209 209 HOH HOH A . 
D 4 HOH 10 210 210 HOH HOH A . 
D 4 HOH 11 211 211 HOH HOH A . 
D 4 HOH 12 212 212 HOH HOH A . 
D 4 HOH 13 213 213 HOH HOH A . 
D 4 HOH 14 214 214 HOH HOH A . 
D 4 HOH 15 215 215 HOH HOH A . 
D 4 HOH 16 216 216 HOH HOH A . 
D 4 HOH 17 217 217 HOH HOH A . 
D 4 HOH 18 218 218 HOH HOH A . 
D 4 HOH 19 219 219 HOH HOH A . 
D 4 HOH 20 220 220 HOH HOH A . 
D 4 HOH 21 221 221 HOH HOH A . 
D 4 HOH 22 222 222 HOH HOH A . 
D 4 HOH 23 223 223 HOH HOH A . 
D 4 HOH 24 224 224 HOH HOH A . 
D 4 HOH 25 225 225 HOH HOH A . 
D 4 HOH 26 226 226 HOH HOH A . 
D 4 HOH 27 227 227 HOH HOH A . 
D 4 HOH 28 228 228 HOH HOH A . 
D 4 HOH 29 229 229 HOH HOH A . 
D 4 HOH 30 230 230 HOH HOH A . 
D 4 HOH 31 231 231 HOH HOH A . 
D 4 HOH 32 232 232 HOH HOH A . 
D 4 HOH 33 233 233 HOH HOH A . 
D 4 HOH 34 234 234 HOH HOH A . 
D 4 HOH 35 235 235 HOH HOH A . 
D 4 HOH 36 236 236 HOH HOH A . 
D 4 HOH 37 237 237 HOH HOH A . 
D 4 HOH 38 238 238 HOH HOH A . 
D 4 HOH 39 239 239 HOH HOH A . 
D 4 HOH 40 240 240 HOH HOH A . 
D 4 HOH 41 241 241 HOH HOH A . 
D 4 HOH 42 242 242 HOH HOH A . 
D 4 HOH 43 243 243 HOH HOH A . 
D 4 HOH 44 244 244 HOH HOH A . 
D 4 HOH 45 245 245 HOH HOH A . 
D 4 HOH 46 246 246 HOH HOH A . 
D 4 HOH 47 247 247 HOH HOH A . 
D 4 HOH 48 248 248 HOH HOH A . 
D 4 HOH 49 249 249 HOH HOH A . 
D 4 HOH 50 250 250 HOH HOH A . 
D 4 HOH 51 251 251 HOH HOH A . 
D 4 HOH 52 252 252 HOH HOH A . 
D 4 HOH 53 253 253 HOH HOH A . 
D 4 HOH 54 254 254 HOH HOH A . 
D 4 HOH 55 255 255 HOH HOH A . 
D 4 HOH 56 256 256 HOH HOH A . 
D 4 HOH 57 257 257 HOH HOH A . 
D 4 HOH 58 258 258 HOH HOH A . 
D 4 HOH 59 269 269 HOH HOH A . 
# 
loop_
_software.name 
_software.classification 
_software.version 
_software.citation_id 
_software.pdbx_ordinal 
X-PLOR 'model building' . ? 1 
PROFFT refinement       . ? 2 
X-PLOR refinement       . ? 3 
X-PLOR phasing          . ? 4 
# 
_cell.entry_id           2CMM 
_cell.length_a           57.620 
_cell.length_b           76.230 
_cell.length_c           33.260 
_cell.angle_alpha        90.00 
_cell.angle_beta         90.00 
_cell.angle_gamma        90.00 
_cell.Z_PDB              4 
_cell.pdbx_unique_axis   ? 
# 
_symmetry.entry_id                         2CMM 
_symmetry.space_group_name_H-M             'P 21 21 21' 
_symmetry.pdbx_full_space_group_name_H-M   ? 
_symmetry.cell_setting                     ? 
_symmetry.Int_Tables_number                19 
# 
_exptl.entry_id          2CMM 
_exptl.method            'X-RAY DIFFRACTION' 
_exptl.crystals_number   ? 
# 
_exptl_crystal.id                    1 
_exptl_crystal.density_meas          ? 
_exptl_crystal.density_Matthews      2.12 
_exptl_crystal.density_percent_sol   41.94 
_exptl_crystal.description           ? 
# 
_refine.entry_id                                 2CMM 
_refine.ls_number_reflns_obs                     ? 
_refine.ls_number_reflns_all                     ? 
_refine.pdbx_ls_sigma_I                          ? 
_refine.pdbx_ls_sigma_F                          ? 
_refine.pdbx_data_cutoff_high_absF               ? 
_refine.pdbx_data_cutoff_low_absF                ? 
_refine.pdbx_data_cutoff_high_rms_absF           ? 
_refine.ls_d_res_low                             ? 
_refine.ls_d_res_high                            1.8 
_refine.ls_percent_reflns_obs                    ? 
_refine.ls_R_factor_obs                          0.1870000 
_refine.ls_R_factor_all                          ? 
_refine.ls_R_factor_R_work                       0.1870000 
_refine.ls_R_factor_R_free                       ? 
_refine.ls_R_factor_R_free_error                 ? 
_refine.ls_R_factor_R_free_error_details         ? 
_refine.ls_percent_reflns_R_free                 ? 
_refine.ls_number_reflns_R_free                  ? 
_refine.ls_number_parameters                     ? 
_refine.ls_number_restraints                     ? 
_refine.occupancy_min                            ? 
_refine.occupancy_max                            ? 
_refine.B_iso_mean                               ? 
_refine.aniso_B[1][1]                            ? 
_refine.aniso_B[2][2]                            ? 
_refine.aniso_B[3][3]                            ? 
_refine.aniso_B[1][2]                            ? 
_refine.aniso_B[1][3]                            ? 
_refine.aniso_B[2][3]                            ? 
_refine.solvent_model_details                    ? 
_refine.solvent_model_param_ksol                 ? 
_refine.solvent_model_param_bsol                 ? 
_refine.pdbx_ls_cross_valid_method               ? 
_refine.details                                  
;THE SIDE GROUPS OF THE HEME WERE REMOVED COMPLETELY.  ARG
45 IS DISPLACED LARGELY FROM THAT IN THE NATIVE AND MAKES
OPEN A CHANNEL FOR THE LIGAND PENETRATION FORMED BY HIS
64, THR 67, VAL 68 AND HEME.
;
_refine.pdbx_starting_model                      ? 
_refine.pdbx_method_to_determine_struct          ? 
_refine.pdbx_isotropic_thermal_model             ? 
_refine.pdbx_stereochemistry_target_values       ? 
_refine.pdbx_stereochem_target_val_spec_case     ? 
_refine.pdbx_R_Free_selection_details            ? 
_refine.pdbx_overall_ESU_R                       ? 
_refine.pdbx_overall_ESU_R_Free                  ? 
_refine.overall_SU_ML                            ? 
_refine.overall_SU_B                             ? 
_refine.pdbx_refine_id                           'X-RAY DIFFRACTION' 
_refine.pdbx_diffrn_id                           1 
_refine.pdbx_TLS_residual_ADP_flag               ? 
_refine.correlation_coeff_Fo_to_Fc               ? 
_refine.correlation_coeff_Fo_to_Fc_free          ? 
_refine.pdbx_solvent_vdw_probe_radii             ? 
_refine.pdbx_solvent_ion_probe_radii             ? 
_refine.pdbx_solvent_shrinkage_radii             ? 
_refine.pdbx_overall_phase_error                 ? 
_refine.overall_SU_R_Cruickshank_DPI             ? 
_refine.pdbx_overall_SU_R_free_Cruickshank_DPI   ? 
_refine.pdbx_overall_SU_R_Blow_DPI               ? 
_refine.pdbx_overall_SU_R_free_Blow_DPI          ? 
# 
_refine_hist.pdbx_refine_id                   'X-RAY DIFFRACTION' 
_refine_hist.cycle_id                         LAST 
_refine_hist.pdbx_number_atoms_protein        1217 
_refine_hist.pdbx_number_atoms_nucleic_acid   0 
_refine_hist.pdbx_number_atoms_ligand         27 
_refine_hist.number_atoms_solvent             59 
_refine_hist.number_atoms_total               1303 
_refine_hist.d_res_high                       1.8 
_refine_hist.d_res_low                        . 
# 
_struct.entry_id                  2CMM 
_struct.title                     'STRUCTURAL ANALYSIS OF THE MYOGLOBIN RECONSTITUTED WITH IRON PORPHINE' 
_struct.pdbx_model_details        ? 
_struct.pdbx_CASP_flag            ? 
_struct.pdbx_model_type_details   ? 
# 
_struct_keywords.entry_id        2CMM 
_struct_keywords.pdbx_keywords   'OXYGEN TRANSPORT' 
_struct_keywords.text            'OXYGEN TRANSPORT' 
# 
loop_
_struct_asym.id 
_struct_asym.pdbx_blank_PDB_chainid_flag 
_struct_asym.pdbx_modified 
_struct_asym.entity_id 
_struct_asym.details 
A N N 1 ? 
B N N 2 ? 
C N N 3 ? 
D N N 4 ? 
# 
_struct_ref.id                         1 
_struct_ref.db_name                    UNP 
_struct_ref.db_code                    MYG_PHYCA 
_struct_ref.entity_id                  1 
_struct_ref.pdbx_db_accession          P02185 
_struct_ref.pdbx_align_begin           1 
_struct_ref.pdbx_seq_one_letter_code   
;VLSEGEWQLVLHVWAKVEADVAGHGQDILIRLFKSHPETLEKFDRFKHLKTEAEMKASEDLKKHGVTVLTALGAILKKKG
HHEAELKPLAQSHATKHKIPIKYLEFISEAIIHVLHSRHPGDFGADAQGAMNKALELFRKDIAAKYKELGYQG
;
_struct_ref.pdbx_db_isoform            ? 
# 
_struct_ref_seq.align_id                      1 
_struct_ref_seq.ref_id                        1 
_struct_ref_seq.pdbx_PDB_id_code              2CMM 
_struct_ref_seq.pdbx_strand_id                A 
_struct_ref_seq.seq_align_beg                 1 
_struct_ref_seq.pdbx_seq_align_beg_ins_code   ? 
_struct_ref_seq.seq_align_end                 153 
_struct_ref_seq.pdbx_seq_align_end_ins_code   ? 
_struct_ref_seq.pdbx_db_accession             P02185 
_struct_ref_seq.db_align_beg                  1 
_struct_ref_seq.pdbx_db_align_beg_ins_code    ? 
_struct_ref_seq.db_align_end                  153 
_struct_ref_seq.pdbx_db_align_end_ins_code    ? 
_struct_ref_seq.pdbx_auth_seq_align_beg       1 
_struct_ref_seq.pdbx_auth_seq_align_end       153 
# 
_pdbx_struct_assembly.id                   1 
_pdbx_struct_assembly.details              author_defined_assembly 
_pdbx_struct_assembly.method_details       ? 
_pdbx_struct_assembly.oligomeric_details   monomeric 
_pdbx_struct_assembly.oligomeric_count     1 
# 
_pdbx_struct_assembly_gen.assembly_id       1 
_pdbx_struct_assembly_gen.oper_expression   1 
_pdbx_struct_assembly_gen.asym_id_list      A,B,C,D 
# 
_pdbx_struct_oper_list.id                   1 
_pdbx_struct_oper_list.type                 'identity operation' 
_pdbx_struct_oper_list.name                 1_555 
_pdbx_struct_oper_list.symmetry_operation   x,y,z 
_pdbx_struct_oper_list.matrix[1][1]         1.0000000000 
_pdbx_struct_oper_list.matrix[1][2]         0.0000000000 
_pdbx_struct_oper_list.matrix[1][3]         0.0000000000 
_pdbx_struct_oper_list.vector[1]            0.0000000000 
_pdbx_struct_oper_list.matrix[2][1]         0.0000000000 
_pdbx_struct_oper_list.matrix[2][2]         1.0000000000 
_pdbx_struct_oper_list.matrix[2][3]         0.0000000000 
_pdbx_struct_oper_list.vector[2]            0.0000000000 
_pdbx_struct_oper_list.matrix[3][1]         0.0000000000 
_pdbx_struct_oper_list.matrix[3][2]         0.0000000000 
_pdbx_struct_oper_list.matrix[3][3]         1.0000000000 
_pdbx_struct_oper_list.vector[3]            0.0000000000 
# 
_struct_biol.id   1 
# 
loop_
_struct_conf.conf_type_id 
_struct_conf.id 
_struct_conf.pdbx_PDB_helix_id 
_struct_conf.beg_label_comp_id 
_struct_conf.beg_label_asym_id 
_struct_conf.beg_label_seq_id 
_struct_conf.pdbx_beg_PDB_ins_code 
_struct_conf.end_label_comp_id 
_struct_conf.end_label_asym_id 
_struct_conf.end_label_seq_id 
_struct_conf.pdbx_end_PDB_ins_code 
_struct_conf.beg_auth_comp_id 
_struct_conf.beg_auth_asym_id 
_struct_conf.beg_auth_seq_id 
_struct_conf.end_auth_comp_id 
_struct_conf.end_auth_asym_id 
_struct_conf.end_auth_seq_id 
_struct_conf.pdbx_PDB_helix_class 
_struct_conf.details 
_struct_conf.pdbx_PDB_helix_length 
HELX_P HELX_P1 A SER A 3   ? GLU A 18  ? SER A 3   GLU A 18  1 ? 16 
HELX_P HELX_P2 B ASP A 20  ? SER A 35  ? ASP A 20  SER A 35  1 ? 16 
HELX_P HELX_P3 C HIS A 36  ? LYS A 42  ? HIS A 36  LYS A 42  1 ? 7  
HELX_P HELX_P4 D THR A 51  ? ALA A 57  ? THR A 51  ALA A 57  1 ? 7  
HELX_P HELX_P5 E SER A 58  ? LYS A 77  ? SER A 58  LYS A 77  1 ? 20 
HELX_P HELX_P6 F LEU A 86  ? THR A 95  ? LEU A 86  THR A 95  1 ? 10 
HELX_P HELX_P7 G PRO A 100 ? ARG A 118 ? PRO A 100 ARG A 118 1 ? 19 
HELX_P HELX_P8 H GLY A 124 ? LEU A 149 ? GLY A 124 LEU A 149 1 ? 26 
# 
_struct_conf_type.id          HELX_P 
_struct_conf_type.criteria    ? 
_struct_conf_type.reference   ? 
# 
loop_
_struct_conn.id 
_struct_conn.conn_type_id 
_struct_conn.pdbx_leaving_atom_flag 
_struct_conn.pdbx_PDB_id 
_struct_conn.ptnr1_label_asym_id 
_struct_conn.ptnr1_label_comp_id 
_struct_conn.ptnr1_label_seq_id 
_struct_conn.ptnr1_label_atom_id 
_struct_conn.pdbx_ptnr1_label_alt_id 
_struct_conn.pdbx_ptnr1_PDB_ins_code 
_struct_conn.pdbx_ptnr1_standard_comp_id 
_struct_conn.ptnr1_symmetry 
_struct_conn.ptnr2_label_asym_id 
_struct_conn.ptnr2_label_comp_id 
_struct_conn.ptnr2_label_seq_id 
_struct_conn.ptnr2_label_atom_id 
_struct_conn.pdbx_ptnr2_label_alt_id 
_struct_conn.pdbx_ptnr2_PDB_ins_code 
_struct_conn.ptnr1_auth_asym_id 
_struct_conn.ptnr1_auth_comp_id 
_struct_conn.ptnr1_auth_seq_id 
_struct_conn.ptnr2_auth_asym_id 
_struct_conn.ptnr2_auth_comp_id 
_struct_conn.ptnr2_auth_seq_id 
_struct_conn.ptnr2_symmetry 
_struct_conn.pdbx_ptnr3_label_atom_id 
_struct_conn.pdbx_ptnr3_label_seq_id 
_struct_conn.pdbx_ptnr3_label_comp_id 
_struct_conn.pdbx_ptnr3_label_asym_id 
_struct_conn.pdbx_ptnr3_label_alt_id 
_struct_conn.pdbx_ptnr3_PDB_ins_code 
_struct_conn.details 
_struct_conn.pdbx_dist_value 
_struct_conn.pdbx_value_order 
_struct_conn.pdbx_role 
metalc1 metalc ? ? A HIS 93 NE2 ? ? ? 1_555 C POR . FE ? ? A HIS 93  A POR 155 1_555 ? ? ? ? ? ? ? 2.204 ? ? 
metalc2 metalc ? ? B CYN .  C   ? ? ? 1_555 C POR . FE ? ? A CYN 154 A POR 155 1_555 ? ? ? ? ? ? ? 1.917 ? ? 
metalc3 metalc ? ? B CYN .  N   ? ? ? 1_555 C POR . FE ? ? A CYN 154 A POR 155 1_555 ? ? ? ? ? ? ? 2.904 ? ? 
# 
_struct_conn_type.id          metalc 
_struct_conn_type.criteria    ? 
_struct_conn_type.reference   ? 
# 
loop_
_pdbx_struct_conn_angle.id 
_pdbx_struct_conn_angle.ptnr1_label_atom_id 
_pdbx_struct_conn_angle.ptnr1_label_alt_id 
_pdbx_struct_conn_angle.ptnr1_label_asym_id 
_pdbx_struct_conn_angle.ptnr1_label_comp_id 
_pdbx_struct_conn_angle.ptnr1_label_seq_id 
_pdbx_struct_conn_angle.ptnr1_auth_atom_id 
_pdbx_struct_conn_angle.ptnr1_auth_asym_id 
_pdbx_struct_conn_angle.ptnr1_auth_comp_id 
_pdbx_struct_conn_angle.ptnr1_auth_seq_id 
_pdbx_struct_conn_angle.ptnr1_PDB_ins_code 
_pdbx_struct_conn_angle.ptnr1_symmetry 
_pdbx_struct_conn_angle.ptnr2_label_atom_id 
_pdbx_struct_conn_angle.ptnr2_label_alt_id 
_pdbx_struct_conn_angle.ptnr2_label_asym_id 
_pdbx_struct_conn_angle.ptnr2_label_comp_id 
_pdbx_struct_conn_angle.ptnr2_label_seq_id 
_pdbx_struct_conn_angle.ptnr2_auth_atom_id 
_pdbx_struct_conn_angle.ptnr2_auth_asym_id 
_pdbx_struct_conn_angle.ptnr2_auth_comp_id 
_pdbx_struct_conn_angle.ptnr2_auth_seq_id 
_pdbx_struct_conn_angle.ptnr2_PDB_ins_code 
_pdbx_struct_conn_angle.ptnr2_symmetry 
_pdbx_struct_conn_angle.ptnr3_label_atom_id 
_pdbx_struct_conn_angle.ptnr3_label_alt_id 
_pdbx_struct_conn_angle.ptnr3_label_asym_id 
_pdbx_struct_conn_angle.ptnr3_label_comp_id 
_pdbx_struct_conn_angle.ptnr3_label_seq_id 
_pdbx_struct_conn_angle.ptnr3_auth_atom_id 
_pdbx_struct_conn_angle.ptnr3_auth_asym_id 
_pdbx_struct_conn_angle.ptnr3_auth_comp_id 
_pdbx_struct_conn_angle.ptnr3_auth_seq_id 
_pdbx_struct_conn_angle.ptnr3_PDB_ins_code 
_pdbx_struct_conn_angle.ptnr3_symmetry 
_pdbx_struct_conn_angle.value 
_pdbx_struct_conn_angle.value_esd 
1  NE2 ? A HIS 93 ? A HIS 93  ? 1_555 FE ? C POR . ? A POR 155 ? 1_555 NA ? C POR . ? A POR 155 ? 1_555 93.0  ? 
2  NE2 ? A HIS 93 ? A HIS 93  ? 1_555 FE ? C POR . ? A POR 155 ? 1_555 NB ? C POR . ? A POR 155 ? 1_555 89.4  ? 
3  NA  ? C POR .  ? A POR 155 ? 1_555 FE ? C POR . ? A POR 155 ? 1_555 NB ? C POR . ? A POR 155 ? 1_555 90.7  ? 
4  NE2 ? A HIS 93 ? A HIS 93  ? 1_555 FE ? C POR . ? A POR 155 ? 1_555 NC ? C POR . ? A POR 155 ? 1_555 85.7  ? 
5  NA  ? C POR .  ? A POR 155 ? 1_555 FE ? C POR . ? A POR 155 ? 1_555 NC ? C POR . ? A POR 155 ? 1_555 178.5 ? 
6  NB  ? C POR .  ? A POR 155 ? 1_555 FE ? C POR . ? A POR 155 ? 1_555 NC ? C POR . ? A POR 155 ? 1_555 88.7  ? 
7  NE2 ? A HIS 93 ? A HIS 93  ? 1_555 FE ? C POR . ? A POR 155 ? 1_555 ND ? C POR . ? A POR 155 ? 1_555 89.0  ? 
8  NA  ? C POR .  ? A POR 155 ? 1_555 FE ? C POR . ? A POR 155 ? 1_555 ND ? C POR . ? A POR 155 ? 1_555 90.4  ? 
9  NB  ? C POR .  ? A POR 155 ? 1_555 FE ? C POR . ? A POR 155 ? 1_555 ND ? C POR . ? A POR 155 ? 1_555 178.1 ? 
10 NC  ? C POR .  ? A POR 155 ? 1_555 FE ? C POR . ? A POR 155 ? 1_555 ND ? C POR . ? A POR 155 ? 1_555 90.2  ? 
11 NE2 ? A HIS 93 ? A HIS 93  ? 1_555 FE ? C POR . ? A POR 155 ? 1_555 C  ? B CYN . ? A CYN 154 ? 1_555 174.6 ? 
12 NA  ? C POR .  ? A POR 155 ? 1_555 FE ? C POR . ? A POR 155 ? 1_555 C  ? B CYN . ? A CYN 154 ? 1_555 92.1  ? 
13 NB  ? C POR .  ? A POR 155 ? 1_555 FE ? C POR . ? A POR 155 ? 1_555 C  ? B CYN . ? A CYN 154 ? 1_555 88.4  ? 
14 NC  ? C POR .  ? A POR 155 ? 1_555 FE ? C POR . ? A POR 155 ? 1_555 C  ? B CYN . ? A CYN 154 ? 1_555 89.3  ? 
15 ND  ? C POR .  ? A POR 155 ? 1_555 FE ? C POR . ? A POR 155 ? 1_555 C  ? B CYN . ? A CYN 154 ? 1_555 93.1  ? 
16 NE2 ? A HIS 93 ? A HIS 93  ? 1_555 FE ? C POR . ? A POR 155 ? 1_555 N  ? B CYN . ? A CYN 154 ? 1_555 153.3 ? 
17 NA  ? C POR .  ? A POR 155 ? 1_555 FE ? C POR . ? A POR 155 ? 1_555 N  ? B CYN . ? A CYN 154 ? 1_555 110.5 ? 
18 NB  ? C POR .  ? A POR 155 ? 1_555 FE ? C POR . ? A POR 155 ? 1_555 N  ? B CYN . ? A CYN 154 ? 1_555 78.0  ? 
19 NC  ? C POR .  ? A POR 155 ? 1_555 FE ? C POR . ? A POR 155 ? 1_555 N  ? B CYN . ? A CYN 154 ? 1_555 70.7  ? 
20 ND  ? C POR .  ? A POR 155 ? 1_555 FE ? C POR . ? A POR 155 ? 1_555 N  ? B CYN . ? A CYN 154 ? 1_555 103.1 ? 
21 C   ? B CYN .  ? A CYN 154 ? 1_555 FE ? C POR . ? A POR 155 ? 1_555 N  ? B CYN . ? A CYN 154 ? 1_555 21.3  ? 
# 
loop_
_struct_site.id 
_struct_site.pdbx_evidence_code 
_struct_site.pdbx_auth_asym_id 
_struct_site.pdbx_auth_comp_id 
_struct_site.pdbx_auth_seq_id 
_struct_site.pdbx_auth_ins_code 
_struct_site.pdbx_num_residues 
_struct_site.details 
AC1 Software A CYN 154 ? 4 'BINDING SITE FOR RESIDUE CYN A 154' 
AC2 Software A POR 155 ? 8 'BINDING SITE FOR RESIDUE POR A 155' 
# 
loop_
_struct_site_gen.id 
_struct_site_gen.site_id 
_struct_site_gen.pdbx_num_res 
_struct_site_gen.label_comp_id 
_struct_site_gen.label_asym_id 
_struct_site_gen.label_seq_id 
_struct_site_gen.pdbx_auth_ins_code 
_struct_site_gen.auth_comp_id 
_struct_site_gen.auth_asym_id 
_struct_site_gen.auth_seq_id 
_struct_site_gen.label_atom_id 
_struct_site_gen.label_alt_id 
_struct_site_gen.symmetry 
_struct_site_gen.details 
1  AC1 4 PHE A 43  ? PHE A 43  . ? 1_555 ? 
2  AC1 4 HIS A 64  ? HIS A 64  . ? 1_555 ? 
3  AC1 4 VAL A 68  ? VAL A 68  . ? 1_555 ? 
4  AC1 4 POR C .   ? POR A 155 . ? 1_555 ? 
5  AC2 8 PHE A 43  ? PHE A 43  . ? 1_555 ? 
6  AC2 8 HIS A 64  ? HIS A 64  . ? 1_555 ? 
7  AC2 8 LEU A 89  ? LEU A 89  . ? 1_555 ? 
8  AC2 8 HIS A 93  ? HIS A 93  . ? 1_555 ? 
9  AC2 8 HIS A 97  ? HIS A 97  . ? 1_555 ? 
10 AC2 8 ILE A 99  ? ILE A 99  . ? 1_555 ? 
11 AC2 8 GLU A 148 ? GLU A 148 . ? 2_565 ? 
12 AC2 8 CYN B .   ? CYN A 154 . ? 1_555 ? 
# 
loop_
_pdbx_validate_close_contact.id 
_pdbx_validate_close_contact.PDB_model_num 
_pdbx_validate_close_contact.auth_atom_id_1 
_pdbx_validate_close_contact.auth_asym_id_1 
_pdbx_validate_close_contact.auth_comp_id_1 
_pdbx_validate_close_contact.auth_seq_id_1 
_pdbx_validate_close_contact.PDB_ins_code_1 
_pdbx_validate_close_contact.label_alt_id_1 
_pdbx_validate_close_contact.auth_atom_id_2 
_pdbx_validate_close_contact.auth_asym_id_2 
_pdbx_validate_close_contact.auth_comp_id_2 
_pdbx_validate_close_contact.auth_seq_id_2 
_pdbx_validate_close_contact.PDB_ins_code_2 
_pdbx_validate_close_contact.label_alt_id_2 
_pdbx_validate_close_contact.dist 
1 1 NZ  A LYS 78  ? ? OE1 A GLU 85  ? ? 1.53 
2 1 O   A GLN 152 ? ? O   A HOH 251 ? ? 1.82 
3 1 O   A ALA 19  ? ? O   A HOH 242 ? ? 2.00 
4 1 OG1 A THR 95  ? ? O   A HOH 215 ? ? 2.11 
5 1 CE  A LYS 78  ? ? OE1 A GLU 85  ? ? 2.11 
# 
loop_
_pdbx_validate_rmsd_bond.id 
_pdbx_validate_rmsd_bond.PDB_model_num 
_pdbx_validate_rmsd_bond.auth_atom_id_1 
_pdbx_validate_rmsd_bond.auth_asym_id_1 
_pdbx_validate_rmsd_bond.auth_comp_id_1 
_pdbx_validate_rmsd_bond.auth_seq_id_1 
_pdbx_validate_rmsd_bond.PDB_ins_code_1 
_pdbx_validate_rmsd_bond.label_alt_id_1 
_pdbx_validate_rmsd_bond.auth_atom_id_2 
_pdbx_validate_rmsd_bond.auth_asym_id_2 
_pdbx_validate_rmsd_bond.auth_comp_id_2 
_pdbx_validate_rmsd_bond.auth_seq_id_2 
_pdbx_validate_rmsd_bond.PDB_ins_code_2 
_pdbx_validate_rmsd_bond.label_alt_id_2 
_pdbx_validate_rmsd_bond.bond_value 
_pdbx_validate_rmsd_bond.bond_target_value 
_pdbx_validate_rmsd_bond.bond_deviation 
_pdbx_validate_rmsd_bond.bond_standard_deviation 
_pdbx_validate_rmsd_bond.linker_flag 
1 1 CB A SER 108 ? ? OG  A SER 108 ? ? 1.497 1.418 0.079 0.013 N 
2 1 CD A GLU 109 ? ? OE1 A GLU 109 ? ? 1.319 1.252 0.067 0.011 N 
# 
loop_
_pdbx_validate_rmsd_angle.id 
_pdbx_validate_rmsd_angle.PDB_model_num 
_pdbx_validate_rmsd_angle.auth_atom_id_1 
_pdbx_validate_rmsd_angle.auth_asym_id_1 
_pdbx_validate_rmsd_angle.auth_comp_id_1 
_pdbx_validate_rmsd_angle.auth_seq_id_1 
_pdbx_validate_rmsd_angle.PDB_ins_code_1 
_pdbx_validate_rmsd_angle.label_alt_id_1 
_pdbx_validate_rmsd_angle.auth_atom_id_2 
_pdbx_validate_rmsd_angle.auth_asym_id_2 
_pdbx_validate_rmsd_angle.auth_comp_id_2 
_pdbx_validate_rmsd_angle.auth_seq_id_2 
_pdbx_validate_rmsd_angle.PDB_ins_code_2 
_pdbx_validate_rmsd_angle.label_alt_id_2 
_pdbx_validate_rmsd_angle.auth_atom_id_3 
_pdbx_validate_rmsd_angle.auth_asym_id_3 
_pdbx_validate_rmsd_angle.auth_comp_id_3 
_pdbx_validate_rmsd_angle.auth_seq_id_3 
_pdbx_validate_rmsd_angle.PDB_ins_code_3 
_pdbx_validate_rmsd_angle.label_alt_id_3 
_pdbx_validate_rmsd_angle.angle_value 
_pdbx_validate_rmsd_angle.angle_target_value 
_pdbx_validate_rmsd_angle.angle_deviation 
_pdbx_validate_rmsd_angle.angle_standard_deviation 
_pdbx_validate_rmsd_angle.linker_flag 
1  1 O   A VAL 1   ? ? C   A VAL 1   ? ? N   A LEU 2   ? ? 133.76 122.70 11.06  1.60 Y 
2  1 O   A LEU 2   ? ? C   A LEU 2   ? ? N   A SER 3   ? ? 134.57 122.70 11.87  1.60 Y 
3  1 OE1 A GLU 6   ? ? CD  A GLU 6   ? ? OE2 A GLU 6   ? ? 114.68 123.30 -8.62  1.20 N 
4  1 CA  A GLU 41  ? ? CB  A GLU 41  ? ? CG  A GLU 41  ? ? 139.66 113.40 26.26  2.20 N 
5  1 NE  A ARG 45  ? ? CZ  A ARG 45  ? ? NH1 A ARG 45  ? ? 116.77 120.30 -3.53  0.50 N 
6  1 OE1 A GLU 59  ? ? CD  A GLU 59  ? ? OE2 A GLU 59  ? ? 132.60 123.30 9.30   1.20 N 
7  1 CB  A LYS 79  ? ? CG  A LYS 79  ? ? CD  A LYS 79  ? ? 133.34 111.60 21.74  2.60 N 
8  1 CA  A HIS 81  ? ? CB  A HIS 81  ? ? CG  A HIS 81  ? ? 101.87 113.60 -11.73 1.70 N 
9  1 CB  A GLU 83  ? ? CG  A GLU 83  ? ? CD  A GLU 83  ? ? 131.76 114.20 17.56  2.70 N 
10 1 CB  A GLU 85  ? ? CG  A GLU 85  ? ? CD  A GLU 85  ? ? 131.57 114.20 17.37  2.70 N 
11 1 OE1 A GLU 85  ? ? CD  A GLU 85  ? ? OE2 A GLU 85  ? ? 112.60 123.30 -10.70 1.20 N 
12 1 CE1 A HIS 93  ? ? NE2 A HIS 93  ? ? CD2 A HIS 93  ? ? 114.17 109.00 5.17   0.70 N 
13 1 N   A LYS 96  ? ? CA  A LYS 96  ? ? CB  A LYS 96  ? ? 123.52 110.60 12.92  1.80 N 
14 1 CA  A LYS 96  ? ? CB  A LYS 96  ? ? CG  A LYS 96  ? ? 133.63 113.40 20.23  2.20 N 
15 1 OE1 A GLU 136 ? ? CD  A GLU 136 ? ? OE2 A GLU 136 ? ? 136.28 123.30 12.98  1.20 N 
16 1 CD  A ARG 139 ? ? NE  A ARG 139 ? ? CZ  A ARG 139 ? ? 134.23 123.60 10.63  1.40 N 
17 1 NH1 A ARG 139 ? ? CZ  A ARG 139 ? ? NH2 A ARG 139 ? ? 112.67 119.40 -6.73  1.10 N 
18 1 NE  A ARG 139 ? ? CZ  A ARG 139 ? ? NH1 A ARG 139 ? ? 131.87 120.30 11.57  0.50 N 
19 1 NE  A ARG 139 ? ? CZ  A ARG 139 ? ? NH2 A ARG 139 ? ? 115.19 120.30 -5.11  0.50 N 
# 
loop_
_pdbx_validate_torsion.id 
_pdbx_validate_torsion.PDB_model_num 
_pdbx_validate_torsion.auth_comp_id 
_pdbx_validate_torsion.auth_asym_id 
_pdbx_validate_torsion.auth_seq_id 
_pdbx_validate_torsion.PDB_ins_code 
_pdbx_validate_torsion.label_alt_id 
_pdbx_validate_torsion.phi 
_pdbx_validate_torsion.psi 
1 1 ASP A 20  ? ? -163.04 77.42   
2 1 LYS A 50  ? ? -120.99 -73.21  
3 1 PHE A 123 ? ? -108.91 65.52   
4 1 GLN A 152 ? ? -83.01  -112.48 
# 
loop_
_chem_comp_atom.comp_id 
_chem_comp_atom.atom_id 
_chem_comp_atom.type_symbol 
_chem_comp_atom.pdbx_aromatic_flag 
_chem_comp_atom.pdbx_stereo_config 
_chem_comp_atom.pdbx_ordinal 
ALA N    N  N N 1   
ALA CA   C  N S 2   
ALA C    C  N N 3   
ALA O    O  N N 4   
ALA CB   C  N N 5   
ALA OXT  O  N N 6   
ALA H    H  N N 7   
ALA H2   H  N N 8   
ALA HA   H  N N 9   
ALA HB1  H  N N 10  
ALA HB2  H  N N 11  
ALA HB3  H  N N 12  
ALA HXT  H  N N 13  
ARG N    N  N N 14  
ARG CA   C  N S 15  
ARG C    C  N N 16  
ARG O    O  N N 17  
ARG CB   C  N N 18  
ARG CG   C  N N 19  
ARG CD   C  N N 20  
ARG NE   N  N N 21  
ARG CZ   C  N N 22  
ARG NH1  N  N N 23  
ARG NH2  N  N N 24  
ARG OXT  O  N N 25  
ARG H    H  N N 26  
ARG H2   H  N N 27  
ARG HA   H  N N 28  
ARG HB2  H  N N 29  
ARG HB3  H  N N 30  
ARG HG2  H  N N 31  
ARG HG3  H  N N 32  
ARG HD2  H  N N 33  
ARG HD3  H  N N 34  
ARG HE   H  N N 35  
ARG HH11 H  N N 36  
ARG HH12 H  N N 37  
ARG HH21 H  N N 38  
ARG HH22 H  N N 39  
ARG HXT  H  N N 40  
ASN N    N  N N 41  
ASN CA   C  N S 42  
ASN C    C  N N 43  
ASN O    O  N N 44  
ASN CB   C  N N 45  
ASN CG   C  N N 46  
ASN OD1  O  N N 47  
ASN ND2  N  N N 48  
ASN OXT  O  N N 49  
ASN H    H  N N 50  
ASN H2   H  N N 51  
ASN HA   H  N N 52  
ASN HB2  H  N N 53  
ASN HB3  H  N N 54  
ASN HD21 H  N N 55  
ASN HD22 H  N N 56  
ASN HXT  H  N N 57  
ASP N    N  N N 58  
ASP CA   C  N S 59  
ASP C    C  N N 60  
ASP O    O  N N 61  
ASP CB   C  N N 62  
ASP CG   C  N N 63  
ASP OD1  O  N N 64  
ASP OD2  O  N N 65  
ASP OXT  O  N N 66  
ASP H    H  N N 67  
ASP H2   H  N N 68  
ASP HA   H  N N 69  
ASP HB2  H  N N 70  
ASP HB3  H  N N 71  
ASP HD2  H  N N 72  
ASP HXT  H  N N 73  
CYN C    C  N N 74  
CYN N    N  N N 75  
GLN N    N  N N 76  
GLN CA   C  N S 77  
GLN C    C  N N 78  
GLN O    O  N N 79  
GLN CB   C  N N 80  
GLN CG   C  N N 81  
GLN CD   C  N N 82  
GLN OE1  O  N N 83  
GLN NE2  N  N N 84  
GLN OXT  O  N N 85  
GLN H    H  N N 86  
GLN H2   H  N N 87  
GLN HA   H  N N 88  
GLN HB2  H  N N 89  
GLN HB3  H  N N 90  
GLN HG2  H  N N 91  
GLN HG3  H  N N 92  
GLN HE21 H  N N 93  
GLN HE22 H  N N 94  
GLN HXT  H  N N 95  
GLU N    N  N N 96  
GLU CA   C  N S 97  
GLU C    C  N N 98  
GLU O    O  N N 99  
GLU CB   C  N N 100 
GLU CG   C  N N 101 
GLU CD   C  N N 102 
GLU OE1  O  N N 103 
GLU OE2  O  N N 104 
GLU OXT  O  N N 105 
GLU H    H  N N 106 
GLU H2   H  N N 107 
GLU HA   H  N N 108 
GLU HB2  H  N N 109 
GLU HB3  H  N N 110 
GLU HG2  H  N N 111 
GLU HG3  H  N N 112 
GLU HE2  H  N N 113 
GLU HXT  H  N N 114 
GLY N    N  N N 115 
GLY CA   C  N N 116 
GLY C    C  N N 117 
GLY O    O  N N 118 
GLY OXT  O  N N 119 
GLY H    H  N N 120 
GLY H2   H  N N 121 
GLY HA2  H  N N 122 
GLY HA3  H  N N 123 
GLY HXT  H  N N 124 
HIS N    N  N N 125 
HIS CA   C  N S 126 
HIS C    C  N N 127 
HIS O    O  N N 128 
HIS CB   C  N N 129 
HIS CG   C  Y N 130 
HIS ND1  N  Y N 131 
HIS CD2  C  Y N 132 
HIS CE1  C  Y N 133 
HIS NE2  N  Y N 134 
HIS OXT  O  N N 135 
HIS H    H  N N 136 
HIS H2   H  N N 137 
HIS HA   H  N N 138 
HIS HB2  H  N N 139 
HIS HB3  H  N N 140 
HIS HD1  H  N N 141 
HIS HD2  H  N N 142 
HIS HE1  H  N N 143 
HIS HE2  H  N N 144 
HIS HXT  H  N N 145 
HOH O    O  N N 146 
HOH H1   H  N N 147 
HOH H2   H  N N 148 
ILE N    N  N N 149 
ILE CA   C  N S 150 
ILE C    C  N N 151 
ILE O    O  N N 152 
ILE CB   C  N S 153 
ILE CG1  C  N N 154 
ILE CG2  C  N N 155 
ILE CD1  C  N N 156 
ILE OXT  O  N N 157 
ILE H    H  N N 158 
ILE H2   H  N N 159 
ILE HA   H  N N 160 
ILE HB   H  N N 161 
ILE HG12 H  N N 162 
ILE HG13 H  N N 163 
ILE HG21 H  N N 164 
ILE HG22 H  N N 165 
ILE HG23 H  N N 166 
ILE HD11 H  N N 167 
ILE HD12 H  N N 168 
ILE HD13 H  N N 169 
ILE HXT  H  N N 170 
LEU N    N  N N 171 
LEU CA   C  N S 172 
LEU C    C  N N 173 
LEU O    O  N N 174 
LEU CB   C  N N 175 
LEU CG   C  N N 176 
LEU CD1  C  N N 177 
LEU CD2  C  N N 178 
LEU OXT  O  N N 179 
LEU H    H  N N 180 
LEU H2   H  N N 181 
LEU HA   H  N N 182 
LEU HB2  H  N N 183 
LEU HB3  H  N N 184 
LEU HG   H  N N 185 
LEU HD11 H  N N 186 
LEU HD12 H  N N 187 
LEU HD13 H  N N 188 
LEU HD21 H  N N 189 
LEU HD22 H  N N 190 
LEU HD23 H  N N 191 
LEU HXT  H  N N 192 
LYS N    N  N N 193 
LYS CA   C  N S 194 
LYS C    C  N N 195 
LYS O    O  N N 196 
LYS CB   C  N N 197 
LYS CG   C  N N 198 
LYS CD   C  N N 199 
LYS CE   C  N N 200 
LYS NZ   N  N N 201 
LYS OXT  O  N N 202 
LYS H    H  N N 203 
LYS H2   H  N N 204 
LYS HA   H  N N 205 
LYS HB2  H  N N 206 
LYS HB3  H  N N 207 
LYS HG2  H  N N 208 
LYS HG3  H  N N 209 
LYS HD2  H  N N 210 
LYS HD3  H  N N 211 
LYS HE2  H  N N 212 
LYS HE3  H  N N 213 
LYS HZ1  H  N N 214 
LYS HZ2  H  N N 215 
LYS HZ3  H  N N 216 
LYS HXT  H  N N 217 
MET N    N  N N 218 
MET CA   C  N S 219 
MET C    C  N N 220 
MET O    O  N N 221 
MET CB   C  N N 222 
MET CG   C  N N 223 
MET SD   S  N N 224 
MET CE   C  N N 225 
MET OXT  O  N N 226 
MET H    H  N N 227 
MET H2   H  N N 228 
MET HA   H  N N 229 
MET HB2  H  N N 230 
MET HB3  H  N N 231 
MET HG2  H  N N 232 
MET HG3  H  N N 233 
MET HE1  H  N N 234 
MET HE2  H  N N 235 
MET HE3  H  N N 236 
MET HXT  H  N N 237 
PHE N    N  N N 238 
PHE CA   C  N S 239 
PHE C    C  N N 240 
PHE O    O  N N 241 
PHE CB   C  N N 242 
PHE CG   C  Y N 243 
PHE CD1  C  Y N 244 
PHE CD2  C  Y N 245 
PHE CE1  C  Y N 246 
PHE CE2  C  Y N 247 
PHE CZ   C  Y N 248 
PHE OXT  O  N N 249 
PHE H    H  N N 250 
PHE H2   H  N N 251 
PHE HA   H  N N 252 
PHE HB2  H  N N 253 
PHE HB3  H  N N 254 
PHE HD1  H  N N 255 
PHE HD2  H  N N 256 
PHE HE1  H  N N 257 
PHE HE2  H  N N 258 
PHE HZ   H  N N 259 
PHE HXT  H  N N 260 
POR FE   FE N N 261 
POR CHA  C  N N 262 
POR CHB  C  N N 263 
POR CHC  C  N N 264 
POR CHD  C  N N 265 
POR NA   N  N N 266 
POR C1A  C  N N 267 
POR C2A  C  N N 268 
POR C3A  C  N N 269 
POR C4A  C  N N 270 
POR NB   N  N N 271 
POR C1B  C  N N 272 
POR C2B  C  N N 273 
POR C3B  C  N N 274 
POR C4B  C  N N 275 
POR NC   N  N N 276 
POR C1C  C  N N 277 
POR C2C  C  N N 278 
POR C3C  C  N N 279 
POR C4C  C  N N 280 
POR ND   N  Y N 281 
POR C1D  C  Y N 282 
POR C2D  C  Y N 283 
POR C3D  C  Y N 284 
POR C4D  C  Y N 285 
POR HHA  H  N N 286 
POR HHB  H  N N 287 
POR HHC  H  N N 288 
POR HHD  H  N N 289 
POR H2A  H  N N 290 
POR H3A  H  N N 291 
POR H2B  H  N N 292 
POR H3B  H  N N 293 
POR H2C  H  N N 294 
POR H3C  H  N N 295 
POR H2D  H  N N 296 
POR H3D  H  N N 297 
PRO N    N  N N 298 
PRO CA   C  N S 299 
PRO C    C  N N 300 
PRO O    O  N N 301 
PRO CB   C  N N 302 
PRO CG   C  N N 303 
PRO CD   C  N N 304 
PRO OXT  O  N N 305 
PRO H    H  N N 306 
PRO HA   H  N N 307 
PRO HB2  H  N N 308 
PRO HB3  H  N N 309 
PRO HG2  H  N N 310 
PRO HG3  H  N N 311 
PRO HD2  H  N N 312 
PRO HD3  H  N N 313 
PRO HXT  H  N N 314 
SER N    N  N N 315 
SER CA   C  N S 316 
SER C    C  N N 317 
SER O    O  N N 318 
SER CB   C  N N 319 
SER OG   O  N N 320 
SER OXT  O  N N 321 
SER H    H  N N 322 
SER H2   H  N N 323 
SER HA   H  N N 324 
SER HB2  H  N N 325 
SER HB3  H  N N 326 
SER HG   H  N N 327 
SER HXT  H  N N 328 
THR N    N  N N 329 
THR CA   C  N S 330 
THR C    C  N N 331 
THR O    O  N N 332 
THR CB   C  N R 333 
THR OG1  O  N N 334 
THR CG2  C  N N 335 
THR OXT  O  N N 336 
THR H    H  N N 337 
THR H2   H  N N 338 
THR HA   H  N N 339 
THR HB   H  N N 340 
THR HG1  H  N N 341 
THR HG21 H  N N 342 
THR HG22 H  N N 343 
THR HG23 H  N N 344 
THR HXT  H  N N 345 
TRP N    N  N N 346 
TRP CA   C  N S 347 
TRP C    C  N N 348 
TRP O    O  N N 349 
TRP CB   C  N N 350 
TRP CG   C  Y N 351 
TRP CD1  C  Y N 352 
TRP CD2  C  Y N 353 
TRP NE1  N  Y N 354 
TRP CE2  C  Y N 355 
TRP CE3  C  Y N 356 
TRP CZ2  C  Y N 357 
TRP CZ3  C  Y N 358 
TRP CH2  C  Y N 359 
TRP OXT  O  N N 360 
TRP H    H  N N 361 
TRP H2   H  N N 362 
TRP HA   H  N N 363 
TRP HB2  H  N N 364 
TRP HB3  H  N N 365 
TRP HD1  H  N N 366 
TRP HE1  H  N N 367 
TRP HE3  H  N N 368 
TRP HZ2  H  N N 369 
TRP HZ3  H  N N 370 
TRP HH2  H  N N 371 
TRP HXT  H  N N 372 
TYR N    N  N N 373 
TYR CA   C  N S 374 
TYR C    C  N N 375 
TYR O    O  N N 376 
TYR CB   C  N N 377 
TYR CG   C  Y N 378 
TYR CD1  C  Y N 379 
TYR CD2  C  Y N 380 
TYR CE1  C  Y N 381 
TYR CE2  C  Y N 382 
TYR CZ   C  Y N 383 
TYR OH   O  N N 384 
TYR OXT  O  N N 385 
TYR H    H  N N 386 
TYR H2   H  N N 387 
TYR HA   H  N N 388 
TYR HB2  H  N N 389 
TYR HB3  H  N N 390 
TYR HD1  H  N N 391 
TYR HD2  H  N N 392 
TYR HE1  H  N N 393 
TYR HE2  H  N N 394 
TYR HH   H  N N 395 
TYR HXT  H  N N 396 
VAL N    N  N N 397 
VAL CA   C  N S 398 
VAL C    C  N N 399 
VAL O    O  N N 400 
VAL CB   C  N N 401 
VAL CG1  C  N N 402 
VAL CG2  C  N N 403 
VAL OXT  O  N N 404 
VAL H    H  N N 405 
VAL H2   H  N N 406 
VAL HA   H  N N 407 
VAL HB   H  N N 408 
VAL HG11 H  N N 409 
VAL HG12 H  N N 410 
VAL HG13 H  N N 411 
VAL HG21 H  N N 412 
VAL HG22 H  N N 413 
VAL HG23 H  N N 414 
VAL HXT  H  N N 415 
# 
loop_
_chem_comp_bond.comp_id 
_chem_comp_bond.atom_id_1 
_chem_comp_bond.atom_id_2 
_chem_comp_bond.value_order 
_chem_comp_bond.pdbx_aromatic_flag 
_chem_comp_bond.pdbx_stereo_config 
_chem_comp_bond.pdbx_ordinal 
ALA N   CA   sing N N 1   
ALA N   H    sing N N 2   
ALA N   H2   sing N N 3   
ALA CA  C    sing N N 4   
ALA CA  CB   sing N N 5   
ALA CA  HA   sing N N 6   
ALA C   O    doub N N 7   
ALA C   OXT  sing N N 8   
ALA CB  HB1  sing N N 9   
ALA CB  HB2  sing N N 10  
ALA CB  HB3  sing N N 11  
ALA OXT HXT  sing N N 12  
ARG N   CA   sing N N 13  
ARG N   H    sing N N 14  
ARG N   H2   sing N N 15  
ARG CA  C    sing N N 16  
ARG CA  CB   sing N N 17  
ARG CA  HA   sing N N 18  
ARG C   O    doub N N 19  
ARG C   OXT  sing N N 20  
ARG CB  CG   sing N N 21  
ARG CB  HB2  sing N N 22  
ARG CB  HB3  sing N N 23  
ARG CG  CD   sing N N 24  
ARG CG  HG2  sing N N 25  
ARG CG  HG3  sing N N 26  
ARG CD  NE   sing N N 27  
ARG CD  HD2  sing N N 28  
ARG CD  HD3  sing N N 29  
ARG NE  CZ   sing N N 30  
ARG NE  HE   sing N N 31  
ARG CZ  NH1  sing N N 32  
ARG CZ  NH2  doub N N 33  
ARG NH1 HH11 sing N N 34  
ARG NH1 HH12 sing N N 35  
ARG NH2 HH21 sing N N 36  
ARG NH2 HH22 sing N N 37  
ARG OXT HXT  sing N N 38  
ASN N   CA   sing N N 39  
ASN N   H    sing N N 40  
ASN N   H2   sing N N 41  
ASN CA  C    sing N N 42  
ASN CA  CB   sing N N 43  
ASN CA  HA   sing N N 44  
ASN C   O    doub N N 45  
ASN C   OXT  sing N N 46  
ASN CB  CG   sing N N 47  
ASN CB  HB2  sing N N 48  
ASN CB  HB3  sing N N 49  
ASN CG  OD1  doub N N 50  
ASN CG  ND2  sing N N 51  
ASN ND2 HD21 sing N N 52  
ASN ND2 HD22 sing N N 53  
ASN OXT HXT  sing N N 54  
ASP N   CA   sing N N 55  
ASP N   H    sing N N 56  
ASP N   H2   sing N N 57  
ASP CA  C    sing N N 58  
ASP CA  CB   sing N N 59  
ASP CA  HA   sing N N 60  
ASP C   O    doub N N 61  
ASP C   OXT  sing N N 62  
ASP CB  CG   sing N N 63  
ASP CB  HB2  sing N N 64  
ASP CB  HB3  sing N N 65  
ASP CG  OD1  doub N N 66  
ASP CG  OD2  sing N N 67  
ASP OD2 HD2  sing N N 68  
ASP OXT HXT  sing N N 69  
CYN C   N    trip N N 70  
GLN N   CA   sing N N 71  
GLN N   H    sing N N 72  
GLN N   H2   sing N N 73  
GLN CA  C    sing N N 74  
GLN CA  CB   sing N N 75  
GLN CA  HA   sing N N 76  
GLN C   O    doub N N 77  
GLN C   OXT  sing N N 78  
GLN CB  CG   sing N N 79  
GLN CB  HB2  sing N N 80  
GLN CB  HB3  sing N N 81  
GLN CG  CD   sing N N 82  
GLN CG  HG2  sing N N 83  
GLN CG  HG3  sing N N 84  
GLN CD  OE1  doub N N 85  
GLN CD  NE2  sing N N 86  
GLN NE2 HE21 sing N N 87  
GLN NE2 HE22 sing N N 88  
GLN OXT HXT  sing N N 89  
GLU N   CA   sing N N 90  
GLU N   H    sing N N 91  
GLU N   H2   sing N N 92  
GLU CA  C    sing N N 93  
GLU CA  CB   sing N N 94  
GLU CA  HA   sing N N 95  
GLU C   O    doub N N 96  
GLU C   OXT  sing N N 97  
GLU CB  CG   sing N N 98  
GLU CB  HB2  sing N N 99  
GLU CB  HB3  sing N N 100 
GLU CG  CD   sing N N 101 
GLU CG  HG2  sing N N 102 
GLU CG  HG3  sing N N 103 
GLU CD  OE1  doub N N 104 
GLU CD  OE2  sing N N 105 
GLU OE2 HE2  sing N N 106 
GLU OXT HXT  sing N N 107 
GLY N   CA   sing N N 108 
GLY N   H    sing N N 109 
GLY N   H2   sing N N 110 
GLY CA  C    sing N N 111 
GLY CA  HA2  sing N N 112 
GLY CA  HA3  sing N N 113 
GLY C   O    doub N N 114 
GLY C   OXT  sing N N 115 
GLY OXT HXT  sing N N 116 
HIS N   CA   sing N N 117 
HIS N   H    sing N N 118 
HIS N   H2   sing N N 119 
HIS CA  C    sing N N 120 
HIS CA  CB   sing N N 121 
HIS CA  HA   sing N N 122 
HIS C   O    doub N N 123 
HIS C   OXT  sing N N 124 
HIS CB  CG   sing N N 125 
HIS CB  HB2  sing N N 126 
HIS CB  HB3  sing N N 127 
HIS CG  ND1  sing Y N 128 
HIS CG  CD2  doub Y N 129 
HIS ND1 CE1  doub Y N 130 
HIS ND1 HD1  sing N N 131 
HIS CD2 NE2  sing Y N 132 
HIS CD2 HD2  sing N N 133 
HIS CE1 NE2  sing Y N 134 
HIS CE1 HE1  sing N N 135 
HIS NE2 HE2  sing N N 136 
HIS OXT HXT  sing N N 137 
HOH O   H1   sing N N 138 
HOH O   H2   sing N N 139 
ILE N   CA   sing N N 140 
ILE N   H    sing N N 141 
ILE N   H2   sing N N 142 
ILE CA  C    sing N N 143 
ILE CA  CB   sing N N 144 
ILE CA  HA   sing N N 145 
ILE C   O    doub N N 146 
ILE C   OXT  sing N N 147 
ILE CB  CG1  sing N N 148 
ILE CB  CG2  sing N N 149 
ILE CB  HB   sing N N 150 
ILE CG1 CD1  sing N N 151 
ILE CG1 HG12 sing N N 152 
ILE CG1 HG13 sing N N 153 
ILE CG2 HG21 sing N N 154 
ILE CG2 HG22 sing N N 155 
ILE CG2 HG23 sing N N 156 
ILE CD1 HD11 sing N N 157 
ILE CD1 HD12 sing N N 158 
ILE CD1 HD13 sing N N 159 
ILE OXT HXT  sing N N 160 
LEU N   CA   sing N N 161 
LEU N   H    sing N N 162 
LEU N   H2   sing N N 163 
LEU CA  C    sing N N 164 
LEU CA  CB   sing N N 165 
LEU CA  HA   sing N N 166 
LEU C   O    doub N N 167 
LEU C   OXT  sing N N 168 
LEU CB  CG   sing N N 169 
LEU CB  HB2  sing N N 170 
LEU CB  HB3  sing N N 171 
LEU CG  CD1  sing N N 172 
LEU CG  CD2  sing N N 173 
LEU CG  HG   sing N N 174 
LEU CD1 HD11 sing N N 175 
LEU CD1 HD12 sing N N 176 
LEU CD1 HD13 sing N N 177 
LEU CD2 HD21 sing N N 178 
LEU CD2 HD22 sing N N 179 
LEU CD2 HD23 sing N N 180 
LEU OXT HXT  sing N N 181 
LYS N   CA   sing N N 182 
LYS N   H    sing N N 183 
LYS N   H2   sing N N 184 
LYS CA  C    sing N N 185 
LYS CA  CB   sing N N 186 
LYS CA  HA   sing N N 187 
LYS C   O    doub N N 188 
LYS C   OXT  sing N N 189 
LYS CB  CG   sing N N 190 
LYS CB  HB2  sing N N 191 
LYS CB  HB3  sing N N 192 
LYS CG  CD   sing N N 193 
LYS CG  HG2  sing N N 194 
LYS CG  HG3  sing N N 195 
LYS CD  CE   sing N N 196 
LYS CD  HD2  sing N N 197 
LYS CD  HD3  sing N N 198 
LYS CE  NZ   sing N N 199 
LYS CE  HE2  sing N N 200 
LYS CE  HE3  sing N N 201 
LYS NZ  HZ1  sing N N 202 
LYS NZ  HZ2  sing N N 203 
LYS NZ  HZ3  sing N N 204 
LYS OXT HXT  sing N N 205 
MET N   CA   sing N N 206 
MET N   H    sing N N 207 
MET N   H2   sing N N 208 
MET CA  C    sing N N 209 
MET CA  CB   sing N N 210 
MET CA  HA   sing N N 211 
MET C   O    doub N N 212 
MET C   OXT  sing N N 213 
MET CB  CG   sing N N 214 
MET CB  HB2  sing N N 215 
MET CB  HB3  sing N N 216 
MET CG  SD   sing N N 217 
MET CG  HG2  sing N N 218 
MET CG  HG3  sing N N 219 
MET SD  CE   sing N N 220 
MET CE  HE1  sing N N 221 
MET CE  HE2  sing N N 222 
MET CE  HE3  sing N N 223 
MET OXT HXT  sing N N 224 
PHE N   CA   sing N N 225 
PHE N   H    sing N N 226 
PHE N   H2   sing N N 227 
PHE CA  C    sing N N 228 
PHE CA  CB   sing N N 229 
PHE CA  HA   sing N N 230 
PHE C   O    doub N N 231 
PHE C   OXT  sing N N 232 
PHE CB  CG   sing N N 233 
PHE CB  HB2  sing N N 234 
PHE CB  HB3  sing N N 235 
PHE CG  CD1  doub Y N 236 
PHE CG  CD2  sing Y N 237 
PHE CD1 CE1  sing Y N 238 
PHE CD1 HD1  sing N N 239 
PHE CD2 CE2  doub Y N 240 
PHE CD2 HD2  sing N N 241 
PHE CE1 CZ   doub Y N 242 
PHE CE1 HE1  sing N N 243 
PHE CE2 CZ   sing Y N 244 
PHE CE2 HE2  sing N N 245 
PHE CZ  HZ   sing N N 246 
PHE OXT HXT  sing N N 247 
POR FE  NA   sing N N 248 
POR FE  NB   sing N N 249 
POR FE  NC   sing N N 250 
POR FE  ND   sing N N 251 
POR CHA C1A  doub N N 252 
POR CHA C4D  sing N N 253 
POR CHA HHA  sing N N 254 
POR CHB C4A  sing N N 255 
POR CHB C1B  doub N N 256 
POR CHB HHB  sing N N 257 
POR CHC C4B  doub N N 258 
POR CHC C1C  sing N N 259 
POR CHC HHC  sing N N 260 
POR CHD C4C  doub N N 261 
POR CHD C1D  sing N N 262 
POR CHD HHD  sing N N 263 
POR NA  C1A  sing N N 264 
POR NA  C4A  doub N N 265 
POR C1A C2A  sing N N 266 
POR C2A C3A  doub N N 267 
POR C2A H2A  sing N N 268 
POR C3A C4A  sing N N 269 
POR C3A H3A  sing N N 270 
POR NB  C1B  sing N N 271 
POR NB  C4B  sing N N 272 
POR C1B C2B  sing N N 273 
POR C2B C3B  doub N N 274 
POR C2B H2B  sing N N 275 
POR C3B C4B  sing N N 276 
POR C3B H3B  sing N N 277 
POR NC  C1C  doub N N 278 
POR NC  C4C  sing N N 279 
POR C1C C2C  sing N N 280 
POR C2C C3C  doub N N 281 
POR C2C H2C  sing N N 282 
POR C3C C4C  sing N N 283 
POR C3C H3C  sing N N 284 
POR ND  C1D  sing Y N 285 
POR ND  C4D  sing Y N 286 
POR C1D C2D  doub Y N 287 
POR C2D C3D  sing Y N 288 
POR C2D H2D  sing N N 289 
POR C3D C4D  doub Y N 290 
POR C3D H3D  sing N N 291 
PRO N   CA   sing N N 292 
PRO N   CD   sing N N 293 
PRO N   H    sing N N 294 
PRO CA  C    sing N N 295 
PRO CA  CB   sing N N 296 
PRO CA  HA   sing N N 297 
PRO C   O    doub N N 298 
PRO C   OXT  sing N N 299 
PRO CB  CG   sing N N 300 
PRO CB  HB2  sing N N 301 
PRO CB  HB3  sing N N 302 
PRO CG  CD   sing N N 303 
PRO CG  HG2  sing N N 304 
PRO CG  HG3  sing N N 305 
PRO CD  HD2  sing N N 306 
PRO CD  HD3  sing N N 307 
PRO OXT HXT  sing N N 308 
SER N   CA   sing N N 309 
SER N   H    sing N N 310 
SER N   H2   sing N N 311 
SER CA  C    sing N N 312 
SER CA  CB   sing N N 313 
SER CA  HA   sing N N 314 
SER C   O    doub N N 315 
SER C   OXT  sing N N 316 
SER CB  OG   sing N N 317 
SER CB  HB2  sing N N 318 
SER CB  HB3  sing N N 319 
SER OG  HG   sing N N 320 
SER OXT HXT  sing N N 321 
THR N   CA   sing N N 322 
THR N   H    sing N N 323 
THR N   H2   sing N N 324 
THR CA  C    sing N N 325 
THR CA  CB   sing N N 326 
THR CA  HA   sing N N 327 
THR C   O    doub N N 328 
THR C   OXT  sing N N 329 
THR CB  OG1  sing N N 330 
THR CB  CG2  sing N N 331 
THR CB  HB   sing N N 332 
THR OG1 HG1  sing N N 333 
THR CG2 HG21 sing N N 334 
THR CG2 HG22 sing N N 335 
THR CG2 HG23 sing N N 336 
THR OXT HXT  sing N N 337 
TRP N   CA   sing N N 338 
TRP N   H    sing N N 339 
TRP N   H2   sing N N 340 
TRP CA  C    sing N N 341 
TRP CA  CB   sing N N 342 
TRP CA  HA   sing N N 343 
TRP C   O    doub N N 344 
TRP C   OXT  sing N N 345 
TRP CB  CG   sing N N 346 
TRP CB  HB2  sing N N 347 
TRP CB  HB3  sing N N 348 
TRP CG  CD1  doub Y N 349 
TRP CG  CD2  sing Y N 350 
TRP CD1 NE1  sing Y N 351 
TRP CD1 HD1  sing N N 352 
TRP CD2 CE2  doub Y N 353 
TRP CD2 CE3  sing Y N 354 
TRP NE1 CE2  sing Y N 355 
TRP NE1 HE1  sing N N 356 
TRP CE2 CZ2  sing Y N 357 
TRP CE3 CZ3  doub Y N 358 
TRP CE3 HE3  sing N N 359 
TRP CZ2 CH2  doub Y N 360 
TRP CZ2 HZ2  sing N N 361 
TRP CZ3 CH2  sing Y N 362 
TRP CZ3 HZ3  sing N N 363 
TRP CH2 HH2  sing N N 364 
TRP OXT HXT  sing N N 365 
TYR N   CA   sing N N 366 
TYR N   H    sing N N 367 
TYR N   H2   sing N N 368 
TYR CA  C    sing N N 369 
TYR CA  CB   sing N N 370 
TYR CA  HA   sing N N 371 
TYR C   O    doub N N 372 
TYR C   OXT  sing N N 373 
TYR CB  CG   sing N N 374 
TYR CB  HB2  sing N N 375 
TYR CB  HB3  sing N N 376 
TYR CG  CD1  doub Y N 377 
TYR CG  CD2  sing Y N 378 
TYR CD1 CE1  sing Y N 379 
TYR CD1 HD1  sing N N 380 
TYR CD2 CE2  doub Y N 381 
TYR CD2 HD2  sing N N 382 
TYR CE1 CZ   doub Y N 383 
TYR CE1 HE1  sing N N 384 
TYR CE2 CZ   sing Y N 385 
TYR CE2 HE2  sing N N 386 
TYR CZ  OH   sing N N 387 
TYR OH  HH   sing N N 388 
TYR OXT HXT  sing N N 389 
VAL N   CA   sing N N 390 
VAL N   H    sing N N 391 
VAL N   H2   sing N N 392 
VAL CA  C    sing N N 393 
VAL CA  CB   sing N N 394 
VAL CA  HA   sing N N 395 
VAL C   O    doub N N 396 
VAL C   OXT  sing N N 397 
VAL CB  CG1  sing N N 398 
VAL CB  CG2  sing N N 399 
VAL CB  HB   sing N N 400 
VAL CG1 HG11 sing N N 401 
VAL CG1 HG12 sing N N 402 
VAL CG1 HG13 sing N N 403 
VAL CG2 HG21 sing N N 404 
VAL CG2 HG22 sing N N 405 
VAL CG2 HG23 sing N N 406 
VAL OXT HXT  sing N N 407 
# 
_atom_sites.entry_id                    2CMM 
_atom_sites.fract_transf_matrix[1][1]   -0.00595776 
_atom_sites.fract_transf_matrix[1][2]   0.00547331 
_atom_sites.fract_transf_matrix[1][3]   0.01535395 
_atom_sites.fract_transf_matrix[2][1]   0.00592731 
_atom_sites.fract_transf_matrix[2][2]   0.01155999 
_atom_sites.fract_transf_matrix[2][3]   -0.00182090 
_atom_sites.fract_transf_matrix[3][1]   -0.02475637 
_atom_sites.fract_transf_matrix[3][2]   0.01058611 
_atom_sites.fract_transf_matrix[3][3]   -0.01337986 
_atom_sites.fract_transf_vector[1]      0.419546 
_atom_sites.fract_transf_vector[2]      0.371944 
_atom_sites.fract_transf_vector[3]      0.583563 
# 
loop_
_atom_type.symbol 
C  
FE 
N  
O  
S  
# 
loop_
_atom_site.group_PDB 
_atom_site.id 
_atom_site.type_symbol 
_atom_site.label_atom_id 
_atom_site.label_alt_id 
_atom_site.label_comp_id 
_atom_site.label_asym_id 
_atom_site.label_entity_id 
_atom_site.label_seq_id 
_atom_site.pdbx_PDB_ins_code 
_atom_site.Cartn_x 
_atom_site.Cartn_y 
_atom_site.Cartn_z 
_atom_site.occupancy 
_atom_site.B_iso_or_equiv 
_atom_site.pdbx_formal_charge 
_atom_site.auth_seq_id 
_atom_site.auth_comp_id 
_atom_site.auth_asym_id 
_atom_site.auth_atom_id 
_atom_site.pdbx_PDB_model_num 
ATOM   1    N  N   . VAL A 1 1   ? 1.561   -18.328 -4.527  1.00 24.37 ? 1   VAL A N   1 
ATOM   2    C  CA  . VAL A 1 1   ? 1.055   -18.261 -5.883  1.00 24.23 ? 1   VAL A CA  1 
ATOM   3    C  C   . VAL A 1 1   ? -0.411  -17.877 -5.600  1.00 22.17 ? 1   VAL A C   1 
ATOM   4    O  O   . VAL A 1 1   ? -0.874  -18.591 -4.709  1.00 23.77 ? 1   VAL A O   1 
ATOM   5    C  CB  . VAL A 1 1   ? 0.849   -19.644 -6.614  1.00 26.27 ? 1   VAL A CB  1 
ATOM   6    C  CG1 . VAL A 1 1   ? 0.722   -19.465 -8.100  1.00 26.11 ? 1   VAL A CG1 1 
ATOM   7    C  CG2 . VAL A 1 1   ? 1.741   -20.776 -6.231  1.00 26.61 ? 1   VAL A CG2 1 
ATOM   8    N  N   . LEU A 1 2   ? -0.928  -17.009 -6.413  1.00 20.74 ? 2   LEU A N   1 
ATOM   9    C  CA  . LEU A 1 2   ? -2.365  -16.771 -6.275  1.00 19.41 ? 2   LEU A CA  1 
ATOM   10   C  C   . LEU A 1 2   ? -2.923  -17.659 -7.452  1.00 20.36 ? 2   LEU A C   1 
ATOM   11   O  O   . LEU A 1 2   ? -2.208  -17.668 -8.505  1.00 18.91 ? 2   LEU A O   1 
ATOM   12   C  CB  . LEU A 1 2   ? -2.827  -15.358 -6.500  1.00 17.84 ? 2   LEU A CB  1 
ATOM   13   C  CG  . LEU A 1 2   ? -2.267  -14.194 -5.664  1.00 18.87 ? 2   LEU A CG  1 
ATOM   14   C  CD1 . LEU A 1 2   ? -3.369  -13.428 -5.057  1.00 18.30 ? 2   LEU A CD1 1 
ATOM   15   C  CD2 . LEU A 1 2   ? -1.228  -14.541 -4.675  1.00 17.82 ? 2   LEU A CD2 1 
ATOM   16   N  N   . SER A 1 3   ? -4.067  -18.191 -7.116  1.00 19.03 ? 3   SER A N   1 
ATOM   17   C  CA  . SER A 1 3   ? -4.801  -18.869 -8.233  1.00 18.85 ? 3   SER A CA  1 
ATOM   18   C  C   . SER A 1 3   ? -5.362  -17.723 -9.064  1.00 17.57 ? 3   SER A C   1 
ATOM   19   O  O   . SER A 1 3   ? -5.437  -16.521 -8.786  1.00 15.47 ? 3   SER A O   1 
ATOM   20   C  CB  . SER A 1 3   ? -5.877  -19.739 -7.583  1.00 18.68 ? 3   SER A CB  1 
ATOM   21   O  OG  . SER A 1 3   ? -6.997  -18.951 -7.298  1.00 17.06 ? 3   SER A OG  1 
ATOM   22   N  N   . GLU A 1 4   ? -5.772  -18.074 -10.265 1.00 18.81 ? 4   GLU A N   1 
ATOM   23   C  CA  . GLU A 1 4   ? -6.411  -17.073 -11.156 1.00 18.49 ? 4   GLU A CA  1 
ATOM   24   C  C   . GLU A 1 4   ? -7.668  -16.504 -10.541 1.00 17.08 ? 4   GLU A C   1 
ATOM   25   O  O   . GLU A 1 4   ? -8.036  -15.322 -10.651 1.00 17.35 ? 4   GLU A O   1 
ATOM   26   C  CB  . GLU A 1 4   ? -6.785  -17.868 -12.415 1.00 20.26 ? 4   GLU A CB  1 
ATOM   27   C  CG  . GLU A 1 4   ? -7.249  -17.053 -13.561 1.00 26.82 ? 4   GLU A CG  1 
ATOM   28   C  CD  . GLU A 1 4   ? -6.698  -15.708 -13.841 1.00 33.05 ? 4   GLU A CD  1 
ATOM   29   O  OE1 . GLU A 1 4   ? -5.500  -15.432 -13.995 1.00 34.62 ? 4   GLU A OE1 1 
ATOM   30   O  OE2 . GLU A 1 4   ? -7.683  -14.858 -13.891 1.00 36.60 ? 4   GLU A OE2 1 
ATOM   31   N  N   . GLY A 1 5   ? -8.458  -17.333 -9.884  1.00 16.31 ? 5   GLY A N   1 
ATOM   32   C  CA  . GLY A 1 5   ? -9.691  -16.966 -9.170  1.00 14.97 ? 5   GLY A CA  1 
ATOM   33   C  C   . GLY A 1 5   ? -9.302  -16.018 -7.984  1.00 14.58 ? 5   GLY A C   1 
ATOM   34   O  O   . GLY A 1 5   ? -10.109 -15.148 -7.639  1.00 15.64 ? 5   GLY A O   1 
ATOM   35   N  N   . GLU A 1 6   ? -8.233  -16.188 -7.285  1.00 12.75 ? 6   GLU A N   1 
ATOM   36   C  CA  . GLU A 1 6   ? -7.744  -15.292 -6.220  1.00 12.31 ? 6   GLU A CA  1 
ATOM   37   C  C   . GLU A 1 6   ? -7.293  -13.987 -6.852  1.00 11.63 ? 6   GLU A C   1 
ATOM   38   O  O   . GLU A 1 6   ? -7.578  -12.893 -6.336  1.00 10.61 ? 6   GLU A O   1 
ATOM   39   C  CB  . GLU A 1 6   ? -6.537  -15.864 -5.474  1.00 11.39 ? 6   GLU A CB  1 
ATOM   40   C  CG  . GLU A 1 6   ? -7.032  -17.048 -4.573  1.00 13.19 ? 6   GLU A CG  1 
ATOM   41   C  CD  . GLU A 1 6   ? -5.922  -17.613 -3.783  1.00 17.79 ? 6   GLU A CD  1 
ATOM   42   O  OE1 . GLU A 1 6   ? -4.921  -18.033 -4.360  1.00 18.12 ? 6   GLU A OE1 1 
ATOM   43   O  OE2 . GLU A 1 6   ? -5.870  -17.672 -2.545  1.00 22.59 ? 6   GLU A OE2 1 
ATOM   44   N  N   . TRP A 1 7   ? -6.658  -14.021 -8.045  1.00 11.03 ? 7   TRP A N   1 
ATOM   45   C  CA  . TRP A 1 7   ? -6.339  -12.715 -8.644  1.00 12.12 ? 7   TRP A CA  1 
ATOM   46   C  C   . TRP A 1 7   ? -7.621  -11.951 -8.951  1.00 13.44 ? 7   TRP A C   1 
ATOM   47   O  O   . TRP A 1 7   ? -7.659  -10.730 -8.869  1.00 12.69 ? 7   TRP A O   1 
ATOM   48   C  CB  . TRP A 1 7   ? -5.532  -12.880 -9.988  1.00 13.41 ? 7   TRP A CB  1 
ATOM   49   C  CG  . TRP A 1 7   ? -4.106  -12.996 -9.700  1.00 12.26 ? 7   TRP A CG  1 
ATOM   50   C  CD1 . TRP A 1 7   ? -3.357  -14.112 -9.957  1.00 12.31 ? 7   TRP A CD1 1 
ATOM   51   C  CD2 . TRP A 1 7   ? -3.222  -12.025 -9.044  1.00 13.52 ? 7   TRP A CD2 1 
ATOM   52   N  NE1 . TRP A 1 7   ? -2.052  -13.899 -9.511  1.00 14.62 ? 7   TRP A NE1 1 
ATOM   53   C  CE2 . TRP A 1 7   ? -1.971  -12.626 -8.948  1.00 12.63 ? 7   TRP A CE2 1 
ATOM   54   C  CE3 . TRP A 1 7   ? -3.439  -10.730 -8.591  1.00 12.37 ? 7   TRP A CE3 1 
ATOM   55   C  CZ2 . TRP A 1 7   ? -0.847  -11.992 -8.386  1.00 16.27 ? 7   TRP A CZ2 1 
ATOM   56   C  CZ3 . TRP A 1 7   ? -2.349  -10.059 -8.076  1.00 13.81 ? 7   TRP A CZ3 1 
ATOM   57   C  CH2 . TRP A 1 7   ? -1.066  -10.646 -7.957  1.00 13.59 ? 7   TRP A CH2 1 
ATOM   58   N  N   . GLN A 1 8   ? -8.697  -12.652 -9.389  1.00 13.64 ? 8   GLN A N   1 
ATOM   59   C  CA  . GLN A 1 8   ? -9.991  -12.078 -9.762  1.00 15.18 ? 8   GLN A CA  1 
ATOM   60   C  C   . GLN A 1 8   ? -10.689 -11.400 -8.540  1.00 14.60 ? 8   GLN A C   1 
ATOM   61   O  O   . GLN A 1 8   ? -11.297 -10.337 -8.669  1.00 14.84 ? 8   GLN A O   1 
ATOM   62   C  CB  . GLN A 1 8   ? -10.884 -13.159 -10.339 1.00 20.26 ? 8   GLN A CB  1 
ATOM   63   C  CG  . GLN A 1 8   ? -10.477 -13.639 -11.733 1.00 28.78 ? 8   GLN A CG  1 
ATOM   64   C  CD  . GLN A 1 8   ? -11.552 -14.631 -12.249 1.00 34.61 ? 8   GLN A CD  1 
ATOM   65   O  OE1 . GLN A 1 8   ? -12.672 -14.242 -12.712 1.00 37.03 ? 8   GLN A OE1 1 
ATOM   66   N  NE2 . GLN A 1 8   ? -11.238 -15.930 -12.121 1.00 35.54 ? 8   GLN A NE2 1 
ATOM   67   N  N   . LEU A 1 9   ? -10.501 -11.989 -7.387  1.00 14.88 ? 9   LEU A N   1 
ATOM   68   C  CA  . LEU A 1 9   ? -10.982 -11.497 -6.079  1.00 15.01 ? 9   LEU A CA  1 
ATOM   69   C  C   . LEU A 1 9   ? -10.296 -10.150 -5.842  1.00 14.30 ? 9   LEU A C   1 
ATOM   70   O  O   . LEU A 1 9   ? -10.975 -9.189  -5.575  1.00 15.74 ? 9   LEU A O   1 
ATOM   71   C  CB  . LEU A 1 9   ? -10.617 -12.549 -4.973  1.00 16.37 ? 9   LEU A CB  1 
ATOM   72   C  CG  . LEU A 1 9   ? -11.670 -13.441 -4.334  1.00 19.19 ? 9   LEU A CG  1 
ATOM   73   C  CD1 . LEU A 1 9   ? -12.606 -13.911 -5.433  1.00 22.01 ? 9   LEU A CD1 1 
ATOM   74   C  CD2 . LEU A 1 9   ? -11.118 -14.683 -3.753  1.00 15.65 ? 9   LEU A CD2 1 
ATOM   75   N  N   . VAL A 1 10  ? -8.961  -10.126 -5.926  1.00 13.90 ? 10  VAL A N   1 
ATOM   76   C  CA  . VAL A 1 10  ? -8.150  -8.941  -5.733  1.00 13.23 ? 10  VAL A CA  1 
ATOM   77   C  C   . VAL A 1 10  ? -8.662  -7.851  -6.639  1.00 13.34 ? 10  VAL A C   1 
ATOM   78   O  O   . VAL A 1 10  ? -8.863  -6.716  -6.212  1.00 13.52 ? 10  VAL A O   1 
ATOM   79   C  CB  . VAL A 1 10  ? -6.627  -9.191  -5.914  1.00 13.45 ? 10  VAL A CB  1 
ATOM   80   C  CG1 . VAL A 1 10  ? -5.837  -7.870  -5.848  1.00 14.09 ? 10  VAL A CG1 1 
ATOM   81   C  CG2 . VAL A 1 10  ? -6.145  -10.206 -4.891  1.00 13.90 ? 10  VAL A CG2 1 
ATOM   82   N  N   . LEU A 1 11  ? -8.826  -8.178  -7.887  1.00 13.58 ? 11  LEU A N   1 
ATOM   83   C  CA  . LEU A 1 11  ? -9.184  -7.190  -8.912  1.00 15.53 ? 11  LEU A CA  1 
ATOM   84   C  C   . LEU A 1 11  ? -10.589 -6.699  -8.761  1.00 15.85 ? 11  LEU A C   1 
ATOM   85   O  O   . LEU A 1 11  ? -10.838 -5.562  -9.091  1.00 15.13 ? 11  LEU A O   1 
ATOM   86   C  CB  . LEU A 1 11  ? -8.811  -7.688  -10.295 1.00 18.85 ? 11  LEU A CB  1 
ATOM   87   C  CG  . LEU A 1 11  ? -7.405  -7.403  -10.828 1.00 20.71 ? 11  LEU A CG  1 
ATOM   88   C  CD1 . LEU A 1 11  ? -6.792  -6.131  -10.260 1.00 23.33 ? 11  LEU A CD1 1 
ATOM   89   C  CD2 . LEU A 1 11  ? -6.442  -8.470  -10.611 1.00 22.63 ? 11  LEU A CD2 1 
ATOM   90   N  N   . HIS A 1 12  ? -11.442 -7.527  -8.278  1.00 16.72 ? 12  HIS A N   1 
ATOM   91   C  CA  . HIS A 1 12  ? -12.853 -7.190  -8.000  1.00 17.33 ? 12  HIS A CA  1 
ATOM   92   C  C   . HIS A 1 12  ? -12.947 -6.188  -6.848  1.00 17.05 ? 12  HIS A C   1 
ATOM   93   O  O   . HIS A 1 12  ? -13.708 -5.207  -6.940  1.00 16.49 ? 12  HIS A O   1 
ATOM   94   C  CB  . HIS A 1 12  ? -13.595 -8.524  -7.677  1.00 21.60 ? 12  HIS A CB  1 
ATOM   95   C  CG  . HIS A 1 12  ? -15.017 -8.188  -7.313  1.00 24.36 ? 12  HIS A CG  1 
ATOM   96   N  ND1 . HIS A 1 12  ? -15.907 -7.669  -8.190  1.00 24.90 ? 12  HIS A ND1 1 
ATOM   97   C  CD2 . HIS A 1 12  ? -15.627 -8.259  -6.091  1.00 26.37 ? 12  HIS A CD2 1 
ATOM   98   C  CE1 . HIS A 1 12  ? -17.072 -7.506  -7.526  1.00 26.34 ? 12  HIS A CE1 1 
ATOM   99   N  NE2 . HIS A 1 12  ? -16.928 -7.850  -6.272  1.00 26.32 ? 12  HIS A NE2 1 
ATOM   100  N  N   . VAL A 1 13  ? -12.166 -6.314  -5.803  1.00 16.84 ? 13  VAL A N   1 
ATOM   101  C  CA  . VAL A 1 13  ? -12.182 -5.369  -4.682  1.00 18.33 ? 13  VAL A CA  1 
ATOM   102  C  C   . VAL A 1 13  ? -11.506 -4.016  -5.116  1.00 16.79 ? 13  VAL A C   1 
ATOM   103  O  O   . VAL A 1 13  ? -11.960 -2.941  -4.659  1.00 17.35 ? 13  VAL A O   1 
ATOM   104  C  CB  . VAL A 1 13  ? -11.643 -5.909  -3.369  1.00 19.89 ? 13  VAL A CB  1 
ATOM   105  C  CG1 . VAL A 1 13  ? -12.118 -7.349  -3.077  1.00 24.89 ? 13  VAL A CG1 1 
ATOM   106  C  CG2 . VAL A 1 13  ? -10.146 -5.931  -3.183  1.00 21.47 ? 13  VAL A CG2 1 
ATOM   107  N  N   . TRP A 1 14  ? -10.500 -4.174  -5.934  1.00 15.72 ? 14  TRP A N   1 
ATOM   108  C  CA  . TRP A 1 14  ? -9.706  -3.092  -6.458  1.00 14.52 ? 14  TRP A CA  1 
ATOM   109  C  C   . TRP A 1 14  ? -10.604 -2.098  -7.207  1.00 15.34 ? 14  TRP A C   1 
ATOM   110  O  O   . TRP A 1 14  ? -10.387 -0.888  -7.104  1.00 13.80 ? 14  TRP A O   1 
ATOM   111  C  CB  . TRP A 1 14  ? -8.473  -3.473  -7.279  1.00 15.36 ? 14  TRP A CB  1 
ATOM   112  C  CG  . TRP A 1 14  ? -7.498  -2.314  -7.207  1.00 16.49 ? 14  TRP A CG  1 
ATOM   113  C  CD1 . TRP A 1 14  ? -7.204  -1.366  -8.153  1.00 16.52 ? 14  TRP A CD1 1 
ATOM   114  C  CD2 . TRP A 1 14  ? -6.785  -1.945  -6.012  1.00 16.77 ? 14  TRP A CD2 1 
ATOM   115  N  NE1 . TRP A 1 14  ? -6.353  -0.417  -7.612  1.00 16.27 ? 14  TRP A NE1 1 
ATOM   116  C  CE2 . TRP A 1 14  ? -6.053  -0.767  -6.331  1.00 17.01 ? 14  TRP A CE2 1 
ATOM   117  C  CE3 . TRP A 1 14  ? -6.723  -2.491  -4.728  1.00 16.36 ? 14  TRP A CE3 1 
ATOM   118  C  CZ2 . TRP A 1 14  ? -5.215  -0.182  -5.392  1.00 17.01 ? 14  TRP A CZ2 1 
ATOM   119  C  CZ3 . TRP A 1 14  ? -5.935  -1.894  -3.802  1.00 18.61 ? 14  TRP A CZ3 1 
ATOM   120  C  CH2 . TRP A 1 14  ? -5.166  -0.742  -4.113  1.00 18.05 ? 14  TRP A CH2 1 
ATOM   121  N  N   . ALA A 1 15  ? -11.528 -2.684  -7.972  1.00 15.11 ? 15  ALA A N   1 
ATOM   122  C  CA  . ALA A 1 15  ? -12.442 -1.872  -8.746  1.00 16.71 ? 15  ALA A CA  1 
ATOM   123  C  C   . ALA A 1 15  ? -13.238 -1.045  -7.751  1.00 17.32 ? 15  ALA A C   1 
ATOM   124  O  O   . ALA A 1 15  ? -13.621 0.075   -8.109  1.00 18.59 ? 15  ALA A O   1 
ATOM   125  C  CB  . ALA A 1 15  ? -13.343 -2.716  -9.648  1.00 17.17 ? 15  ALA A CB  1 
ATOM   126  N  N   . LYS A 1 16  ? -13.493 -1.506  -6.584  1.00 18.39 ? 16  LYS A N   1 
ATOM   127  C  CA  . LYS A 1 16  ? -14.241 -0.734  -5.544  1.00 19.72 ? 16  LYS A CA  1 
ATOM   128  C  C   . LYS A 1 16  ? -13.367 0.438   -5.071  1.00 20.48 ? 16  LYS A C   1 
ATOM   129  O  O   . LYS A 1 16  ? -13.886 1.559   -4.845  1.00 20.93 ? 16  LYS A O   1 
ATOM   130  C  CB  . LYS A 1 16  ? -14.600 -1.580  -4.373  1.00 22.29 ? 16  LYS A CB  1 
ATOM   131  C  CG  . LYS A 1 16  ? -15.914 -2.323  -4.311  1.00 27.96 ? 16  LYS A CG  1 
ATOM   132  C  CD  . LYS A 1 16  ? -16.299 -3.366  -5.273  1.00 29.93 ? 16  LYS A CD  1 
ATOM   133  C  CE  . LYS A 1 16  ? -17.787 -3.729  -5.248  1.00 32.83 ? 16  LYS A CE  1 
ATOM   134  N  NZ  . LYS A 1 16  ? -18.039 -4.818  -6.276  1.00 34.02 ? 16  LYS A NZ  1 
ATOM   135  N  N   . VAL A 1 17  ? -12.070 0.128   -4.861  1.00 19.93 ? 17  VAL A N   1 
ATOM   136  C  CA  . VAL A 1 17  ? -11.108 1.152   -4.468  1.00 19.43 ? 17  VAL A CA  1 
ATOM   137  C  C   . VAL A 1 17  ? -11.075 2.308   -5.456  1.00 19.77 ? 17  VAL A C   1 
ATOM   138  O  O   . VAL A 1 17  ? -11.046 3.550   -5.128  1.00 18.51 ? 17  VAL A O   1 
ATOM   139  C  CB  . VAL A 1 17  ? -9.716  0.497   -4.218  1.00 18.76 ? 17  VAL A CB  1 
ATOM   140  C  CG1 . VAL A 1 17  ? -8.635  1.462   -3.845  1.00 17.18 ? 17  VAL A CG1 1 
ATOM   141  C  CG2 . VAL A 1 17  ? -9.873  -0.637  -3.211  1.00 17.89 ? 17  VAL A CG2 1 
ATOM   142  N  N   . GLU A 1 18  ? -11.150 1.906   -6.725  1.00 19.57 ? 18  GLU A N   1 
ATOM   143  C  CA  . GLU A 1 18  ? -11.109 2.798   -7.861  1.00 19.82 ? 18  GLU A CA  1 
ATOM   144  C  C   . GLU A 1 18  ? -12.239 3.776   -8.031  1.00 19.84 ? 18  GLU A C   1 
ATOM   145  O  O   . GLU A 1 18  ? -12.037 4.734   -8.790  1.00 19.34 ? 18  GLU A O   1 
ATOM   146  C  CB  . GLU A 1 18  ? -11.028 2.066   -9.221  1.00 22.72 ? 18  GLU A CB  1 
ATOM   147  C  CG  . GLU A 1 18  ? -9.612  1.572   -9.428  1.00 25.43 ? 18  GLU A CG  1 
ATOM   148  C  CD  . GLU A 1 18  ? -9.283  0.736   -10.631 1.00 28.86 ? 18  GLU A CD  1 
ATOM   149  O  OE1 . GLU A 1 18  ? -10.153 -0.085  -11.000 1.00 31.16 ? 18  GLU A OE1 1 
ATOM   150  O  OE2 . GLU A 1 18  ? -8.115  0.841   -10.996 1.00 30.65 ? 18  GLU A OE2 1 
ATOM   151  N  N   . ALA A 1 19  ? -13.338 3.505   -7.427  1.00 19.88 ? 19  ALA A N   1 
ATOM   152  C  CA  . ALA A 1 19  ? -14.488 4.446   -7.487  1.00 20.95 ? 19  ALA A CA  1 
ATOM   153  C  C   . ALA A 1 19  ? -14.276 5.626   -6.507  1.00 20.23 ? 19  ALA A C   1 
ATOM   154  O  O   . ALA A 1 19  ? -15.063 6.589   -6.536  1.00 20.88 ? 19  ALA A O   1 
ATOM   155  C  CB  . ALA A 1 19  ? -15.729 3.644   -7.108  1.00 22.98 ? 19  ALA A CB  1 
ATOM   156  N  N   . ASP A 1 20  ? -13.281 5.566   -5.648  1.00 18.45 ? 20  ASP A N   1 
ATOM   157  C  CA  . ASP A 1 20  ? -12.986 6.643   -4.673  1.00 16.66 ? 20  ASP A CA  1 
ATOM   158  C  C   . ASP A 1 20  ? -11.563 6.429   -4.167  1.00 15.43 ? 20  ASP A C   1 
ATOM   159  O  O   . ASP A 1 20  ? -11.312 5.998   -3.025  1.00 14.28 ? 20  ASP A O   1 
ATOM   160  C  CB  . ASP A 1 20  ? -14.058 6.588   -3.571  1.00 18.40 ? 20  ASP A CB  1 
ATOM   161  C  CG  . ASP A 1 20  ? -13.898 7.646   -2.565  1.00 20.38 ? 20  ASP A CG  1 
ATOM   162  O  OD1 . ASP A 1 20  ? -13.115 8.582   -2.759  1.00 20.94 ? 20  ASP A OD1 1 
ATOM   163  O  OD2 . ASP A 1 20  ? -14.538 7.562   -1.499  1.00 24.77 ? 20  ASP A OD2 1 
ATOM   164  N  N   . VAL A 1 21  ? -10.649 6.840   -5.063  1.00 13.84 ? 21  VAL A N   1 
ATOM   165  C  CA  . VAL A 1 21  ? -9.256  6.582   -4.775  1.00 13.29 ? 21  VAL A CA  1 
ATOM   166  C  C   . VAL A 1 21  ? -8.813  7.548   -3.684  1.00 13.03 ? 21  VAL A C   1 
ATOM   167  O  O   . VAL A 1 21  ? -8.125  7.047   -2.764  1.00 11.57 ? 21  VAL A O   1 
ATOM   168  C  CB  . VAL A 1 21  ? -8.384  6.620   -6.043  1.00 15.83 ? 21  VAL A CB  1 
ATOM   169  C  CG1 . VAL A 1 21  ? -6.892  6.553   -5.589  1.00 16.63 ? 21  VAL A CG1 1 
ATOM   170  C  CG2 . VAL A 1 21  ? -8.673  5.513   -7.044  1.00 14.62 ? 21  VAL A CG2 1 
ATOM   171  N  N   . ALA A 1 22  ? -9.222  8.783   -3.786  1.00 13.94 ? 22  ALA A N   1 
ATOM   172  C  CA  . ALA A 1 22  ? -8.766  9.743   -2.718  1.00 13.20 ? 22  ALA A CA  1 
ATOM   173  C  C   . ALA A 1 22  ? -9.301  9.383   -1.331  1.00 12.83 ? 22  ALA A C   1 
ATOM   174  O  O   . ALA A 1 22  ? -8.529  9.427   -0.335  1.00 13.02 ? 22  ALA A O   1 
ATOM   175  C  CB  . ALA A 1 22  ? -8.970  11.194  -3.184  1.00 13.85 ? 22  ALA A CB  1 
ATOM   176  N  N   . GLY A 1 23  ? -10.512 8.900   -1.161  1.00 11.92 ? 23  GLY A N   1 
ATOM   177  C  CA  . GLY A 1 23  ? -11.000 8.565   0.168   1.00 11.62 ? 23  GLY A CA  1 
ATOM   178  C  C   . GLY A 1 23  ? -10.357 7.374   0.786   1.00 12.60 ? 23  GLY A C   1 
ATOM   179  O  O   . GLY A 1 23  ? -10.081 7.185   1.962   1.00 13.08 ? 23  GLY A O   1 
ATOM   180  N  N   . HIS A 1 24  ? -10.066 6.374   -0.119  1.00 13.32 ? 24  HIS A N   1 
ATOM   181  C  CA  . HIS A 1 24  ? -9.395  5.119   0.280   1.00 11.62 ? 24  HIS A CA  1 
ATOM   182  C  C   . HIS A 1 24  ? -7.958  5.406   0.724   1.00 12.36 ? 24  HIS A C   1 
ATOM   183  O  O   . HIS A 1 24  ? -7.501  4.905   1.727   1.00 11.79 ? 24  HIS A O   1 
ATOM   184  C  CB  . HIS A 1 24  ? -9.414  4.077   -0.858  1.00 11.24 ? 24  HIS A CB  1 
ATOM   185  C  CG  . HIS A 1 24  ? -10.759 3.347   -0.952  1.00 10.18 ? 24  HIS A CG  1 
ATOM   186  N  ND1 . HIS A 1 24  ? -11.788 3.828   -1.675  1.00 9.62  ? 24  HIS A ND1 1 
ATOM   187  C  CD2 . HIS A 1 24  ? -11.109 2.147   -0.433  1.00 11.26 ? 24  HIS A CD2 1 
ATOM   188  C  CE1 . HIS A 1 24  ? -12.750 2.930   -1.543  1.00 11.60 ? 24  HIS A CE1 1 
ATOM   189  N  NE2 . HIS A 1 24  ? -12.371 1.898   -0.849  1.00 11.25 ? 24  HIS A NE2 1 
ATOM   190  N  N   . GLY A 1 25  ? -7.240  6.270   -0.026  1.00 11.94 ? 25  GLY A N   1 
ATOM   191  C  CA  . GLY A 1 25  ? -5.900  6.673   0.198   1.00 13.63 ? 25  GLY A CA  1 
ATOM   192  C  C   . GLY A 1 25  ? -5.790  7.416   1.550   1.00 13.49 ? 25  GLY A C   1 
ATOM   193  O  O   . GLY A 1 25  ? -4.861  7.082   2.352   1.00 12.78 ? 25  GLY A O   1 
ATOM   194  N  N   . GLN A 1 26  ? -6.752  8.254   1.736   1.00 14.34 ? 26  GLN A N   1 
ATOM   195  C  CA  . GLN A 1 26  ? -6.745  9.019   3.106   1.00 16.51 ? 26  GLN A CA  1 
ATOM   196  C  C   . GLN A 1 26  ? -6.895  8.017   4.251   1.00 16.15 ? 26  GLN A C   1 
ATOM   197  O  O   . GLN A 1 26  ? -6.075  7.962   5.204   1.00 16.84 ? 26  GLN A O   1 
ATOM   198  C  CB  . GLN A 1 26  ? -7.877  10.037  3.221   1.00 18.85 ? 26  GLN A CB  1 
ATOM   199  C  CG  . GLN A 1 26  ? -7.905  11.197  2.242   1.00 22.90 ? 26  GLN A CG  1 
ATOM   200  C  CD  . GLN A 1 26  ? -9.077  12.145  2.616   1.00 25.26 ? 26  GLN A CD  1 
ATOM   201  O  OE1 . GLN A 1 26  ? -8.845  13.159  3.292   1.00 27.04 ? 26  GLN A OE1 1 
ATOM   202  N  NE2 . GLN A 1 26  ? -10.232 11.680  2.208   1.00 25.61 ? 26  GLN A NE2 1 
ATOM   203  N  N   . ASP A 1 27  ? -7.931  7.170   4.153   1.00 14.37 ? 27  ASP A N   1 
ATOM   204  C  CA  . ASP A 1 27  ? -8.145  6.176   5.240   1.00 12.30 ? 27  ASP A CA  1 
ATOM   205  C  C   . ASP A 1 27  ? -6.943  5.354   5.537   1.00 10.93 ? 27  ASP A C   1 
ATOM   206  O  O   . ASP A 1 27  ? -6.524  4.997   6.616   1.00 10.44 ? 27  ASP A O   1 
ATOM   207  C  CB  . ASP A 1 27  ? -9.342  5.325   4.841   1.00 17.85 ? 27  ASP A CB  1 
ATOM   208  C  CG  . ASP A 1 27  ? -10.723 5.978   4.920   1.00 19.67 ? 27  ASP A CG  1 
ATOM   209  O  OD1 . ASP A 1 27  ? -10.839 7.124   5.367   1.00 21.70 ? 27  ASP A OD1 1 
ATOM   210  O  OD2 . ASP A 1 27  ? -11.640 5.287   4.525   1.00 20.23 ? 27  ASP A OD2 1 
ATOM   211  N  N   . ILE A 1 28  ? -6.308  4.791   4.480   1.00 10.19 ? 28  ILE A N   1 
ATOM   212  C  CA  . ILE A 1 28  ? -5.127  3.966   4.543   1.00 9.84  ? 28  ILE A CA  1 
ATOM   213  C  C   . ILE A 1 28  ? -3.947  4.614   5.184   1.00 9.50  ? 28  ILE A C   1 
ATOM   214  O  O   . ILE A 1 28  ? -3.320  4.007   6.060   1.00 10.86 ? 28  ILE A O   1 
ATOM   215  C  CB  . ILE A 1 28  ? -4.699  3.458   3.074   1.00 10.45 ? 28  ILE A CB  1 
ATOM   216  C  CG1 . ILE A 1 28  ? -5.829  2.365   2.781   1.00 12.43 ? 28  ILE A CG1 1 
ATOM   217  C  CG2 . ILE A 1 28  ? -3.259  2.867   3.119   1.00 10.54 ? 28  ILE A CG2 1 
ATOM   218  C  CD1 . ILE A 1 28  ? -5.809  1.813   1.354   1.00 14.98 ? 28  ILE A CD1 1 
ATOM   219  N  N   . LEU A 1 29  ? -3.577  5.813   4.754   1.00 9.65  ? 29  LEU A N   1 
ATOM   220  C  CA  . LEU A 1 29  ? -2.442  6.513   5.374   1.00 11.73 ? 29  LEU A CA  1 
ATOM   221  C  C   . LEU A 1 29  ? -2.789  6.917   6.808   1.00 9.16  ? 29  LEU A C   1 
ATOM   222  O  O   . LEU A 1 29  ? -1.874  6.807   7.560   1.00 10.31 ? 29  LEU A O   1 
ATOM   223  C  CB  . LEU A 1 29  ? -2.068  7.785   4.578   1.00 11.10 ? 29  LEU A CB  1 
ATOM   224  C  CG  . LEU A 1 29  ? -1.507  7.378   3.136   1.00 12.26 ? 29  LEU A CG  1 
ATOM   225  C  CD1 . LEU A 1 29  ? -1.433  8.652   2.301   1.00 14.42 ? 29  LEU A CD1 1 
ATOM   226  C  CD2 . LEU A 1 29  ? -0.203  6.652   3.346   1.00 12.77 ? 29  LEU A CD2 1 
ATOM   227  N  N   . ILE A 1 30  ? -3.975  7.378   7.018   1.00 11.38 ? 30  ILE A N   1 
ATOM   228  C  CA  . ILE A 1 30  ? -4.279  7.756   8.449   1.00 12.38 ? 30  ILE A CA  1 
ATOM   229  C  C   . ILE A 1 30  ? -4.184  6.537   9.359   1.00 12.85 ? 30  ILE A C   1 
ATOM   230  O  O   . ILE A 1 30  ? -3.573  6.529   10.463  1.00 12.26 ? 30  ILE A O   1 
ATOM   231  C  CB  . ILE A 1 30  ? -5.647  8.504   8.510   1.00 14.58 ? 30  ILE A CB  1 
ATOM   232  C  CG1 . ILE A 1 30  ? -5.629  9.893   7.866   1.00 12.81 ? 30  ILE A CG1 1 
ATOM   233  C  CG2 . ILE A 1 30  ? -5.906  8.671   10.091  1.00 17.19 ? 30  ILE A CG2 1 
ATOM   234  C  CD1 . ILE A 1 30  ? -7.079  10.405  7.532   1.00 14.40 ? 30  ILE A CD1 1 
ATOM   235  N  N   . ARG A 1 31  ? -4.758  5.409   8.889   1.00 12.49 ? 31  ARG A N   1 
ATOM   236  C  CA  . ARG A 1 31  ? -4.741  4.134   9.599   1.00 12.83 ? 31  ARG A CA  1 
ATOM   237  C  C   . ARG A 1 31  ? -3.310  3.775   9.916   1.00 12.69 ? 31  ARG A C   1 
ATOM   238  O  O   . ARG A 1 31  ? -2.874  3.328   10.995  1.00 12.22 ? 31  ARG A O   1 
ATOM   239  C  CB  . ARG A 1 31  ? -5.450  3.078   8.776   1.00 11.62 ? 31  ARG A CB  1 
ATOM   240  C  CG  . ARG A 1 31  ? -5.388  1.695   9.393   1.00 17.73 ? 31  ARG A CG  1 
ATOM   241  C  CD  . ARG A 1 31  ? -6.137  1.595   10.681  1.00 16.54 ? 31  ARG A CD  1 
ATOM   242  N  NE  . ARG A 1 31  ? -5.921  0.212   11.183  1.00 21.42 ? 31  ARG A NE  1 
ATOM   243  C  CZ  . ARG A 1 31  ? -6.738  -0.346  12.086  1.00 22.34 ? 31  ARG A CZ  1 
ATOM   244  N  NH1 . ARG A 1 31  ? -7.867  0.252   12.451  1.00 23.34 ? 31  ARG A NH1 1 
ATOM   245  N  NH2 . ARG A 1 31  ? -6.328  -1.408  12.777  1.00 22.66 ? 31  ARG A NH2 1 
ATOM   246  N  N   . LEU A 1 32  ? -2.406  3.903   8.874   1.00 11.62 ? 32  LEU A N   1 
ATOM   247  C  CA  . LEU A 1 32  ? -1.006  3.592   9.061   1.00 10.82 ? 32  LEU A CA  1 
ATOM   248  C  C   . LEU A 1 32  ? -0.348  4.496   10.133  1.00 10.47 ? 32  LEU A C   1 
ATOM   249  O  O   . LEU A 1 32  ? 0.419   3.954   10.972  1.00 11.03 ? 32  LEU A O   1 
ATOM   250  C  CB  . LEU A 1 32  ? -0.287  3.828   7.637   1.00 8.38  ? 32  LEU A CB  1 
ATOM   251  C  CG  . LEU A 1 32  ? 1.193   3.845   7.695   1.00 9.11  ? 32  LEU A CG  1 
ATOM   252  C  CD1 . LEU A 1 32  ? 1.868   2.527   7.951   1.00 11.38 ? 32  LEU A CD1 1 
ATOM   253  C  CD2 . LEU A 1 32  ? 1.732   4.360   6.308   1.00 10.48 ? 32  LEU A CD2 1 
ATOM   254  N  N   . PHE A 1 33  ? -0.627  5.763   10.105  1.00 10.70 ? 33  PHE A N   1 
ATOM   255  C  CA  . PHE A 1 33  ? -0.021  6.747   11.007  1.00 12.31 ? 33  PHE A CA  1 
ATOM   256  C  C   . PHE A 1 33  ? -0.536  6.579   12.464  1.00 13.27 ? 33  PHE A C   1 
ATOM   257  O  O   . PHE A 1 33  ? 0.332   6.823   13.295  1.00 14.20 ? 33  PHE A O   1 
ATOM   258  C  CB  . PHE A 1 33  ? -0.124  8.165   10.539  1.00 12.06 ? 33  PHE A CB  1 
ATOM   259  C  CG  . PHE A 1 33  ? 0.558   8.390   9.184   1.00 12.95 ? 33  PHE A CG  1 
ATOM   260  C  CD1 . PHE A 1 33  ? 1.715   7.746   8.868   1.00 14.86 ? 33  PHE A CD1 1 
ATOM   261  C  CD2 . PHE A 1 33  ? -0.064  9.244   8.271   1.00 13.57 ? 33  PHE A CD2 1 
ATOM   262  C  CE1 . PHE A 1 33  ? 2.324   7.902   7.611   1.00 13.85 ? 33  PHE A CE1 1 
ATOM   263  C  CE2 . PHE A 1 33  ? 0.509   9.432   6.993   1.00 15.46 ? 33  PHE A CE2 1 
ATOM   264  C  CZ  . PHE A 1 33  ? 1.715   8.785   6.733   1.00 14.23 ? 33  PHE A CZ  1 
ATOM   265  N  N   . LYS A 1 34  ? -1.711  6.163   12.629  1.00 14.31 ? 34  LYS A N   1 
ATOM   266  C  CA  . LYS A 1 34  ? -2.382  5.913   13.935  1.00 15.81 ? 34  LYS A CA  1 
ATOM   267  C  C   . LYS A 1 34  ? -1.888  4.624   14.507  1.00 16.53 ? 34  LYS A C   1 
ATOM   268  O  O   . LYS A 1 34  ? -1.756  4.424   15.747  1.00 17.34 ? 34  LYS A O   1 
ATOM   269  C  CB  . LYS A 1 34  ? -3.925  5.793   13.803  1.00 19.11 ? 34  LYS A CB  1 
ATOM   270  C  CG  . LYS A 1 34  ? -4.576  7.139   13.475  1.00 24.52 ? 34  LYS A CG  1 
ATOM   271  C  CD  . LYS A 1 34  ? -4.071  8.201   14.454  1.00 30.93 ? 34  LYS A CD  1 
ATOM   272  C  CE  . LYS A 1 34  ? -3.537  9.480   13.809  1.00 35.10 ? 34  LYS A CE  1 
ATOM   273  N  NZ  . LYS A 1 34  ? -2.522  10.183  14.700  1.00 38.17 ? 34  LYS A NZ  1 
ATOM   274  N  N   . SER A 1 35  ? -1.640  3.601   13.669  1.00 16.19 ? 35  SER A N   1 
ATOM   275  C  CA  . SER A 1 35  ? -1.194  2.310   14.175  1.00 14.98 ? 35  SER A CA  1 
ATOM   276  C  C   . SER A 1 35  ? 0.282   2.230   14.418  1.00 14.85 ? 35  SER A C   1 
ATOM   277  O  O   . SER A 1 35  ? 0.701   1.508   15.282  1.00 13.99 ? 35  SER A O   1 
ATOM   278  C  CB  . SER A 1 35  ? -1.752  1.128   13.335  1.00 16.79 ? 35  SER A CB  1 
ATOM   279  O  OG  . SER A 1 35  ? -1.130  1.243   12.100  1.00 26.09 ? 35  SER A OG  1 
ATOM   280  N  N   . HIS A 1 36  ? 1.075   2.956   13.619  1.00 15.04 ? 36  HIS A N   1 
ATOM   281  C  CA  . HIS A 1 36  ? 2.556   2.950   13.686  1.00 14.64 ? 36  HIS A CA  1 
ATOM   282  C  C   . HIS A 1 36  ? 3.041   4.341   13.497  1.00 15.69 ? 36  HIS A C   1 
ATOM   283  O  O   . HIS A 1 36  ? 3.549   4.804   12.466  1.00 16.86 ? 36  HIS A O   1 
ATOM   284  C  CB  . HIS A 1 36  ? 3.183   2.125   12.518  1.00 14.40 ? 36  HIS A CB  1 
ATOM   285  C  CG  . HIS A 1 36  ? 2.810   0.693   12.666  1.00 14.31 ? 36  HIS A CG  1 
ATOM   286  N  ND1 . HIS A 1 36  ? 3.431   -0.135  13.516  1.00 16.98 ? 36  HIS A ND1 1 
ATOM   287  C  CD2 . HIS A 1 36  ? 1.755   0.009   12.192  1.00 14.72 ? 36  HIS A CD2 1 
ATOM   288  C  CE1 . HIS A 1 36  ? 2.841   -1.333  13.506  1.00 15.67 ? 36  HIS A CE1 1 
ATOM   289  N  NE2 . HIS A 1 36  ? 1.766   -1.232  12.724  1.00 17.76 ? 36  HIS A NE2 1 
ATOM   290  N  N   . PRO A 1 37  ? 2.883   5.152   14.528  1.00 17.50 ? 37  PRO A N   1 
ATOM   291  C  CA  . PRO A 1 37  ? 3.204   6.563   14.406  1.00 18.34 ? 37  PRO A CA  1 
ATOM   292  C  C   . PRO A 1 37  ? 4.631   6.817   14.045  1.00 19.78 ? 37  PRO A C   1 
ATOM   293  O  O   . PRO A 1 37  ? 4.934   7.947   13.582  1.00 19.97 ? 37  PRO A O   1 
ATOM   294  C  CB  . PRO A 1 37  ? 2.773   7.128   15.764  1.00 18.00 ? 37  PRO A CB  1 
ATOM   295  C  CG  . PRO A 1 37  ? 1.925   6.113   16.448  1.00 18.13 ? 37  PRO A CG  1 
ATOM   296  C  CD  . PRO A 1 37  ? 2.190   4.776   15.800  1.00 16.99 ? 37  PRO A CD  1 
ATOM   297  N  N   . GLU A 1 38  ? 5.517   5.821   14.249  1.00 22.24 ? 38  GLU A N   1 
ATOM   298  C  CA  . GLU A 1 38  ? 6.931   6.098   13.936  1.00 24.62 ? 38  GLU A CA  1 
ATOM   299  C  C   . GLU A 1 38  ? 7.199   6.237   12.454  1.00 26.01 ? 38  GLU A C   1 
ATOM   300  O  O   . GLU A 1 38  ? 8.143   6.933   12.014  1.00 25.61 ? 38  GLU A O   1 
ATOM   301  C  CB  . GLU A 1 38  ? 7.794   4.994   14.512  1.00 30.21 ? 38  GLU A CB  1 
ATOM   302  C  CG  . GLU A 1 38  ? 8.052   3.690   13.781  1.00 33.04 ? 38  GLU A CG  1 
ATOM   303  C  CD  . GLU A 1 38  ? 7.009   2.624   14.125  1.00 36.69 ? 38  GLU A CD  1 
ATOM   304  O  OE1 . GLU A 1 38  ? 5.891   2.911   14.588  1.00 36.59 ? 38  GLU A OE1 1 
ATOM   305  O  OE2 . GLU A 1 38  ? 7.529   1.469   13.946  1.00 38.50 ? 38  GLU A OE2 1 
ATOM   306  N  N   . THR A 1 39  ? 6.308   5.556   11.679  1.00 26.13 ? 39  THR A N   1 
ATOM   307  C  CA  . THR A 1 39  ? 6.456   5.619   10.184  1.00 25.68 ? 39  THR A CA  1 
ATOM   308  C  C   . THR A 1 39  ? 6.322   7.035   9.680   1.00 25.29 ? 39  THR A C   1 
ATOM   309  O  O   . THR A 1 39  ? 6.845   7.491   8.649   1.00 25.00 ? 39  THR A O   1 
ATOM   310  C  CB  . THR A 1 39  ? 5.506   4.582   9.494   1.00 25.40 ? 39  THR A CB  1 
ATOM   311  O  OG1 . THR A 1 39  ? 4.134   5.033   9.734   1.00 26.55 ? 39  THR A OG1 1 
ATOM   312  C  CG2 . THR A 1 39  ? 5.543   3.141   9.955   1.00 25.84 ? 39  THR A CG2 1 
ATOM   313  N  N   . LEU A 1 40  ? 5.604   7.854   10.375  1.00 25.49 ? 40  LEU A N   1 
ATOM   314  C  CA  . LEU A 1 40  ? 5.374   9.259   9.933   1.00 27.71 ? 40  LEU A CA  1 
ATOM   315  C  C   . LEU A 1 40  ? 6.670   10.030  9.885   1.00 28.53 ? 40  LEU A C   1 
ATOM   316  O  O   . LEU A 1 40  ? 6.767   11.023  9.130   1.00 28.83 ? 40  LEU A O   1 
ATOM   317  C  CB  . LEU A 1 40  ? 4.334   9.769   10.911  1.00 28.49 ? 40  LEU A CB  1 
ATOM   318  C  CG  . LEU A 1 40  ? 3.712   11.117  10.832  1.00 30.03 ? 40  LEU A CG  1 
ATOM   319  C  CD1 . LEU A 1 40  ? 2.995   11.303  9.483   1.00 29.45 ? 40  LEU A CD1 1 
ATOM   320  C  CD2 . LEU A 1 40  ? 2.738   11.282  12.041  1.00 28.99 ? 40  LEU A CD2 1 
ATOM   321  N  N   . GLU A 1 41  ? 7.707   9.639   10.632  1.00 30.08 ? 41  GLU A N   1 
ATOM   322  C  CA  . GLU A 1 41  ? 8.952   10.422  10.583  1.00 31.55 ? 41  GLU A CA  1 
ATOM   323  C  C   . GLU A 1 41  ? 9.729   10.111  9.277   1.00 31.59 ? 41  GLU A C   1 
ATOM   324  O  O   . GLU A 1 41  ? 10.644  10.893  8.982   1.00 31.60 ? 41  GLU A O   1 
ATOM   325  C  CB  . GLU A 1 41  ? 9.864   10.416  11.711  1.00 37.46 ? 41  GLU A CB  1 
ATOM   326  C  CG  . GLU A 1 41  ? 9.883   10.043  13.170  1.00 43.65 ? 41  GLU A CG  1 
ATOM   327  C  CD  . GLU A 1 41  ? 11.188  9.378   13.667  1.00 46.31 ? 41  GLU A CD  1 
ATOM   328  O  OE1 . GLU A 1 41  ? 12.195  10.155  13.562  1.00 47.74 ? 41  GLU A OE1 1 
ATOM   329  O  OE2 . GLU A 1 41  ? 11.255  8.220   14.111  1.00 47.83 ? 41  GLU A OE2 1 
ATOM   330  N  N   . LYS A 1 42  ? 9.359   9.089   8.549   1.00 30.11 ? 42  LYS A N   1 
ATOM   331  C  CA  . LYS A 1 42  ? 9.888   8.747   7.247   1.00 30.35 ? 42  LYS A CA  1 
ATOM   332  C  C   . LYS A 1 42  ? 9.284   9.656   6.154   1.00 29.65 ? 42  LYS A C   1 
ATOM   333  O  O   . LYS A 1 42  ? 9.771   9.584   4.973   1.00 30.99 ? 42  LYS A O   1 
ATOM   334  C  CB  . LYS A 1 42  ? 9.576   7.312   6.781   1.00 29.77 ? 42  LYS A CB  1 
ATOM   335  C  CG  . LYS A 1 42  ? 10.394  6.206   7.434   1.00 32.91 ? 42  LYS A CG  1 
ATOM   336  C  CD  . LYS A 1 42  ? 11.900  6.509   7.478   1.00 35.96 ? 42  LYS A CD  1 
ATOM   337  C  CE  . LYS A 1 42  ? 12.768  5.259   7.681   1.00 35.82 ? 42  LYS A CE  1 
ATOM   338  N  NZ  . LYS A 1 42  ? 14.202  5.633   7.468   1.00 35.11 ? 42  LYS A NZ  1 
ATOM   339  N  N   . PHE A 1 43  ? 8.289   10.455  6.367   1.00 29.05 ? 43  PHE A N   1 
ATOM   340  C  CA  . PHE A 1 43  ? 7.666   11.329  5.323   1.00 28.96 ? 43  PHE A CA  1 
ATOM   341  C  C   . PHE A 1 43  ? 7.939   12.779  5.728   1.00 31.16 ? 43  PHE A C   1 
ATOM   342  O  O   . PHE A 1 43  ? 7.474   13.384  6.711   1.00 29.77 ? 43  PHE A O   1 
ATOM   343  C  CB  . PHE A 1 43  ? 6.201   11.127  5.136   1.00 27.93 ? 43  PHE A CB  1 
ATOM   344  C  CG  . PHE A 1 43  ? 5.728   9.736   4.854   1.00 27.93 ? 43  PHE A CG  1 
ATOM   345  C  CD1 . PHE A 1 43  ? 5.686   8.767   5.824   1.00 28.35 ? 43  PHE A CD1 1 
ATOM   346  C  CD2 . PHE A 1 43  ? 5.341   9.411   3.545   1.00 29.01 ? 43  PHE A CD2 1 
ATOM   347  C  CE1 . PHE A 1 43  ? 5.270   7.460   5.573   1.00 28.23 ? 43  PHE A CE1 1 
ATOM   348  C  CE2 . PHE A 1 43  ? 4.891   8.121   3.258   1.00 28.68 ? 43  PHE A CE2 1 
ATOM   349  C  CZ  . PHE A 1 43  ? 4.846   7.147   4.249   1.00 29.29 ? 43  PHE A CZ  1 
ATOM   350  N  N   . ASP A 1 44  ? 8.804   13.296  4.856   1.00 33.80 ? 44  ASP A N   1 
ATOM   351  C  CA  . ASP A 1 44  ? 9.280   14.700  5.058   1.00 35.90 ? 44  ASP A CA  1 
ATOM   352  C  C   . ASP A 1 44  ? 8.126   15.669  4.944   1.00 34.85 ? 44  ASP A C   1 
ATOM   353  O  O   . ASP A 1 44  ? 8.036   16.606  5.706   1.00 34.78 ? 44  ASP A O   1 
ATOM   354  C  CB  . ASP A 1 44  ? 10.392  14.938  3.984   1.00 39.98 ? 44  ASP A CB  1 
ATOM   355  C  CG  . ASP A 1 44  ? 11.718  14.662  4.689   1.00 43.52 ? 44  ASP A CG  1 
ATOM   356  O  OD1 . ASP A 1 44  ? 11.675  14.267  5.882   1.00 45.24 ? 44  ASP A OD1 1 
ATOM   357  O  OD2 . ASP A 1 44  ? 12.779  14.864  4.054   1.00 46.23 ? 44  ASP A OD2 1 
ATOM   358  N  N   . ARG A 1 45  ? 7.288   15.374  3.988   1.00 34.01 ? 45  ARG A N   1 
ATOM   359  C  CA  . ARG A 1 45  ? 6.112   16.115  3.600   1.00 33.79 ? 45  ARG A CA  1 
ATOM   360  C  C   . ARG A 1 45  ? 4.991   16.251  4.606   1.00 31.14 ? 45  ARG A C   1 
ATOM   361  O  O   . ARG A 1 45  ? 4.166   17.168  4.505   1.00 30.79 ? 45  ARG A O   1 
ATOM   362  C  CB  . ARG A 1 45  ? 5.492   15.404  2.334   1.00 38.20 ? 45  ARG A CB  1 
ATOM   363  C  CG  . ARG A 1 45  ? 4.176   16.130  1.935   1.00 44.38 ? 45  ARG A CG  1 
ATOM   364  C  CD  . ARG A 1 45  ? 4.356   17.652  1.852   1.00 46.58 ? 45  ARG A CD  1 
ATOM   365  N  NE  . ARG A 1 45  ? 4.975   17.927  0.498   1.00 48.83 ? 45  ARG A NE  1 
ATOM   366  C  CZ  . ARG A 1 45  ? 6.110   18.659  0.520   1.00 48.91 ? 45  ARG A CZ  1 
ATOM   367  N  NH1 . ARG A 1 45  ? 6.516   19.109  1.719   1.00 50.32 ? 45  ARG A NH1 1 
ATOM   368  N  NH2 . ARG A 1 45  ? 6.759   18.925  -0.596  1.00 49.80 ? 45  ARG A NH2 1 
ATOM   369  N  N   . PHE A 1 46  ? 4.967   15.336  5.564   1.00 28.47 ? 46  PHE A N   1 
ATOM   370  C  CA  . PHE A 1 46  ? 3.926   15.291  6.563   1.00 26.87 ? 46  PHE A CA  1 
ATOM   371  C  C   . PHE A 1 46  ? 4.415   15.759  7.909   1.00 27.76 ? 46  PHE A C   1 
ATOM   372  O  O   . PHE A 1 46  ? 3.646   15.626  8.873   1.00 27.22 ? 46  PHE A O   1 
ATOM   373  C  CB  . PHE A 1 46  ? 3.333   13.855  6.678   1.00 23.62 ? 46  PHE A CB  1 
ATOM   374  C  CG  . PHE A 1 46  ? 2.790   13.262  5.397   1.00 22.24 ? 46  PHE A CG  1 
ATOM   375  C  CD1 . PHE A 1 46  ? 2.137   14.059  4.462   1.00 20.79 ? 46  PHE A CD1 1 
ATOM   376  C  CD2 . PHE A 1 46  ? 2.852   11.868  5.202   1.00 21.79 ? 46  PHE A CD2 1 
ATOM   377  C  CE1 . PHE A 1 46  ? 1.672   13.546  3.252   1.00 19.83 ? 46  PHE A CE1 1 
ATOM   378  C  CE2 . PHE A 1 46  ? 2.365   11.308  4.008   1.00 21.18 ? 46  PHE A CE2 1 
ATOM   379  C  CZ  . PHE A 1 46  ? 1.802   12.178  3.039   1.00 20.86 ? 46  PHE A CZ  1 
ATOM   380  N  N   . LYS A 1 47  ? 5.612   16.321  7.995   1.00 29.17 ? 47  LYS A N   1 
ATOM   381  C  CA  . LYS A 1 47  ? 6.081   16.756  9.333   1.00 30.41 ? 47  LYS A CA  1 
ATOM   382  C  C   . LYS A 1 47  ? 5.178   17.735  10.051  1.00 30.42 ? 47  LYS A C   1 
ATOM   383  O  O   . LYS A 1 47  ? 5.200   17.811  11.310  1.00 30.05 ? 47  LYS A O   1 
ATOM   384  C  CB  . LYS A 1 47  ? 7.518   17.232  9.263   1.00 33.10 ? 47  LYS A CB  1 
ATOM   385  C  CG  . LYS A 1 47  ? 7.740   18.192  8.140   1.00 36.49 ? 47  LYS A CG  1 
ATOM   386  C  CD  . LYS A 1 47  ? 9.185   18.691  8.042   1.00 40.02 ? 47  LYS A CD  1 
ATOM   387  C  CE  . LYS A 1 47  ? 9.020   20.111  7.347   1.00 41.40 ? 47  LYS A CE  1 
ATOM   388  N  NZ  . LYS A 1 47  ? 10.371  20.355  6.684   1.00 43.39 ? 47  LYS A NZ  1 
ATOM   389  N  N   . HIS A 1 48  ? 4.338   18.459  9.350   1.00 30.00 ? 48  HIS A N   1 
ATOM   390  C  CA  . HIS A 1 48  ? 3.431   19.451  9.988   1.00 29.77 ? 48  HIS A CA  1 
ATOM   391  C  C   . HIS A 1 48  ? 2.148   18.818  10.466  1.00 30.96 ? 48  HIS A C   1 
ATOM   392  O  O   . HIS A 1 48  ? 1.216   19.504  10.921  1.00 31.05 ? 48  HIS A O   1 
ATOM   393  C  CB  . HIS A 1 48  ? 2.930   20.508  8.945   1.00 28.43 ? 48  HIS A CB  1 
ATOM   394  C  CG  . HIS A 1 48  ? 2.469   19.953  7.600   1.00 25.96 ? 48  HIS A CG  1 
ATOM   395  N  ND1 . HIS A 1 48  ? 1.172   20.124  7.096   1.00 24.25 ? 48  HIS A ND1 1 
ATOM   396  C  CD2 . HIS A 1 48  ? 3.166   19.298  6.656   1.00 24.09 ? 48  HIS A CD2 1 
ATOM   397  C  CE1 . HIS A 1 48  ? 1.070   19.527  5.930   1.00 23.38 ? 48  HIS A CE1 1 
ATOM   398  N  NE2 . HIS A 1 48  ? 2.266   19.018  5.651   1.00 25.42 ? 48  HIS A NE2 1 
ATOM   399  N  N   . LEU A 1 49  ? 2.064   17.511  10.194  1.00 31.16 ? 49  LEU A N   1 
ATOM   400  C  CA  . LEU A 1 49  ? 0.784   16.847  10.512  1.00 32.07 ? 49  LEU A CA  1 
ATOM   401  C  C   . LEU A 1 49  ? 0.912   16.239  11.886  1.00 34.61 ? 49  LEU A C   1 
ATOM   402  O  O   . LEU A 1 49  ? 1.833   15.437  12.000  1.00 34.53 ? 49  LEU A O   1 
ATOM   403  C  CB  . LEU A 1 49  ? 0.571   15.932  9.334   1.00 29.13 ? 49  LEU A CB  1 
ATOM   404  C  CG  . LEU A 1 49  ? -0.461  16.298  8.289   1.00 28.26 ? 49  LEU A CG  1 
ATOM   405  C  CD1 . LEU A 1 49  ? -0.883  17.715  8.203   1.00 27.58 ? 49  LEU A CD1 1 
ATOM   406  C  CD2 . LEU A 1 49  ? -0.035  15.670  6.964   1.00 27.09 ? 49  LEU A CD2 1 
ATOM   407  N  N   . LYS A 1 50  ? -0.003  16.583  12.775  1.00 36.96 ? 50  LYS A N   1 
ATOM   408  C  CA  . LYS A 1 50  ? 0.001   16.136  14.160  1.00 39.33 ? 50  LYS A CA  1 
ATOM   409  C  C   . LYS A 1 50  ? -1.259  15.376  14.529  1.00 40.03 ? 50  LYS A C   1 
ATOM   410  O  O   . LYS A 1 50  ? -1.191  14.176  14.823  1.00 41.66 ? 50  LYS A O   1 
ATOM   411  C  CB  . LYS A 1 50  ? 0.029   17.276  15.221  1.00 41.10 ? 50  LYS A CB  1 
ATOM   412  C  CG  . LYS A 1 50  ? 1.032   18.404  15.068  1.00 42.36 ? 50  LYS A CG  1 
ATOM   413  C  CD  . LYS A 1 50  ? 2.100   18.155  14.036  1.00 43.95 ? 50  LYS A CD  1 
ATOM   414  C  CE  . LYS A 1 50  ? 3.530   18.178  14.492  1.00 44.22 ? 50  LYS A CE  1 
ATOM   415  N  NZ  . LYS A 1 50  ? 4.271   19.401  14.094  1.00 45.06 ? 50  LYS A NZ  1 
ATOM   416  N  N   . THR A 1 51  ? -2.330  16.121  14.659  1.00 39.82 ? 51  THR A N   1 
ATOM   417  C  CA  . THR A 1 51  ? -3.623  15.530  15.045  1.00 39.29 ? 51  THR A CA  1 
ATOM   418  C  C   . THR A 1 51  ? -4.211  14.740  13.895  1.00 38.68 ? 51  THR A C   1 
ATOM   419  O  O   . THR A 1 51  ? -3.888  15.006  12.722  1.00 39.96 ? 51  THR A O   1 
ATOM   420  C  CB  . THR A 1 51  ? -4.637  16.686  15.434  1.00 39.56 ? 51  THR A CB  1 
ATOM   421  O  OG1 . THR A 1 51  ? -5.156  17.229  14.164  1.00 39.40 ? 51  THR A OG1 1 
ATOM   422  C  CG2 . THR A 1 51  ? -4.061  17.799  16.298  1.00 40.74 ? 51  THR A CG2 1 
ATOM   423  N  N   . GLU A 1 52  ? -5.122  13.848  14.224  1.00 37.28 ? 52  GLU A N   1 
ATOM   424  C  CA  . GLU A 1 52  ? -5.818  13.051  13.248  1.00 35.93 ? 52  GLU A CA  1 
ATOM   425  C  C   . GLU A 1 52  ? -6.600  14.024  12.354  1.00 34.86 ? 52  GLU A C   1 
ATOM   426  O  O   . GLU A 1 52  ? -6.770  13.826  11.143  1.00 34.60 ? 52  GLU A O   1 
ATOM   427  C  CB  . GLU A 1 52  ? -6.815  12.052  13.788  1.00 38.01 ? 52  GLU A CB  1 
ATOM   428  C  CG  . GLU A 1 52  ? -7.326  11.014  12.740  1.00 41.30 ? 52  GLU A CG  1 
ATOM   429  C  CD  . GLU A 1 52  ? -8.161  9.963   13.427  1.00 43.41 ? 52  GLU A CD  1 
ATOM   430  O  OE1 . GLU A 1 52  ? -7.693  9.084   14.148  1.00 46.01 ? 52  GLU A OE1 1 
ATOM   431  O  OE2 . GLU A 1 52  ? -9.382  10.074  13.222  1.00 44.64 ? 52  GLU A OE2 1 
ATOM   432  N  N   . ALA A 1 53  ? -7.044  15.054  13.039  1.00 32.94 ? 53  ALA A N   1 
ATOM   433  C  CA  . ALA A 1 53  ? -7.866  16.168  12.502  1.00 30.64 ? 53  ALA A CA  1 
ATOM   434  C  C   . ALA A 1 53  ? -7.143  16.896  11.339  1.00 26.96 ? 53  ALA A C   1 
ATOM   435  O  O   . ALA A 1 53  ? -7.686  17.228  10.306  1.00 25.10 ? 53  ALA A O   1 
ATOM   436  C  CB  . ALA A 1 53  ? -7.996  17.167  13.662  1.00 31.69 ? 53  ALA A CB  1 
ATOM   437  N  N   . GLU A 1 54  ? -5.900  17.078  11.664  1.00 25.92 ? 54  GLU A N   1 
ATOM   438  C  CA  . GLU A 1 54  ? -4.931  17.700  10.752  1.00 26.26 ? 54  GLU A CA  1 
ATOM   439  C  C   . GLU A 1 54  ? -4.738  16.755  9.534   1.00 24.03 ? 54  GLU A C   1 
ATOM   440  O  O   . GLU A 1 54  ? -4.833  17.220  8.398   1.00 22.37 ? 54  GLU A O   1 
ATOM   441  C  CB  . GLU A 1 54  ? -3.607  17.768  11.503  1.00 30.06 ? 54  GLU A CB  1 
ATOM   442  C  CG  . GLU A 1 54  ? -3.546  19.031  12.410  1.00 36.90 ? 54  GLU A CG  1 
ATOM   443  C  CD  . GLU A 1 54  ? -2.356  18.911  13.344  1.00 40.68 ? 54  GLU A CD  1 
ATOM   444  O  OE1 . GLU A 1 54  ? -1.233  18.629  12.939  1.00 43.11 ? 54  GLU A OE1 1 
ATOM   445  O  OE2 . GLU A 1 54  ? -2.693  19.063  14.553  1.00 44.66 ? 54  GLU A OE2 1 
ATOM   446  N  N   . MET A 1 55  ? -4.554  15.475  9.811   1.00 22.30 ? 55  MET A N   1 
ATOM   447  C  CA  . MET A 1 55  ? -4.354  14.502  8.705   1.00 20.75 ? 55  MET A CA  1 
ATOM   448  C  C   . MET A 1 55  ? -5.557  14.520  7.785   1.00 20.72 ? 55  MET A C   1 
ATOM   449  O  O   . MET A 1 55  ? -5.518  14.517  6.553   1.00 18.66 ? 55  MET A O   1 
ATOM   450  C  CB  . MET A 1 55  ? -4.071  13.141  9.270   1.00 21.84 ? 55  MET A CB  1 
ATOM   451  C  CG  . MET A 1 55  ? -2.733  13.060  9.916   1.00 24.10 ? 55  MET A CG  1 
ATOM   452  S  SD  . MET A 1 55  ? -2.504  11.427  10.733  1.00 27.96 ? 55  MET A SD  1 
ATOM   453  C  CE  . MET A 1 55  ? -0.792  11.573  11.225  1.00 25.56 ? 55  MET A CE  1 
ATOM   454  N  N   . LYS A 1 56  ? -6.752  14.497  8.422   1.00 21.04 ? 56  LYS A N   1 
ATOM   455  C  CA  . LYS A 1 56  ? -7.980  14.479  7.595   1.00 22.08 ? 56  LYS A CA  1 
ATOM   456  C  C   . LYS A 1 56  ? -8.192  15.664  6.748   1.00 21.66 ? 56  LYS A C   1 
ATOM   457  O  O   . LYS A 1 56  ? -8.883  15.608  5.743   1.00 23.12 ? 56  LYS A O   1 
ATOM   458  C  CB  . LYS A 1 56  ? -9.226  14.232  8.476   1.00 25.99 ? 56  LYS A CB  1 
ATOM   459  C  CG  . LYS A 1 56  ? -9.900  12.888  8.246   1.00 31.68 ? 56  LYS A CG  1 
ATOM   460  C  CD  . LYS A 1 56  ? -10.995 12.984  7.136   1.00 35.37 ? 56  LYS A CD  1 
ATOM   461  C  CE  . LYS A 1 56  ? -11.690 11.585  7.019   1.00 37.12 ? 56  LYS A CE  1 
ATOM   462  N  NZ  . LYS A 1 56  ? -11.910 11.290  5.546   1.00 39.18 ? 56  LYS A NZ  1 
ATOM   463  N  N   . ALA A 1 57  ? -7.724  16.827  7.141   1.00 22.19 ? 57  ALA A N   1 
ATOM   464  C  CA  . ALA A 1 57  ? -7.903  18.066  6.395   1.00 22.04 ? 57  ALA A CA  1 
ATOM   465  C  C   . ALA A 1 57  ? -6.722  18.289  5.406   1.00 22.06 ? 57  ALA A C   1 
ATOM   466  O  O   . ALA A 1 57  ? -6.819  19.260  4.620   1.00 22.24 ? 57  ALA A O   1 
ATOM   467  C  CB  . ALA A 1 57  ? -7.838  19.266  7.407   1.00 24.53 ? 57  ALA A CB  1 
ATOM   468  N  N   . SER A 1 58  ? -5.719  17.428  5.493   1.00 19.37 ? 58  SER A N   1 
ATOM   469  C  CA  . SER A 1 58  ? -4.550  17.658  4.642   1.00 18.85 ? 58  SER A CA  1 
ATOM   470  C  C   . SER A 1 58  ? -4.722  17.330  3.191   1.00 18.80 ? 58  SER A C   1 
ATOM   471  O  O   . SER A 1 58  ? -5.184  16.286  2.733   1.00 16.71 ? 58  SER A O   1 
ATOM   472  C  CB  . SER A 1 58  ? -3.328  16.903  5.232   1.00 17.38 ? 58  SER A CB  1 
ATOM   473  O  OG  . SER A 1 58  ? -2.198  17.149  4.350   1.00 15.13 ? 58  SER A OG  1 
ATOM   474  N  N   . GLU A 1 59  ? -4.289  18.284  2.356   1.00 18.49 ? 59  GLU A N   1 
ATOM   475  C  CA  . GLU A 1 59  ? -4.296  18.073  0.924   1.00 19.00 ? 59  GLU A CA  1 
ATOM   476  C  C   . GLU A 1 59  ? -3.016  17.293  0.514   1.00 17.16 ? 59  GLU A C   1 
ATOM   477  O  O   . GLU A 1 59  ? -3.177  16.558  -0.435  1.00 17.20 ? 59  GLU A O   1 
ATOM   478  C  CB  . GLU A 1 59  ? -4.277  19.322  0.074   1.00 26.76 ? 59  GLU A CB  1 
ATOM   479  C  CG  . GLU A 1 59  ? -5.582  19.629  -0.720  1.00 35.19 ? 59  GLU A CG  1 
ATOM   480  C  CD  . GLU A 1 59  ? -5.123  19.623  -2.195  1.00 39.87 ? 59  GLU A CD  1 
ATOM   481  O  OE1 . GLU A 1 59  ? -4.536  20.616  -2.658  1.00 42.02 ? 59  GLU A OE1 1 
ATOM   482  O  OE2 . GLU A 1 59  ? -5.440  18.491  -2.699  1.00 42.61 ? 59  GLU A OE2 1 
ATOM   483  N  N   . ASP A 1 60  ? -1.949  17.538  1.256   1.00 15.98 ? 60  ASP A N   1 
ATOM   484  C  CA  . ASP A 1 60  ? -0.657  16.811  0.943   1.00 14.44 ? 60  ASP A CA  1 
ATOM   485  C  C   . ASP A 1 60  ? -0.940  15.305  1.140   1.00 13.63 ? 60  ASP A C   1 
ATOM   486  O  O   . ASP A 1 60  ? -0.591  14.484  0.336   1.00 9.76  ? 60  ASP A O   1 
ATOM   487  C  CB  . ASP A 1 60  ? 0.474   17.216  1.858   1.00 17.50 ? 60  ASP A CB  1 
ATOM   488  C  CG  . ASP A 1 60  ? 1.060   18.583  1.450   1.00 21.02 ? 60  ASP A CG  1 
ATOM   489  O  OD1 . ASP A 1 60  ? 1.500   18.761  0.281   1.00 22.47 ? 60  ASP A OD1 1 
ATOM   490  O  OD2 . ASP A 1 60  ? 1.084   19.440  2.290   1.00 21.49 ? 60  ASP A OD2 1 
ATOM   491  N  N   . LEU A 1 61  ? -1.647  15.065  2.309   1.00 11.66 ? 61  LEU A N   1 
ATOM   492  C  CA  . LEU A 1 61  ? -1.978  13.620  2.599   1.00 11.31 ? 61  LEU A CA  1 
ATOM   493  C  C   . LEU A 1 61  ? -2.918  13.010  1.606   1.00 11.45 ? 61  LEU A C   1 
ATOM   494  O  O   . LEU A 1 61  ? -2.637  11.901  1.145   1.00 10.47 ? 61  LEU A O   1 
ATOM   495  C  CB  . LEU A 1 61  ? -2.352  13.498  4.064   1.00 12.84 ? 61  LEU A CB  1 
ATOM   496  C  CG  . LEU A 1 61  ? -2.408  12.043  4.628   1.00 13.74 ? 61  LEU A CG  1 
ATOM   497  C  CD1 . LEU A 1 61  ? -2.068  11.979  6.108   1.00 13.38 ? 61  LEU A CD1 1 
ATOM   498  C  CD2 . LEU A 1 61  ? -3.777  11.523  4.326   1.00 14.98 ? 61  LEU A CD2 1 
ATOM   499  N  N   . LYS A 1 62  ? -3.970  13.674  1.142   1.00 11.42 ? 62  LYS A N   1 
ATOM   500  C  CA  . LYS A 1 62  ? -4.909  13.125  0.188   1.00 13.59 ? 62  LYS A CA  1 
ATOM   501  C  C   . LYS A 1 62  ? -4.245  12.865  -1.188  1.00 14.84 ? 62  LYS A C   1 
ATOM   502  O  O   . LYS A 1 62  ? -4.479  11.892  -1.860  1.00 13.62 ? 62  LYS A O   1 
ATOM   503  C  CB  . LYS A 1 62  ? -6.077  14.073  0.082   1.00 15.14 ? 62  LYS A CB  1 
ATOM   504  C  CG  . LYS A 1 62  ? -7.017  13.829  -1.100  1.00 21.39 ? 62  LYS A CG  1 
ATOM   505  C  CD  . LYS A 1 62  ? -7.964  15.015  -1.172  1.00 23.96 ? 62  LYS A CD  1 
ATOM   506  C  CE  . LYS A 1 62  ? -9.412  14.559  -1.204  1.00 28.14 ? 62  LYS A CE  1 
ATOM   507  N  NZ  . LYS A 1 62  ? -10.222 15.832  -1.522  1.00 32.94 ? 62  LYS A NZ  1 
ATOM   508  N  N   . LYS A 1 63  ? -3.447  13.847  -1.647  1.00 15.07 ? 63  LYS A N   1 
ATOM   509  C  CA  . LYS A 1 63  ? -2.772  13.764  -2.963  1.00 14.29 ? 63  LYS A CA  1 
ATOM   510  C  C   . LYS A 1 63  ? -1.803  12.605  -2.881  1.00 13.75 ? 63  LYS A C   1 
ATOM   511  O  O   . LYS A 1 63  ? -1.765  11.864  -3.875  1.00 14.34 ? 63  LYS A O   1 
ATOM   512  C  CB  . LYS A 1 63  ? -2.051  15.102  -3.209  1.00 18.29 ? 63  LYS A CB  1 
ATOM   513  C  CG  . LYS A 1 63  ? -3.050  16.316  -3.352  1.00 22.34 ? 63  LYS A CG  1 
ATOM   514  C  CD  . LYS A 1 63  ? -2.094  17.521  -3.620  1.00 25.61 ? 63  LYS A CD  1 
ATOM   515  C  CE  . LYS A 1 63  ? -2.885  18.760  -3.874  1.00 28.69 ? 63  LYS A CE  1 
ATOM   516  N  NZ  . LYS A 1 63  ? -4.059  18.429  -4.743  1.00 32.26 ? 63  LYS A NZ  1 
ATOM   517  N  N   . HIS A 1 64  ? -1.056  12.434  -1.809  1.00 11.55 ? 64  HIS A N   1 
ATOM   518  C  CA  . HIS A 1 64  ? -0.129  11.293  -1.648  1.00 10.97 ? 64  HIS A CA  1 
ATOM   519  C  C   . HIS A 1 64  ? -0.869  9.989   -1.661  1.00 10.84 ? 64  HIS A C   1 
ATOM   520  O  O   . HIS A 1 64  ? -0.420  8.993   -2.232  1.00 10.36 ? 64  HIS A O   1 
ATOM   521  C  CB  . HIS A 1 64  ? 0.829   11.488  -0.459  1.00 11.60 ? 64  HIS A CB  1 
ATOM   522  C  CG  . HIS A 1 64  ? 1.936   10.474  -0.519  1.00 13.61 ? 64  HIS A CG  1 
ATOM   523  N  ND1 . HIS A 1 64  ? 2.871   10.548  -1.550  1.00 13.83 ? 64  HIS A ND1 1 
ATOM   524  C  CD2 . HIS A 1 64  ? 2.295   9.416   0.223   1.00 14.50 ? 64  HIS A CD2 1 
ATOM   525  C  CE1 . HIS A 1 64  ? 3.709   9.535   -1.397  1.00 14.42 ? 64  HIS A CE1 1 
ATOM   526  N  NE2 . HIS A 1 64  ? 3.423   8.840   -0.348  1.00 15.19 ? 64  HIS A NE2 1 
ATOM   527  N  N   . GLY A 1 65  ? -2.021  9.857   -1.025  1.00 9.86  ? 65  GLY A N   1 
ATOM   528  C  CA  . GLY A 1 65  ? -2.875  8.702   -0.980  1.00 11.00 ? 65  GLY A CA  1 
ATOM   529  C  C   . GLY A 1 65  ? -3.250  8.289   -2.386  1.00 11.26 ? 65  GLY A C   1 
ATOM   530  O  O   . GLY A 1 65  ? -3.158  7.083   -2.738  1.00 10.78 ? 65  GLY A O   1 
ATOM   531  N  N   . VAL A 1 66  ? -3.518  9.231   -3.207  1.00 10.40 ? 66  VAL A N   1 
ATOM   532  C  CA  . VAL A 1 66  ? -3.827  8.993   -4.615  1.00 10.93 ? 66  VAL A CA  1 
ATOM   533  C  C   . VAL A 1 66  ? -2.575  8.405   -5.357  1.00 10.58 ? 66  VAL A C   1 
ATOM   534  O  O   . VAL A 1 66  ? -2.690  7.365   -6.063  1.00 9.81  ? 66  VAL A O   1 
ATOM   535  C  CB  . VAL A 1 66  ? -4.413  10.222  -5.335  1.00 12.21 ? 66  VAL A CB  1 
ATOM   536  C  CG1 . VAL A 1 66  ? -4.564  9.991   -6.862  1.00 10.66 ? 66  VAL A CG1 1 
ATOM   537  C  CG2 . VAL A 1 66  ? -5.745  10.626  -4.723  1.00 10.75 ? 66  VAL A CG2 1 
ATOM   538  N  N   . THR A 1 67  ? -1.453  9.004   -5.223  1.00 11.20 ? 67  THR A N   1 
ATOM   539  C  CA  . THR A 1 67  ? -0.183  8.565   -5.801  1.00 11.48 ? 67  THR A CA  1 
ATOM   540  C  C   . THR A 1 67  ? 0.180   7.140   -5.386  1.00 11.97 ? 67  THR A C   1 
ATOM   541  O  O   . THR A 1 67  ? 0.514   6.276   -6.222  1.00 11.64 ? 67  THR A O   1 
ATOM   542  C  CB  . THR A 1 67  ? 1.003   9.468   -5.418  1.00 9.97  ? 67  THR A CB  1 
ATOM   543  O  OG1 . THR A 1 67  ? 0.651   10.792  -5.923  1.00 10.91 ? 67  THR A OG1 1 
ATOM   544  C  CG2 . THR A 1 67  ? 2.313   8.902   -5.943  1.00 10.70 ? 67  THR A CG2 1 
ATOM   545  N  N   . VAL A 1 68  ? 0.051   6.844   -4.091  1.00 10.37 ? 68  VAL A N   1 
ATOM   546  C  CA  . VAL A 1 68  ? 0.297   5.518   -3.556  1.00 10.87 ? 68  VAL A CA  1 
ATOM   547  C  C   . VAL A 1 68  ? -0.658  4.468   -4.159  1.00 11.48 ? 68  VAL A C   1 
ATOM   548  O  O   . VAL A 1 68  ? -0.133  3.387   -4.572  1.00 12.27 ? 68  VAL A O   1 
ATOM   549  C  CB  . VAL A 1 68  ? 0.208   5.580   -1.997  1.00 11.28 ? 68  VAL A CB  1 
ATOM   550  C  CG1 . VAL A 1 68  ? 0.250   4.091   -1.531  1.00 11.90 ? 68  VAL A CG1 1 
ATOM   551  C  CG2 . VAL A 1 68  ? 1.338   6.385   -1.362  1.00 10.27 ? 68  VAL A CG2 1 
ATOM   552  N  N   . LEU A 1 69  ? -1.956  4.756   -4.206  1.00 11.00 ? 69  LEU A N   1 
ATOM   553  C  CA  . LEU A 1 69  ? -2.949  3.823   -4.698  1.00 12.17 ? 69  LEU A CA  1 
ATOM   554  C  C   . LEU A 1 69  ? -2.848  3.650   -6.226  1.00 13.22 ? 69  LEU A C   1 
ATOM   555  O  O   . LEU A 1 69  ? -3.162  2.496   -6.620  1.00 14.12 ? 69  LEU A O   1 
ATOM   556  C  CB  . LEU A 1 69  ? -4.353  4.090   -4.178  1.00 11.76 ? 69  LEU A CB  1 
ATOM   557  C  CG  . LEU A 1 69  ? -4.529  4.006   -2.634  1.00 11.75 ? 69  LEU A CG  1 
ATOM   558  C  CD1 . LEU A 1 69  ? -6.009  4.178   -2.400  1.00 13.00 ? 69  LEU A CD1 1 
ATOM   559  C  CD2 . LEU A 1 69  ? -4.161  2.684   -2.072  1.00 13.05 ? 69  LEU A CD2 1 
ATOM   560  N  N   . THR A 1 70  ? -2.502  4.685   -6.895  1.00 13.73 ? 70  THR A N   1 
ATOM   561  C  CA  . THR A 1 70  ? -2.273  4.617   -8.397  1.00 16.00 ? 70  THR A CA  1 
ATOM   562  C  C   . THR A 1 70  ? -1.112  3.669   -8.697  1.00 14.45 ? 70  THR A C   1 
ATOM   563  O  O   . THR A 1 70  ? -1.196  2.746   -9.521  1.00 16.09 ? 70  THR A O   1 
ATOM   564  C  CB  . THR A 1 70  ? -1.983  6.074   -8.986  1.00 16.25 ? 70  THR A CB  1 
ATOM   565  O  OG1 . THR A 1 70  ? -3.303  6.735   -8.817  1.00 17.70 ? 70  THR A OG1 1 
ATOM   566  C  CG2 . THR A 1 70  ? -1.673  6.001   -10.495 1.00 18.52 ? 70  THR A CG2 1 
ATOM   567  N  N   . ALA A 1 71  ? 0.002   3.809   -8.087  1.00 14.30 ? 71  ALA A N   1 
ATOM   568  C  CA  . ALA A 1 71  ? 1.180   2.970   -8.250  1.00 15.06 ? 71  ALA A CA  1 
ATOM   569  C  C   . ALA A 1 71  ? 0.843   1.536   -7.834  1.00 15.15 ? 71  ALA A C   1 
ATOM   570  O  O   . ALA A 1 71  ? 1.111   0.597   -8.604  1.00 14.71 ? 71  ALA A O   1 
ATOM   571  C  CB  . ALA A 1 71  ? 2.398   3.489   -7.526  1.00 14.44 ? 71  ALA A CB  1 
ATOM   572  N  N   . LEU A 1 72  ? 0.257   1.283   -6.666  1.00 14.06 ? 72  LEU A N   1 
ATOM   573  C  CA  . LEU A 1 72  ? -0.053  -0.072  -6.241  1.00 13.23 ? 72  LEU A CA  1 
ATOM   574  C  C   . LEU A 1 72  ? -1.074  -0.751  -7.171  1.00 12.74 ? 72  LEU A C   1 
ATOM   575  O  O   . LEU A 1 72  ? -0.997  -1.951  -7.449  1.00 12.83 ? 72  LEU A O   1 
ATOM   576  C  CB  . LEU A 1 72  ? -0.570  0.025   -4.772  1.00 16.20 ? 72  LEU A CB  1 
ATOM   577  C  CG  . LEU A 1 72  ? -0.753  -1.432  -4.329  1.00 21.16 ? 72  LEU A CG  1 
ATOM   578  C  CD1 . LEU A 1 72  ? 0.658   -1.991  -4.102  1.00 24.07 ? 72  LEU A CD1 1 
ATOM   579  C  CD2 . LEU A 1 72  ? -1.688  -1.556  -3.174  1.00 24.78 ? 72  LEU A CD2 1 
ATOM   580  N  N   . GLY A 1 73  ? -2.096  -0.071  -7.633  1.00 11.60 ? 73  GLY A N   1 
ATOM   581  C  CA  . GLY A 1 73  ? -3.137  -0.532  -8.507  1.00 12.66 ? 73  GLY A CA  1 
ATOM   582  C  C   . GLY A 1 73  ? -2.487  -1.002  -9.853  1.00 14.62 ? 73  GLY A C   1 
ATOM   583  O  O   . GLY A 1 73  ? -2.949  -2.014  -10.436 1.00 14.66 ? 73  GLY A O   1 
ATOM   584  N  N   . ALA A 1 74  ? -1.508  -0.205  -10.291 1.00 14.62 ? 74  ALA A N   1 
ATOM   585  C  CA  . ALA A 1 74  ? -0.842  -0.545  -11.608 1.00 14.88 ? 74  ALA A CA  1 
ATOM   586  C  C   . ALA A 1 74  ? -0.111  -1.877  -11.454 1.00 15.30 ? 74  ALA A C   1 
ATOM   587  O  O   . ALA A 1 74  ? -0.042  -2.691  -12.404 1.00 14.84 ? 74  ALA A O   1 
ATOM   588  C  CB  . ALA A 1 74  ? 0.000   0.623   -12.059 1.00 14.70 ? 74  ALA A CB  1 
ATOM   589  N  N   . ILE A 1 75  ? 0.475   -2.114  -10.296 1.00 14.19 ? 75  ILE A N   1 
ATOM   590  C  CA  . ILE A 1 75  ? 1.209   -3.315  -9.929  1.00 13.69 ? 75  ILE A CA  1 
ATOM   591  C  C   . ILE A 1 75  ? 0.190   -4.478  -9.767  1.00 13.93 ? 75  ILE A C   1 
ATOM   592  O  O   . ILE A 1 75  ? 0.345   -5.575  -10.424 1.00 13.92 ? 75  ILE A O   1 
ATOM   593  C  CB  . ILE A 1 75  ? 2.125   -3.143  -8.686  1.00 11.26 ? 75  ILE A CB  1 
ATOM   594  C  CG1 . ILE A 1 75  ? 3.406   -2.287  -8.916  1.00 12.97 ? 75  ILE A CG1 1 
ATOM   595  C  CG2 . ILE A 1 75  ? 2.451   -4.493  -8.007  1.00 9.59  ? 75  ILE A CG2 1 
ATOM   596  C  CD1 . ILE A 1 75  ? 3.966   -1.684  -7.495  1.00 14.55 ? 75  ILE A CD1 1 
ATOM   597  N  N   . LEU A 1 76  ? -0.852  -4.356  -8.993  1.00 13.99 ? 76  LEU A N   1 
ATOM   598  C  CA  . LEU A 1 76  ? -1.812  -5.454  -8.795  1.00 13.60 ? 76  LEU A CA  1 
ATOM   599  C  C   . LEU A 1 76  ? -2.432  -5.898  -10.104 1.00 13.77 ? 76  LEU A C   1 
ATOM   600  O  O   . LEU A 1 76  ? -2.656  -7.105  -10.292 1.00 14.96 ? 76  LEU A O   1 
ATOM   601  C  CB  . LEU A 1 76  ? -2.929  -5.058  -7.802  1.00 13.73 ? 76  LEU A CB  1 
ATOM   602  C  CG  . LEU A 1 76  ? -2.473  -4.843  -6.384  1.00 16.16 ? 76  LEU A CG  1 
ATOM   603  C  CD1 . LEU A 1 76  ? -3.603  -4.344  -5.444  1.00 16.59 ? 76  LEU A CD1 1 
ATOM   604  C  CD2 . LEU A 1 76  ? -1.895  -6.144  -5.862  1.00 17.56 ? 76  LEU A CD2 1 
ATOM   605  N  N   . LYS A 1 77  ? -2.712  -4.979  -10.956 1.00 14.77 ? 77  LYS A N   1 
ATOM   606  C  CA  . LYS A 1 77  ? -3.318  -5.321  -12.250 1.00 15.89 ? 77  LYS A CA  1 
ATOM   607  C  C   . LYS A 1 77  ? -2.420  -6.197  -13.121 1.00 15.10 ? 77  LYS A C   1 
ATOM   608  O  O   . LYS A 1 77  ? -2.969  -6.892  -14.021 1.00 15.04 ? 77  LYS A O   1 
ATOM   609  C  CB  . LYS A 1 77  ? -3.855  -4.082  -12.991 1.00 19.15 ? 77  LYS A CB  1 
ATOM   610  C  CG  . LYS A 1 77  ? -5.226  -3.712  -12.264 1.00 22.81 ? 77  LYS A CG  1 
ATOM   611  C  CD  . LYS A 1 77  ? -5.138  -2.209  -11.993 1.00 27.12 ? 77  LYS A CD  1 
ATOM   612  C  CE  . LYS A 1 77  ? -6.438  -1.482  -12.406 1.00 28.88 ? 77  LYS A CE  1 
ATOM   613  N  NZ  . LYS A 1 77  ? -5.993  -0.093  -12.837 1.00 32.55 ? 77  LYS A NZ  1 
ATOM   614  N  N   . LYS A 1 78  ? -1.163  -6.247  -12.866 1.00 14.22 ? 78  LYS A N   1 
ATOM   615  C  CA  . LYS A 1 78  ? -0.212  -7.071  -13.614 1.00 16.43 ? 78  LYS A CA  1 
ATOM   616  C  C   . LYS A 1 78  ? -0.247  -8.529  -13.142 1.00 17.44 ? 78  LYS A C   1 
ATOM   617  O  O   . LYS A 1 78  ? 0.412   -9.374  -13.786 1.00 16.29 ? 78  LYS A O   1 
ATOM   618  C  CB  . LYS A 1 78  ? 1.186   -6.468  -13.569 1.00 16.16 ? 78  LYS A CB  1 
ATOM   619  C  CG  . LYS A 1 78  ? 1.251   -5.142  -14.377 1.00 19.69 ? 78  LYS A CG  1 
ATOM   620  C  CD  . LYS A 1 78  ? 2.465   -4.376  -13.816 1.00 26.05 ? 78  LYS A CD  1 
ATOM   621  C  CE  . LYS A 1 78  ? 3.828   -4.752  -14.342 1.00 27.48 ? 78  LYS A CE  1 
ATOM   622  N  NZ  . LYS A 1 78  ? 4.980   -3.826  -14.284 1.00 19.78 ? 78  LYS A NZ  1 
ATOM   623  N  N   . LYS A 1 79  ? -0.974  -8.835  -12.059 1.00 17.48 ? 79  LYS A N   1 
ATOM   624  C  CA  . LYS A 1 79  ? -1.050  -10.196 -11.525 1.00 18.60 ? 79  LYS A CA  1 
ATOM   625  C  C   . LYS A 1 79  ? 0.256   -10.950 -11.419 1.00 18.52 ? 79  LYS A C   1 
ATOM   626  O  O   . LYS A 1 79  ? 0.282   -12.139 -11.862 1.00 17.85 ? 79  LYS A O   1 
ATOM   627  C  CB  . LYS A 1 79  ? -1.989  -11.145 -12.382 1.00 19.16 ? 79  LYS A CB  1 
ATOM   628  C  CG  . LYS A 1 79  ? -3.237  -10.358 -12.511 1.00 22.75 ? 79  LYS A CG  1 
ATOM   629  C  CD  . LYS A 1 79  ? -4.410  -10.495 -13.334 1.00 25.67 ? 79  LYS A CD  1 
ATOM   630  C  CE  . LYS A 1 79  ? -4.685  -11.962 -13.552 1.00 26.68 ? 79  LYS A CE  1 
ATOM   631  N  NZ  . LYS A 1 79  ? -5.209  -11.902 -14.972 1.00 31.36 ? 79  LYS A NZ  1 
ATOM   632  N  N   . GLY A 1 80  ? 1.221   -10.319 -10.791 1.00 17.51 ? 80  GLY A N   1 
ATOM   633  C  CA  . GLY A 1 80  ? 2.506   -10.978 -10.565 1.00 18.62 ? 80  GLY A CA  1 
ATOM   634  C  C   . GLY A 1 80  ? 3.536   -10.659 -11.663 1.00 18.20 ? 80  GLY A C   1 
ATOM   635  O  O   . GLY A 1 80  ? 4.742   -10.808 -11.288 1.00 20.50 ? 80  GLY A O   1 
ATOM   636  N  N   . HIS A 1 81  ? 3.161   -10.205 -12.793 1.00 16.87 ? 81  HIS A N   1 
ATOM   637  C  CA  . HIS A 1 81  ? 4.136   -9.896  -13.878 1.00 16.38 ? 81  HIS A CA  1 
ATOM   638  C  C   . HIS A 1 81  ? 4.389   -8.437  -13.760 1.00 14.91 ? 81  HIS A C   1 
ATOM   639  O  O   . HIS A 1 81  ? 4.013   -7.682  -14.674 1.00 15.75 ? 81  HIS A O   1 
ATOM   640  C  CB  . HIS A 1 81  ? 3.405   -10.153 -15.288 1.00 19.95 ? 81  HIS A CB  1 
ATOM   641  C  CG  . HIS A 1 81  ? 3.262   -11.630 -15.293 1.00 24.03 ? 81  HIS A CG  1 
ATOM   642  N  ND1 . HIS A 1 81  ? 2.059   -12.245 -14.975 1.00 27.34 ? 81  HIS A ND1 1 
ATOM   643  C  CD2 . HIS A 1 81  ? 4.188   -12.588 -15.404 1.00 25.34 ? 81  HIS A CD2 1 
ATOM   644  C  CE1 . HIS A 1 81  ? 2.218   -13.562 -14.932 1.00 27.25 ? 81  HIS A CE1 1 
ATOM   645  N  NE2 . HIS A 1 81  ? 3.509   -13.776 -15.173 1.00 28.56 ? 81  HIS A NE2 1 
ATOM   646  N  N   . HIS A 1 82  ? 4.965   -7.974  -12.678 1.00 14.19 ? 82  HIS A N   1 
ATOM   647  C  CA  . HIS A 1 82  ? 5.030   -6.562  -12.414 1.00 15.06 ? 82  HIS A CA  1 
ATOM   648  C  C   . HIS A 1 82  ? 6.434   -6.032  -12.287 1.00 17.36 ? 82  HIS A C   1 
ATOM   649  O  O   . HIS A 1 82  ? 6.605   -4.908  -11.760 1.00 17.08 ? 82  HIS A O   1 
ATOM   650  C  CB  . HIS A 1 82  ? 4.303   -6.252  -11.052 1.00 13.26 ? 82  HIS A CB  1 
ATOM   651  C  CG  . HIS A 1 82  ? 4.695   -7.213  -9.946  1.00 12.79 ? 82  HIS A CG  1 
ATOM   652  N  ND1 . HIS A 1 82  ? 3.835   -7.908  -9.129  1.00 14.41 ? 82  HIS A ND1 1 
ATOM   653  C  CD2 . HIS A 1 82  ? 5.906   -7.588  -9.445  1.00 12.84 ? 82  HIS A CD2 1 
ATOM   654  C  CE1 . HIS A 1 82  ? 4.483   -8.634  -8.226  1.00 13.65 ? 82  HIS A CE1 1 
ATOM   655  N  NE2 . HIS A 1 82  ? 5.732   -8.450  -8.398  1.00 13.73 ? 82  HIS A NE2 1 
ATOM   656  N  N   . GLU A 1 83  ? 7.393   -6.760  -12.775 1.00 18.92 ? 83  GLU A N   1 
ATOM   657  C  CA  . GLU A 1 83  ? 8.829   -6.316  -12.624 1.00 20.79 ? 83  GLU A CA  1 
ATOM   658  C  C   . GLU A 1 83  ? 9.074   -4.919  -13.060 1.00 20.57 ? 83  GLU A C   1 
ATOM   659  O  O   . GLU A 1 83  ? 9.651   -4.071  -12.319 1.00 19.33 ? 83  GLU A O   1 
ATOM   660  C  CB  . GLU A 1 83  ? 9.595   -7.387  -13.398 1.00 27.61 ? 83  GLU A CB  1 
ATOM   661  C  CG  . GLU A 1 83  ? 8.689   -7.938  -14.508 1.00 36.55 ? 83  GLU A CG  1 
ATOM   662  C  CD  . GLU A 1 83  ? 7.737   -9.083  -14.534 1.00 39.24 ? 83  GLU A CD  1 
ATOM   663  O  OE1 . GLU A 1 83  ? 7.689   -9.835  -13.506 1.00 43.04 ? 83  GLU A OE1 1 
ATOM   664  O  OE2 . GLU A 1 83  ? 7.032   -9.295  -15.535 1.00 40.61 ? 83  GLU A OE2 1 
ATOM   665  N  N   . ALA A 1 84  ? 8.547   -4.559  -14.227 1.00 19.76 ? 84  ALA A N   1 
ATOM   666  C  CA  . ALA A 1 84  ? 8.715   -3.258  -14.787 1.00 20.15 ? 84  ALA A CA  1 
ATOM   667  C  C   . ALA A 1 84  ? 8.128   -2.194  -13.867 1.00 21.33 ? 84  ALA A C   1 
ATOM   668  O  O   . ALA A 1 84  ? 8.787   -1.155  -13.736 1.00 22.57 ? 84  ALA A O   1 
ATOM   669  C  CB  . ALA A 1 84  ? 8.118   -3.092  -16.173 1.00 21.05 ? 84  ALA A CB  1 
ATOM   670  N  N   . GLU A 1 85  ? 6.898   -2.399  -13.433 1.00 21.25 ? 85  GLU A N   1 
ATOM   671  C  CA  . GLU A 1 85  ? 6.156   -1.410  -12.686 1.00 20.72 ? 85  GLU A CA  1 
ATOM   672  C  C   . GLU A 1 85  ? 6.713   -1.347  -11.292 1.00 19.84 ? 85  GLU A C   1 
ATOM   673  O  O   . GLU A 1 85  ? 6.662   -0.232  -10.698 1.00 21.01 ? 85  GLU A O   1 
ATOM   674  C  CB  . GLU A 1 85  ? 4.645   -1.759  -12.668 1.00 23.72 ? 85  GLU A CB  1 
ATOM   675  C  CG  . GLU A 1 85  ? 3.796   -1.479  -13.834 1.00 26.78 ? 85  GLU A CG  1 
ATOM   676  C  CD  . GLU A 1 85  ? 3.678   -2.147  -15.135 1.00 31.68 ? 85  GLU A CD  1 
ATOM   677  O  OE1 . GLU A 1 85  ? 4.419   -3.080  -15.490 1.00 28.65 ? 85  GLU A OE1 1 
ATOM   678  O  OE2 . GLU A 1 85  ? 2.779   -1.857  -16.024 1.00 35.96 ? 85  GLU A OE2 1 
ATOM   679  N  N   . LEU A 1 86  ? 7.207   -2.426  -10.759 1.00 17.84 ? 86  LEU A N   1 
ATOM   680  C  CA  . LEU A 1 86  ? 7.705   -2.402  -9.385  1.00 17.69 ? 86  LEU A CA  1 
ATOM   681  C  C   . LEU A 1 86  ? 9.102   -1.866  -9.184  1.00 16.67 ? 86  LEU A C   1 
ATOM   682  O  O   . LEU A 1 86  ? 9.377   -1.243  -8.142  1.00 15.81 ? 86  LEU A O   1 
ATOM   683  C  CB  . LEU A 1 86  ? 7.592   -3.859  -8.882  1.00 17.46 ? 86  LEU A CB  1 
ATOM   684  C  CG  . LEU A 1 86  ? 8.069   -4.043  -7.452  1.00 16.83 ? 86  LEU A CG  1 
ATOM   685  C  CD1 . LEU A 1 86  ? 7.178   -5.085  -6.816  1.00 17.44 ? 86  LEU A CD1 1 
ATOM   686  C  CD2 . LEU A 1 86  ? 9.497   -4.551  -7.386  1.00 15.70 ? 86  LEU A CD2 1 
ATOM   687  N  N   . LYS A 1 87  ? 10.024  -2.106  -10.129 1.00 15.70 ? 87  LYS A N   1 
ATOM   688  C  CA  . LYS A 1 87  ? 11.386  -1.691  -10.047 1.00 15.72 ? 87  LYS A CA  1 
ATOM   689  C  C   . LYS A 1 87  ? 11.606  -0.244  -9.650  1.00 16.65 ? 87  LYS A C   1 
ATOM   690  O  O   . LYS A 1 87  ? 12.427  0.046   -8.765  1.00 17.05 ? 87  LYS A O   1 
ATOM   691  C  CB  . LYS A 1 87  ? 12.198  -1.906  -11.363 1.00 18.67 ? 87  LYS A CB  1 
ATOM   692  C  CG  . LYS A 1 87  ? 13.700  -1.529  -11.093 1.00 20.22 ? 87  LYS A CG  1 
ATOM   693  C  CD  . LYS A 1 87  ? 14.639  -2.095  -12.197 1.00 20.81 ? 87  LYS A CD  1 
ATOM   694  C  CE  . LYS A 1 87  ? 15.683  -1.034  -12.636 1.00 23.13 ? 87  LYS A CE  1 
ATOM   695  N  NZ  . LYS A 1 87  ? 16.493  -1.726  -13.710 1.00 23.07 ? 87  LYS A NZ  1 
ATOM   696  N  N   . PRO A 1 88  ? 10.970  0.689   -10.281 1.00 16.85 ? 88  PRO A N   1 
ATOM   697  C  CA  . PRO A 1 88  ? 11.186  2.129   -9.970  1.00 17.57 ? 88  PRO A CA  1 
ATOM   698  C  C   . PRO A 1 88  ? 10.781  2.459   -8.552  1.00 16.61 ? 88  PRO A C   1 
ATOM   699  O  O   . PRO A 1 88  ? 11.445  3.219   -7.804  1.00 17.47 ? 88  PRO A O   1 
ATOM   700  C  CB  . PRO A 1 88  ? 10.305  2.835   -11.026 1.00 18.25 ? 88  PRO A CB  1 
ATOM   701  C  CG  . PRO A 1 88  ? 10.086  1.794   -12.119 1.00 18.11 ? 88  PRO A CG  1 
ATOM   702  C  CD  . PRO A 1 88  ? 10.060  0.447   -11.410 1.00 17.20 ? 88  PRO A CD  1 
ATOM   703  N  N   . LEU A 1 89  ? 9.698   1.828   -8.148  1.00 15.30 ? 89  LEU A N   1 
ATOM   704  C  CA  . LEU A 1 89  ? 9.149   2.008   -6.783  1.00 16.65 ? 89  LEU A CA  1 
ATOM   705  C  C   . LEU A 1 89  ? 10.094  1.494   -5.730  1.00 15.09 ? 89  LEU A C   1 
ATOM   706  O  O   . LEU A 1 89  ? 10.399  2.233   -4.756  1.00 14.73 ? 89  LEU A O   1 
ATOM   707  C  CB  . LEU A 1 89  ? 7.747   1.373   -6.838  1.00 20.54 ? 89  LEU A CB  1 
ATOM   708  C  CG  . LEU A 1 89  ? 6.959   1.221   -5.568  1.00 24.07 ? 89  LEU A CG  1 
ATOM   709  C  CD1 . LEU A 1 89  ? 6.920   2.469   -4.709  1.00 26.44 ? 89  LEU A CD1 1 
ATOM   710  C  CD2 . LEU A 1 89  ? 5.490   0.951   -6.012  1.00 25.21 ? 89  LEU A CD2 1 
ATOM   711  N  N   . ALA A 1 90  ? 10.633  0.325   -5.922  1.00 13.70 ? 90  ALA A N   1 
ATOM   712  C  CA  . ALA A 1 90  ? 11.590  -0.368  -5.052  1.00 13.60 ? 90  ALA A CA  1 
ATOM   713  C  C   . ALA A 1 90  ? 12.858  0.425   -4.847  1.00 13.93 ? 90  ALA A C   1 
ATOM   714  O  O   . ALA A 1 90  ? 13.282  0.816   -3.735  1.00 13.42 ? 90  ALA A O   1 
ATOM   715  C  CB  . ALA A 1 90  ? 11.931  -1.704  -5.667  1.00 14.53 ? 90  ALA A CB  1 
ATOM   716  N  N   . GLN A 1 91  ? 13.493  0.724   -5.960  1.00 13.38 ? 91  GLN A N   1 
ATOM   717  C  CA  . GLN A 1 91  ? 14.729  1.490   -5.952  1.00 13.83 ? 91  GLN A CA  1 
ATOM   718  C  C   . GLN A 1 91  ? 14.545  2.870   -5.305  1.00 13.34 ? 91  GLN A C   1 
ATOM   719  O  O   . GLN A 1 91  ? 15.479  3.236   -4.548  1.00 13.26 ? 91  GLN A O   1 
ATOM   720  C  CB  . GLN A 1 91  ? 15.361  1.586   -7.399  1.00 15.74 ? 91  GLN A CB  1 
ATOM   721  C  CG  . GLN A 1 91  ? 15.715  0.216   -7.926  1.00 18.63 ? 91  GLN A CG  1 
ATOM   722  C  CD  . GLN A 1 91  ? 16.570  0.191   -9.186  1.00 22.78 ? 91  GLN A CD  1 
ATOM   723  O  OE1 . GLN A 1 91  ? 16.798  1.154   -9.948  1.00 24.00 ? 91  GLN A OE1 1 
ATOM   724  N  NE2 . GLN A 1 91  ? 17.123  -1.026  -9.478  1.00 21.79 ? 91  GLN A NE2 1 
ATOM   725  N  N   . SER A 1 92  ? 13.509  3.620   -5.564  1.00 12.49 ? 92  SER A N   1 
ATOM   726  C  CA  . SER A 1 92  ? 13.327  4.923   -4.891  1.00 14.49 ? 92  SER A CA  1 
ATOM   727  C  C   . SER A 1 92  ? 13.127  4.787   -3.360  1.00 14.93 ? 92  SER A C   1 
ATOM   728  O  O   . SER A 1 92  ? 13.732  5.523   -2.598  1.00 14.68 ? 92  SER A O   1 
ATOM   729  C  CB  . SER A 1 92  ? 12.278  5.817   -5.468  1.00 14.16 ? 92  SER A CB  1 
ATOM   730  O  OG  . SER A 1 92  ? 11.081  5.159   -5.755  1.00 20.43 ? 92  SER A OG  1 
ATOM   731  N  N   . HIS A 1 93  ? 12.288  3.801   -3.008  1.00 14.88 ? 93  HIS A N   1 
ATOM   732  C  CA  . HIS A 1 93  ? 12.045  3.602   -1.553  1.00 15.26 ? 93  HIS A CA  1 
ATOM   733  C  C   . HIS A 1 93  ? 13.322  3.205   -0.880  1.00 16.19 ? 93  HIS A C   1 
ATOM   734  O  O   . HIS A 1 93  ? 13.456  3.490   0.339   1.00 15.43 ? 93  HIS A O   1 
ATOM   735  C  CB  . HIS A 1 93  ? 10.876  2.553   -1.319  1.00 16.23 ? 93  HIS A CB  1 
ATOM   736  C  CG  . HIS A 1 93  ? 9.568   3.305   -1.533  1.00 17.91 ? 93  HIS A CG  1 
ATOM   737  N  ND1 . HIS A 1 93  ? 9.140   3.837   -2.708  1.00 17.52 ? 93  HIS A ND1 1 
ATOM   738  C  CD2 . HIS A 1 93  ? 8.616   3.648   -0.606  1.00 17.80 ? 93  HIS A CD2 1 
ATOM   739  C  CE1 . HIS A 1 93  ? 7.967   4.453   -2.577  1.00 18.11 ? 93  HIS A CE1 1 
ATOM   740  N  NE2 . HIS A 1 93  ? 7.702   4.328   -1.284  1.00 18.59 ? 93  HIS A NE2 1 
ATOM   741  N  N   . ALA A 1 94  ? 14.253  2.580   -1.622  1.00 16.32 ? 94  ALA A N   1 
ATOM   742  C  CA  . ALA A 1 94  ? 15.524  2.154   -1.048  1.00 17.84 ? 94  ALA A CA  1 
ATOM   743  C  C   . ALA A 1 94  ? 16.440  3.367   -0.935  1.00 19.16 ? 94  ALA A C   1 
ATOM   744  O  O   . ALA A 1 94  ? 16.734  3.886   0.123   1.00 20.75 ? 94  ALA A O   1 
ATOM   745  C  CB  . ALA A 1 94  ? 16.266  1.031   -1.749  1.00 18.45 ? 94  ALA A CB  1 
ATOM   746  N  N   . THR A 1 95  ? 16.819  3.897   -2.031  1.00 21.96 ? 95  THR A N   1 
ATOM   747  C  CA  . THR A 1 95  ? 17.738  5.003   -2.193  1.00 24.84 ? 95  THR A CA  1 
ATOM   748  C  C   . THR A 1 95  ? 17.306  6.364   -1.729  1.00 25.40 ? 95  THR A C   1 
ATOM   749  O  O   . THR A 1 95  ? 18.191  6.988   -1.089  1.00 26.74 ? 95  THR A O   1 
ATOM   750  C  CB  . THR A 1 95  ? 18.280  5.167   -3.719  1.00 26.81 ? 95  THR A CB  1 
ATOM   751  O  OG1 . THR A 1 95  ? 18.645  3.823   -4.152  1.00 27.94 ? 95  THR A OG1 1 
ATOM   752  C  CG2 . THR A 1 95  ? 19.575  5.992   -3.699  1.00 28.42 ? 95  THR A CG2 1 
ATOM   753  N  N   . LYS A 1 96  ? 16.122  6.786   -2.166  1.00 25.09 ? 96  LYS A N   1 
ATOM   754  C  CA  . LYS A 1 96  ? 15.670  8.118   -1.794  1.00 24.97 ? 96  LYS A CA  1 
ATOM   755  C  C   . LYS A 1 96  ? 14.971  8.053   -0.427  1.00 24.84 ? 96  LYS A C   1 
ATOM   756  O  O   . LYS A 1 96  ? 15.309  9.003   0.312   1.00 27.26 ? 96  LYS A O   1 
ATOM   757  C  CB  . LYS A 1 96  ? 14.754  8.918   -2.610  1.00 25.53 ? 96  LYS A CB  1 
ATOM   758  C  CG  . LYS A 1 96  ? 14.445  8.951   -4.029  1.00 28.01 ? 96  LYS A CG  1 
ATOM   759  C  CD  . LYS A 1 96  ? 13.513  10.165  -4.320  1.00 32.10 ? 96  LYS A CD  1 
ATOM   760  C  CE  . LYS A 1 96  ? 12.556  9.932   -5.497  1.00 33.89 ? 96  LYS A CE  1 
ATOM   761  N  NZ  . LYS A 1 96  ? 11.300  9.254   -5.060  1.00 34.73 ? 96  LYS A NZ  1 
ATOM   762  N  N   . HIS A 1 97  ? 14.085  7.170   -0.118  1.00 24.19 ? 97  HIS A N   1 
ATOM   763  C  CA  . HIS A 1 97  ? 13.337  7.245   1.181   1.00 23.16 ? 97  HIS A CA  1 
ATOM   764  C  C   . HIS A 1 97  ? 13.943  6.414   2.286   1.00 24.21 ? 97  HIS A C   1 
ATOM   765  O  O   . HIS A 1 97  ? 13.623  6.761   3.507   1.00 24.32 ? 97  HIS A O   1 
ATOM   766  C  CB  . HIS A 1 97  ? 11.832  6.959   0.923   1.00 21.88 ? 97  HIS A CB  1 
ATOM   767  C  CG  . HIS A 1 97  ? 11.333  7.709   -0.283  1.00 20.23 ? 97  HIS A CG  1 
ATOM   768  N  ND1 . HIS A 1 97  ? 11.424  9.060   -0.420  1.00 20.21 ? 97  HIS A ND1 1 
ATOM   769  C  CD2 . HIS A 1 97  ? 10.791  7.256   -1.456  1.00 21.67 ? 97  HIS A CD2 1 
ATOM   770  C  CE1 . HIS A 1 97  ? 10.920  9.429   -1.619  1.00 18.90 ? 97  HIS A CE1 1 
ATOM   771  N  NE2 . HIS A 1 97  ? 10.562  8.360   -2.267  1.00 20.17 ? 97  HIS A NE2 1 
ATOM   772  N  N   . LYS A 1 98  ? 14.707  5.377   2.051   1.00 23.50 ? 98  LYS A N   1 
ATOM   773  C  CA  . LYS A 1 98  ? 15.288  4.537   3.118   1.00 24.26 ? 98  LYS A CA  1 
ATOM   774  C  C   . LYS A 1 98  ? 14.194  4.018   4.041   1.00 24.98 ? 98  LYS A C   1 
ATOM   775  O  O   . LYS A 1 98  ? 14.053  4.224   5.255   1.00 25.07 ? 98  LYS A O   1 
ATOM   776  C  CB  . LYS A 1 98  ? 16.278  5.378   3.964   1.00 27.75 ? 98  LYS A CB  1 
ATOM   777  C  CG  . LYS A 1 98  ? 17.715  5.459   3.411   1.00 29.68 ? 98  LYS A CG  1 
ATOM   778  C  CD  . LYS A 1 98  ? 17.869  6.499   2.329   1.00 29.96 ? 98  LYS A CD  1 
ATOM   779  C  CE  . LYS A 1 98  ? 18.640  7.750   2.650   1.00 29.37 ? 98  LYS A CE  1 
ATOM   780  N  NZ  . LYS A 1 98  ? 18.385  8.771   1.570   1.00 28.52 ? 98  LYS A NZ  1 
ATOM   781  N  N   . ILE A 1 99  ? 13.348  3.203   3.419   1.00 25.01 ? 99  ILE A N   1 
ATOM   782  C  CA  . ILE A 1 99  ? 12.178  2.589   4.071   1.00 24.53 ? 99  ILE A CA  1 
ATOM   783  C  C   . ILE A 1 99  ? 12.507  1.122   4.245   1.00 24.15 ? 99  ILE A C   1 
ATOM   784  O  O   . ILE A 1 99  ? 12.674  0.331   3.268   1.00 22.93 ? 99  ILE A O   1 
ATOM   785  C  CB  . ILE A 1 99  ? 10.873  2.701   3.119   1.00 24.61 ? 99  ILE A CB  1 
ATOM   786  C  CG1 . ILE A 1 99  ? 10.413  4.110   2.793   1.00 22.99 ? 99  ILE A CG1 1 
ATOM   787  C  CG2 . ILE A 1 99  ? 9.702   1.802   3.607   1.00 24.81 ? 99  ILE A CG2 1 
ATOM   788  C  CD1 . ILE A 1 99  ? 10.546  5.227   3.863   1.00 24.31 ? 99  ILE A CD1 1 
ATOM   789  N  N   . PRO A 1 100 ? 12.537  0.728   5.510   1.00 24.03 ? 100 PRO A N   1 
ATOM   790  C  CA  . PRO A 1 100 ? 12.793  -0.711  5.794   1.00 22.69 ? 100 PRO A CA  1 
ATOM   791  C  C   . PRO A 1 100 ? 11.574  -1.482  5.327   1.00 21.62 ? 100 PRO A C   1 
ATOM   792  O  O   . PRO A 1 100 ? 10.428  -0.995  5.270   1.00 20.45 ? 100 PRO A O   1 
ATOM   793  C  CB  . PRO A 1 100 ? 12.984  -0.769  7.305   1.00 24.35 ? 100 PRO A CB  1 
ATOM   794  C  CG  . PRO A 1 100 ? 13.143  0.682   7.751   1.00 24.92 ? 100 PRO A CG  1 
ATOM   795  C  CD  . PRO A 1 100 ? 12.419  1.565   6.724   1.00 24.74 ? 100 PRO A CD  1 
ATOM   796  N  N   . ILE A 1 101 ? 11.867  -2.727  5.002   1.00 21.66 ? 101 ILE A N   1 
ATOM   797  C  CA  . ILE A 1 101 ? 10.843  -3.654  4.545   1.00 21.79 ? 101 ILE A CA  1 
ATOM   798  C  C   . ILE A 1 101 ? 9.641   -3.616  5.529   1.00 21.71 ? 101 ILE A C   1 
ATOM   799  O  O   . ILE A 1 101 ? 8.478   -3.700  5.159   1.00 21.02 ? 101 ILE A O   1 
ATOM   800  C  CB  . ILE A 1 101 ? 11.487  -5.061  4.375   1.00 22.09 ? 101 ILE A CB  1 
ATOM   801  C  CG1 . ILE A 1 101 ? 12.560  -5.039  3.238   1.00 24.42 ? 101 ILE A CG1 1 
ATOM   802  C  CG2 . ILE A 1 101 ? 10.423  -6.119  3.961   1.00 22.56 ? 101 ILE A CG2 1 
ATOM   803  C  CD1 . ILE A 1 101 ? 11.671  -4.773  1.917   1.00 29.09 ? 101 ILE A CD1 1 
ATOM   804  N  N   . LYS A 1 102 ? 9.994   -3.547  6.833   1.00 20.80 ? 102 LYS A N   1 
ATOM   805  C  CA  . LYS A 1 102 ? 9.022   -3.530  7.913   1.00 20.16 ? 102 LYS A CA  1 
ATOM   806  C  C   . LYS A 1 102 ? 7.857   -2.583  7.619   1.00 18.61 ? 102 LYS A C   1 
ATOM   807  O  O   . LYS A 1 102 ? 6.736   -2.969  7.926   1.00 16.97 ? 102 LYS A O   1 
ATOM   808  C  CB  . LYS A 1 102 ? 9.700   -3.023  9.243   1.00 23.70 ? 102 LYS A CB  1 
ATOM   809  C  CG  . LYS A 1 102 ? 8.919   -3.684  10.352  1.00 29.45 ? 102 LYS A CG  1 
ATOM   810  C  CD  . LYS A 1 102 ? 8.438   -5.074  9.864   1.00 33.32 ? 102 LYS A CD  1 
ATOM   811  C  CE  . LYS A 1 102 ? 7.913   -5.992  10.949  1.00 35.16 ? 102 LYS A CE  1 
ATOM   812  N  NZ  . LYS A 1 102 ? 6.387   -6.023  10.964  1.00 36.84 ? 102 LYS A NZ  1 
ATOM   813  N  N   . TYR A 1 103 ? 8.125   -1.392  7.093   1.00 16.81 ? 103 TYR A N   1 
ATOM   814  C  CA  . TYR A 1 103 ? 7.146   -0.362  6.783   1.00 16.55 ? 103 TYR A CA  1 
ATOM   815  C  C   . TYR A 1 103 ? 6.064   -0.774  5.774   1.00 15.06 ? 103 TYR A C   1 
ATOM   816  O  O   . TYR A 1 103 ? 4.952   -0.278  5.717   1.00 13.03 ? 103 TYR A O   1 
ATOM   817  C  CB  . TYR A 1 103 ? 7.831   0.948   6.362   1.00 22.99 ? 103 TYR A CB  1 
ATOM   818  C  CG  . TYR A 1 103 ? 8.390   1.742   7.520   1.00 28.23 ? 103 TYR A CG  1 
ATOM   819  C  CD1 . TYR A 1 103 ? 8.491   1.169   8.798   1.00 32.06 ? 103 TYR A CD1 1 
ATOM   820  C  CD2 . TYR A 1 103 ? 8.766   3.074   7.379   1.00 31.77 ? 103 TYR A CD2 1 
ATOM   821  C  CE1 . TYR A 1 103 ? 8.983   1.844   9.913   1.00 33.25 ? 103 TYR A CE1 1 
ATOM   822  C  CE2 . TYR A 1 103 ? 9.253   3.788   8.496   1.00 34.34 ? 103 TYR A CE2 1 
ATOM   823  C  CZ  . TYR A 1 103 ? 9.365   3.166   9.737   1.00 33.27 ? 103 TYR A CZ  1 
ATOM   824  O  OH  . TYR A 1 103 ? 9.838   3.911   10.761  1.00 36.59 ? 103 TYR A OH  1 
ATOM   825  N  N   . LEU A 1 104 ? 6.549   -1.663  4.883   1.00 14.80 ? 104 LEU A N   1 
ATOM   826  C  CA  . LEU A 1 104 ? 5.791   -2.286  3.831   1.00 13.25 ? 104 LEU A CA  1 
ATOM   827  C  C   . LEU A 1 104 ? 4.846   -3.295  4.496   1.00 13.34 ? 104 LEU A C   1 
ATOM   828  O  O   . LEU A 1 104 ? 3.750   -3.423  3.983   1.00 12.92 ? 104 LEU A O   1 
ATOM   829  C  CB  . LEU A 1 104 ? 6.686   -2.911  2.761   1.00 14.93 ? 104 LEU A CB  1 
ATOM   830  C  CG  . LEU A 1 104 ? 7.315   -1.938  1.739   1.00 16.72 ? 104 LEU A CG  1 
ATOM   831  C  CD1 . LEU A 1 104 ? 7.990   -0.820  2.356   1.00 18.46 ? 104 LEU A CD1 1 
ATOM   832  C  CD2 . LEU A 1 104 ? 8.234   -2.823  0.870   1.00 18.83 ? 104 LEU A CD2 1 
ATOM   833  N  N   . GLU A 1 105 ? 5.270   -3.942  5.550   1.00 14.60 ? 105 GLU A N   1 
ATOM   834  C  CA  . GLU A 1 105 ? 4.317   -4.875  6.253   1.00 15.23 ? 105 GLU A CA  1 
ATOM   835  C  C   . GLU A 1 105 ? 3.291   -3.986  6.890   1.00 13.93 ? 105 GLU A C   1 
ATOM   836  O  O   . GLU A 1 105 ? 2.124   -4.345  6.744   1.00 14.06 ? 105 GLU A O   1 
ATOM   837  C  CB  . GLU A 1 105 ? 5.049   -5.704  7.305   1.00 18.54 ? 105 GLU A CB  1 
ATOM   838  C  CG  . GLU A 1 105 ? 6.288   -6.425  6.758   1.00 25.66 ? 105 GLU A CG  1 
ATOM   839  C  CD  . GLU A 1 105 ? 6.944   -7.511  7.568   1.00 31.79 ? 105 GLU A CD  1 
ATOM   840  O  OE1 . GLU A 1 105 ? 6.215   -7.840  8.546   1.00 34.67 ? 105 GLU A OE1 1 
ATOM   841  O  OE2 . GLU A 1 105 ? 8.001   -8.134  7.348   1.00 32.96 ? 105 GLU A OE2 1 
ATOM   842  N  N   . PHE A 1 106 ? 3.630   -2.852  7.525   1.00 13.56 ? 106 PHE A N   1 
ATOM   843  C  CA  . PHE A 1 106 ? 2.665   -1.928  8.156   1.00 12.50 ? 106 PHE A CA  1 
ATOM   844  C  C   . PHE A 1 106 ? 1.581   -1.375  7.218   1.00 11.86 ? 106 PHE A C   1 
ATOM   845  O  O   . PHE A 1 106 ? 0.407   -1.337  7.510   1.00 11.17 ? 106 PHE A O   1 
ATOM   846  C  CB  . PHE A 1 106 ? 3.333   -0.750  8.878   1.00 12.39 ? 106 PHE A CB  1 
ATOM   847  C  CG  . PHE A 1 106 ? 4.274   -1.228  9.984   1.00 15.33 ? 106 PHE A CG  1 
ATOM   848  C  CD1 . PHE A 1 106 ? 4.109   -2.481  10.534  1.00 14.55 ? 106 PHE A CD1 1 
ATOM   849  C  CD2 . PHE A 1 106 ? 5.268   -0.356  10.437  1.00 16.51 ? 106 PHE A CD2 1 
ATOM   850  C  CE1 . PHE A 1 106 ? 4.988   -2.938  11.524  1.00 16.22 ? 106 PHE A CE1 1 
ATOM   851  C  CE2 . PHE A 1 106 ? 6.120   -0.770  11.494  1.00 15.96 ? 106 PHE A CE2 1 
ATOM   852  C  CZ  . PHE A 1 106 ? 5.942   -2.051  11.991  1.00 15.27 ? 106 PHE A CZ  1 
ATOM   853  N  N   . ILE A 1 107 ? 1.981   -0.870  6.002   1.00 9.90  ? 107 ILE A N   1 
ATOM   854  C  CA  . ILE A 1 107 ? 0.998   -0.335  5.094   1.00 10.60 ? 107 ILE A CA  1 
ATOM   855  C  C   . ILE A 1 107 ? 0.154   -1.511  4.500   1.00 10.42 ? 107 ILE A C   1 
ATOM   856  O  O   . ILE A 1 107 ? -1.038  -1.281  4.180   1.00 11.10 ? 107 ILE A O   1 
ATOM   857  C  CB  . ILE A 1 107 ? 1.676   0.567   4.072   1.00 12.53 ? 107 ILE A CB  1 
ATOM   858  C  CG1 . ILE A 1 107 ? 0.708   1.597   3.484   1.00 14.48 ? 107 ILE A CG1 1 
ATOM   859  C  CG2 . ILE A 1 107 ? 2.397   -0.315  2.941   1.00 11.64 ? 107 ILE A CG2 1 
ATOM   860  C  CD1 . ILE A 1 107 ? 1.393   2.773   2.689   1.00 15.80 ? 107 ILE A CD1 1 
ATOM   861  N  N   . SER A 1 108 ? 0.685   -2.707  4.436   1.00 9.97  ? 108 SER A N   1 
ATOM   862  C  CA  . SER A 1 108 ? -0.133  -3.851  3.958   1.00 9.65  ? 108 SER A CA  1 
ATOM   863  C  C   . SER A 1 108 ? -1.301  -4.096  4.935   1.00 11.10 ? 108 SER A C   1 
ATOM   864  O  O   . SER A 1 108 ? -2.480  -4.310  4.589   1.00 11.27 ? 108 SER A O   1 
ATOM   865  C  CB  . SER A 1 108 ? 0.721   -5.129  3.842   1.00 11.72 ? 108 SER A CB  1 
ATOM   866  O  OG  . SER A 1 108 ? 1.679   -4.857  2.723   1.00 15.02 ? 108 SER A OG  1 
ATOM   867  N  N   . GLU A 1 109 ? -0.938  -4.136  6.205   1.00 11.66 ? 109 GLU A N   1 
ATOM   868  C  CA  . GLU A 1 109 ? -1.983  -4.348  7.276   1.00 12.57 ? 109 GLU A CA  1 
ATOM   869  C  C   . GLU A 1 109 ? -3.005  -3.233  7.186   1.00 10.77 ? 109 GLU A C   1 
ATOM   870  O  O   . GLU A 1 109 ? -4.217  -3.520  7.288   1.00 11.20 ? 109 GLU A O   1 
ATOM   871  C  CB  . GLU A 1 109 ? -1.384  -4.367  8.682   1.00 17.80 ? 109 GLU A CB  1 
ATOM   872  C  CG  . GLU A 1 109 ? -0.341  -5.495  8.888   1.00 28.20 ? 109 GLU A CG  1 
ATOM   873  C  CD  . GLU A 1 109 ? 0.203   -5.395  10.322  1.00 36.21 ? 109 GLU A CD  1 
ATOM   874  O  OE1 . GLU A 1 109 ? -0.777  -5.667  11.161  1.00 40.76 ? 109 GLU A OE1 1 
ATOM   875  O  OE2 . GLU A 1 109 ? 1.360   -5.105  10.704  1.00 38.56 ? 109 GLU A OE2 1 
ATOM   876  N  N   . ALA A 1 110 ? -2.564  -2.027  7.018   1.00 10.00 ? 110 ALA A N   1 
ATOM   877  C  CA  . ALA A 1 110 ? -3.510  -0.858  6.884   1.00 10.31 ? 110 ALA A CA  1 
ATOM   878  C  C   . ALA A 1 110 ? -4.486  -1.015  5.752   1.00 10.34 ? 110 ALA A C   1 
ATOM   879  O  O   . ALA A 1 110 ? -5.676  -0.769  5.821   1.00 9.15  ? 110 ALA A O   1 
ATOM   880  C  CB  . ALA A 1 110 ? -2.778  0.465   6.702   1.00 10.60 ? 110 ALA A CB  1 
ATOM   881  N  N   . ILE A 1 111 ? -3.926  -1.456  4.538   1.00 9.97  ? 111 ILE A N   1 
ATOM   882  C  CA  . ILE A 1 111 ? -4.817  -1.620  3.393   1.00 9.68  ? 111 ILE A CA  1 
ATOM   883  C  C   . ILE A 1 111 ? -5.842  -2.701  3.644   1.00 9.59  ? 111 ILE A C   1 
ATOM   884  O  O   . ILE A 1 111 ? -7.030  -2.542  3.243   1.00 10.16 ? 111 ILE A O   1 
ATOM   885  C  CB  . ILE A 1 111 ? -3.838  -2.104  2.166   1.00 8.78  ? 111 ILE A CB  1 
ATOM   886  C  CG1 . ILE A 1 111 ? -3.021  -0.888  1.771   1.00 12.36 ? 111 ILE A CG1 1 
ATOM   887  C  CG2 . ILE A 1 111 ? -4.762  -2.652  1.047   1.00 10.11 ? 111 ILE A CG2 1 
ATOM   888  C  CD1 . ILE A 1 111 ? -1.705  -1.258  0.978   1.00 13.62 ? 111 ILE A CD1 1 
ATOM   889  N  N   . ILE A 1 112 ? -5.437  -3.790  4.224   1.00 10.25 ? 112 ILE A N   1 
ATOM   890  C  CA  . ILE A 1 112 ? -6.351  -4.904  4.529   1.00 13.20 ? 112 ILE A CA  1 
ATOM   891  C  C   . ILE A 1 112 ? -7.518  -4.500  5.496   1.00 13.51 ? 112 ILE A C   1 
ATOM   892  O  O   . ILE A 1 112 ? -8.713  -4.721  5.228   1.00 12.78 ? 112 ILE A O   1 
ATOM   893  C  CB  . ILE A 1 112 ? -5.590  -6.193  5.030   1.00 16.15 ? 112 ILE A CB  1 
ATOM   894  C  CG1 . ILE A 1 112 ? -5.037  -6.884  3.656   1.00 16.68 ? 112 ILE A CG1 1 
ATOM   895  C  CG2 . ILE A 1 112 ? -6.668  -7.091  5.690   1.00 15.69 ? 112 ILE A CG2 1 
ATOM   896  C  CD1 . ILE A 1 112 ? -3.843  -7.822  3.966   1.00 21.45 ? 112 ILE A CD1 1 
ATOM   897  N  N   . HIS A 1 113 ? -7.108  -3.780  6.499   1.00 12.30 ? 113 HIS A N   1 
ATOM   898  C  CA  . HIS A 1 113 ? -8.037  -3.241  7.492   1.00 13.38 ? 113 HIS A CA  1 
ATOM   899  C  C   . HIS A 1 113 ? -9.022  -2.330  6.842   1.00 13.42 ? 113 HIS A C   1 
ATOM   900  O  O   . HIS A 1 113 ? -10.239 -2.514  7.040   1.00 13.84 ? 113 HIS A O   1 
ATOM   901  C  CB  . HIS A 1 113 ? -7.298  -2.477  8.615   1.00 15.25 ? 113 HIS A CB  1 
ATOM   902  C  CG  . HIS A 1 113 ? -8.390  -1.848  9.414   1.00 21.81 ? 113 HIS A CG  1 
ATOM   903  N  ND1 . HIS A 1 113 ? -8.975  -2.453  10.522  1.00 24.65 ? 113 HIS A ND1 1 
ATOM   904  C  CD2 . HIS A 1 113 ? -9.119  -0.715  9.145   1.00 24.08 ? 113 HIS A CD2 1 
ATOM   905  C  CE1 . HIS A 1 113 ? -9.935  -1.646  10.942  1.00 25.14 ? 113 HIS A CE1 1 
ATOM   906  N  NE2 . HIS A 1 113 ? -10.039 -0.598  10.140  1.00 25.17 ? 113 HIS A NE2 1 
ATOM   907  N  N   . VAL A 1 114 ? -8.560  -1.360  6.037   1.00 12.92 ? 114 VAL A N   1 
ATOM   908  C  CA  . VAL A 1 114 ? -9.458  -0.463  5.399   1.00 13.29 ? 114 VAL A CA  1 
ATOM   909  C  C   . VAL A 1 114 ? -10.447 -1.144  4.451   1.00 13.57 ? 114 VAL A C   1 
ATOM   910  O  O   . VAL A 1 114 ? -11.591 -0.711  4.264   1.00 12.64 ? 114 VAL A O   1 
ATOM   911  C  CB  . VAL A 1 114 ? -8.715  0.738   4.751   1.00 13.87 ? 114 VAL A CB  1 
ATOM   912  C  CG1 . VAL A 1 114 ? -9.655  1.587   3.887   1.00 13.13 ? 114 VAL A CG1 1 
ATOM   913  C  CG2 . VAL A 1 114 ? -7.968  1.569   5.783   1.00 13.90 ? 114 VAL A CG2 1 
ATOM   914  N  N   . LEU A 1 115 ? -9.998  -2.105  3.673   1.00 13.76 ? 115 LEU A N   1 
ATOM   915  C  CA  . LEU A 1 115 ? -10.832 -2.803  2.673   1.00 14.98 ? 115 LEU A CA  1 
ATOM   916  C  C   . LEU A 1 115 ? -11.993 -3.527  3.397   1.00 15.87 ? 115 LEU A C   1 
ATOM   917  O  O   . LEU A 1 115 ? -13.154 -3.593  2.850   1.00 15.04 ? 115 LEU A O   1 
ATOM   918  C  CB  . LEU A 1 115 ? -9.914  -3.699  1.789   1.00 14.10 ? 115 LEU A CB  1 
ATOM   919  C  CG  . LEU A 1 115 ? -9.061  -2.960  0.768   1.00 16.47 ? 115 LEU A CG  1 
ATOM   920  C  CD1 . LEU A 1 115 ? -8.415  -3.897  -0.269  1.00 19.87 ? 115 LEU A CD1 1 
ATOM   921  C  CD2 . LEU A 1 115 ? -9.814  -1.923  0.025   1.00 18.27 ? 115 LEU A CD2 1 
ATOM   922  N  N   . HIS A 1 116 ? -11.636 -4.101  4.468   1.00 17.49 ? 116 HIS A N   1 
ATOM   923  C  CA  . HIS A 1 116 ? -12.545 -4.828  5.332   1.00 21.00 ? 116 HIS A CA  1 
ATOM   924  C  C   . HIS A 1 116 ? -13.615 -3.910  5.937   1.00 21.63 ? 116 HIS A C   1 
ATOM   925  O  O   . HIS A 1 116 ? -14.853 -4.182  5.847   1.00 21.49 ? 116 HIS A O   1 
ATOM   926  C  CB  . HIS A 1 116 ? -11.724 -5.535  6.460   1.00 24.54 ? 116 HIS A CB  1 
ATOM   927  C  CG  . HIS A 1 116 ? -12.702 -6.402  7.189   1.00 29.35 ? 116 HIS A CG  1 
ATOM   928  N  ND1 . HIS A 1 116 ? -13.198 -7.559  6.644   1.00 31.78 ? 116 HIS A ND1 1 
ATOM   929  C  CD2 . HIS A 1 116 ? -13.389 -6.204  8.332   1.00 31.43 ? 116 HIS A CD2 1 
ATOM   930  C  CE1 . HIS A 1 116 ? -14.072 -8.125  7.468   1.00 32.34 ? 116 HIS A CE1 1 
ATOM   931  N  NE2 . HIS A 1 116 ? -14.216 -7.320  8.486   1.00 33.02 ? 116 HIS A NE2 1 
ATOM   932  N  N   . SER A 1 117 ? -13.188 -2.754  6.442   1.00 21.87 ? 117 SER A N   1 
ATOM   933  C  CA  . SER A 1 117 ? -14.157 -1.796  7.025   1.00 23.28 ? 117 SER A CA  1 
ATOM   934  C  C   . SER A 1 117 ? -15.131 -1.298  5.986   1.00 24.17 ? 117 SER A C   1 
ATOM   935  O  O   . SER A 1 117 ? -16.384 -1.258  6.232   1.00 23.73 ? 117 SER A O   1 
ATOM   936  C  CB  . SER A 1 117 ? -13.454 -0.555  7.577   1.00 24.07 ? 117 SER A CB  1 
ATOM   937  O  OG  . SER A 1 117 ? -12.500 -1.072  8.477   1.00 29.09 ? 117 SER A OG  1 
ATOM   938  N  N   . ARG A 1 118 ? -14.504 -0.894  4.844   1.00 24.00 ? 118 ARG A N   1 
ATOM   939  C  CA  . ARG A 1 118 ? -15.226 -0.353  3.711   1.00 23.54 ? 118 ARG A CA  1 
ATOM   940  C  C   . ARG A 1 118 ? -15.993 -1.274  2.765   1.00 23.55 ? 118 ARG A C   1 
ATOM   941  O  O   . ARG A 1 118 ? -17.042 -0.726  2.270   1.00 23.35 ? 118 ARG A O   1 
ATOM   942  C  CB  . ARG A 1 118 ? -14.299 0.538   2.816   1.00 22.64 ? 118 ARG A CB  1 
ATOM   943  C  CG  . ARG A 1 118 ? -13.802 1.724   3.583   1.00 25.08 ? 118 ARG A CG  1 
ATOM   944  C  CD  . ARG A 1 118 ? -13.096 2.764   2.824   1.00 27.24 ? 118 ARG A CD  1 
ATOM   945  N  NE  . ARG A 1 118 ? -13.832 3.450   1.781   1.00 27.94 ? 118 ARG A NE  1 
ATOM   946  C  CZ  . ARG A 1 118 ? -13.560 4.731   1.484   1.00 28.36 ? 118 ARG A CZ  1 
ATOM   947  N  NH1 . ARG A 1 118 ? -12.715 5.427   2.270   1.00 29.73 ? 118 ARG A NH1 1 
ATOM   948  N  NH2 . ARG A 1 118 ? -14.176 5.297   0.455   1.00 28.47 ? 118 ARG A NH2 1 
ATOM   949  N  N   . HIS A 1 119 ? -15.573 -2.448  2.437   1.00 22.62 ? 119 HIS A N   1 
ATOM   950  C  CA  . HIS A 1 119 ? -16.179 -3.409  1.474   1.00 23.87 ? 119 HIS A CA  1 
ATOM   951  C  C   . HIS A 1 119 ? -16.341 -4.818  2.051   1.00 25.60 ? 119 HIS A C   1 
ATOM   952  O  O   . HIS A 1 119 ? -15.872 -5.740  1.430   1.00 25.60 ? 119 HIS A O   1 
ATOM   953  C  CB  . HIS A 1 119 ? -15.242 -3.610  0.256   1.00 21.25 ? 119 HIS A CB  1 
ATOM   954  C  CG  . HIS A 1 119 ? -15.052 -2.207  -0.297  1.00 22.05 ? 119 HIS A CG  1 
ATOM   955  N  ND1 . HIS A 1 119 ? -16.084 -1.449  -0.812  1.00 20.47 ? 119 HIS A ND1 1 
ATOM   956  C  CD2 . HIS A 1 119 ? -13.961 -1.432  -0.298  1.00 20.35 ? 119 HIS A CD2 1 
ATOM   957  C  CE1 . HIS A 1 119 ? -15.561 -0.235  -1.110  1.00 22.25 ? 119 HIS A CE1 1 
ATOM   958  N  NE2 . HIS A 1 119 ? -14.290 -0.243  -0.863  1.00 21.49 ? 119 HIS A NE2 1 
ATOM   959  N  N   . PRO A 1 120 ? -16.979 -4.870  3.201   1.00 28.01 ? 120 PRO A N   1 
ATOM   960  C  CA  . PRO A 1 120 ? -17.131 -6.130  3.893   1.00 30.42 ? 120 PRO A CA  1 
ATOM   961  C  C   . PRO A 1 120 ? -17.858 -7.144  3.026   1.00 31.67 ? 120 PRO A C   1 
ATOM   962  O  O   . PRO A 1 120 ? -17.413 -8.340  3.065   1.00 33.02 ? 120 PRO A O   1 
ATOM   963  C  CB  . PRO A 1 120 ? -17.687 -5.772  5.275   1.00 30.15 ? 120 PRO A CB  1 
ATOM   964  C  CG  . PRO A 1 120 ? -18.034 -4.325  5.283   1.00 29.93 ? 120 PRO A CG  1 
ATOM   965  C  CD  . PRO A 1 120 ? -17.631 -3.760  3.957   1.00 28.80 ? 120 PRO A CD  1 
ATOM   966  N  N   . GLY A 1 121 ? -18.840 -6.768  2.250   1.00 32.03 ? 121 GLY A N   1 
ATOM   967  C  CA  . GLY A 1 121 ? -19.573 -7.768  1.433   1.00 33.07 ? 121 GLY A CA  1 
ATOM   968  C  C   . GLY A 1 121 ? -18.763 -8.451  0.325   1.00 33.20 ? 121 GLY A C   1 
ATOM   969  O  O   . GLY A 1 121 ? -19.123 -9.550  -0.156  1.00 34.32 ? 121 GLY A O   1 
ATOM   970  N  N   . ASP A 1 122 ? -17.707 -7.779  -0.052  1.00 32.90 ? 122 ASP A N   1 
ATOM   971  C  CA  . ASP A 1 122 ? -16.723 -8.045  -1.040  1.00 32.29 ? 122 ASP A CA  1 
ATOM   972  C  C   . ASP A 1 122 ? -15.439 -8.544  -0.379  1.00 30.09 ? 122 ASP A C   1 
ATOM   973  O  O   . ASP A 1 122 ? -14.584 -9.087  -1.105  1.00 32.35 ? 122 ASP A O   1 
ATOM   974  C  CB  . ASP A 1 122 ? -16.250 -6.711  -1.696  1.00 38.81 ? 122 ASP A CB  1 
ATOM   975  C  CG  . ASP A 1 122 ? -16.969 -6.279  -2.935  1.00 42.32 ? 122 ASP A CG  1 
ATOM   976  O  OD1 . ASP A 1 122 ? -17.276 -7.132  -3.789  1.00 44.58 ? 122 ASP A OD1 1 
ATOM   977  O  OD2 . ASP A 1 122 ? -17.229 -5.037  -3.010  1.00 44.32 ? 122 ASP A OD2 1 
ATOM   978  N  N   . PHE A 1 123 ? -15.253 -8.165  0.830   1.00 26.72 ? 123 PHE A N   1 
ATOM   979  C  CA  . PHE A 1 123 ? -13.934 -8.491  1.474   1.00 23.34 ? 123 PHE A CA  1 
ATOM   980  C  C   . PHE A 1 123 ? -14.071 -9.546  2.522   1.00 21.22 ? 123 PHE A C   1 
ATOM   981  O  O   . PHE A 1 123 ? -13.798 -9.240  3.680   1.00 22.28 ? 123 PHE A O   1 
ATOM   982  C  CB  . PHE A 1 123 ? -13.262 -7.190  1.956   1.00 20.84 ? 123 PHE A CB  1 
ATOM   983  C  CG  . PHE A 1 123 ? -11.751 -7.298  1.930   1.00 19.38 ? 123 PHE A CG  1 
ATOM   984  C  CD1 . PHE A 1 123 ? -11.055 -7.428  0.716   1.00 17.57 ? 123 PHE A CD1 1 
ATOM   985  C  CD2 . PHE A 1 123 ? -11.041 -7.316  3.148   1.00 19.53 ? 123 PHE A CD2 1 
ATOM   986  C  CE1 . PHE A 1 123 ? -9.636  -7.529  0.744   1.00 18.61 ? 123 PHE A CE1 1 
ATOM   987  C  CE2 . PHE A 1 123 ? -9.642  -7.459  3.160   1.00 18.70 ? 123 PHE A CE2 1 
ATOM   988  C  CZ  . PHE A 1 123 ? -8.936  -7.534  1.966   1.00 16.71 ? 123 PHE A CZ  1 
ATOM   989  N  N   . GLY A 1 124 ? -14.431 -10.758 2.130   1.00 19.35 ? 124 GLY A N   1 
ATOM   990  C  CA  . GLY A 1 124 ? -14.570 -11.880 3.086   1.00 16.82 ? 124 GLY A CA  1 
ATOM   991  C  C   . GLY A 1 124 ? -13.242 -12.543 3.317   1.00 14.64 ? 124 GLY A C   1 
ATOM   992  O  O   . GLY A 1 124 ? -12.159 -12.062 2.918   1.00 13.78 ? 124 GLY A O   1 
ATOM   993  N  N   . ALA A 1 125 ? -13.309 -13.720 3.843   1.00 13.85 ? 125 ALA A N   1 
ATOM   994  C  CA  . ALA A 1 125 ? -12.134 -14.514 4.223   1.00 13.21 ? 125 ALA A CA  1 
ATOM   995  C  C   . ALA A 1 125 ? -11.355 -14.837 2.879   1.00 12.89 ? 125 ALA A C   1 
ATOM   996  O  O   . ALA A 1 125 ? -10.131 -14.731 3.001   1.00 12.62 ? 125 ALA A O   1 
ATOM   997  C  CB  . ALA A 1 125 ? -12.468 -15.763 4.944   1.00 14.36 ? 125 ALA A CB  1 
ATOM   998  N  N   . ASP A 1 126 ? -12.079 -15.239 1.885   1.00 12.14 ? 126 ASP A N   1 
ATOM   999  C  CA  . ASP A 1 126 ? -11.482 -15.619 0.610   1.00 13.84 ? 126 ASP A CA  1 
ATOM   1000 C  C   . ASP A 1 126 ? -10.718 -14.386 0.015   1.00 13.32 ? 126 ASP A C   1 
ATOM   1001 O  O   . ASP A 1 126 ? -9.524  -14.556 -0.357  1.00 15.78 ? 126 ASP A O   1 
ATOM   1002 C  CB  . ASP A 1 126 ? -12.488 -16.215 -0.368  1.00 12.55 ? 126 ASP A CB  1 
ATOM   1003 C  CG  . ASP A 1 126 ? -12.978 -17.639 0.029   1.00 14.38 ? 126 ASP A CG  1 
ATOM   1004 O  OD1 . ASP A 1 126 ? -12.451 -18.222 0.952   1.00 15.19 ? 126 ASP A OD1 1 
ATOM   1005 O  OD2 . ASP A 1 126 ? -13.880 -18.109 -0.613  1.00 14.50 ? 126 ASP A OD2 1 
ATOM   1006 N  N   . ALA A 1 127 ? -11.400 -13.292 -0.104  1.00 12.23 ? 127 ALA A N   1 
ATOM   1007 C  CA  . ALA A 1 127 ? -10.738 -12.050 -0.599  1.00 11.69 ? 127 ALA A CA  1 
ATOM   1008 C  C   . ALA A 1 127 ? -9.598  -11.597 0.314   1.00 12.20 ? 127 ALA A C   1 
ATOM   1009 O  O   . ALA A 1 127 ? -8.509  -11.121 -0.200  1.00 9.30  ? 127 ALA A O   1 
ATOM   1010 C  CB  . ALA A 1 127 ? -11.825 -11.054 -0.851  1.00 10.19 ? 127 ALA A CB  1 
ATOM   1011 N  N   . GLN A 1 128 ? -9.750  -11.633 1.647   1.00 12.73 ? 128 GLN A N   1 
ATOM   1012 C  CA  . GLN A 1 128 ? -8.624  -11.200 2.502   1.00 14.23 ? 128 GLN A CA  1 
ATOM   1013 C  C   . GLN A 1 128 ? -7.388  -12.045 2.342   1.00 12.76 ? 128 GLN A C   1 
ATOM   1014 O  O   . GLN A 1 128 ? -6.281  -11.505 2.362   1.00 12.82 ? 128 GLN A O   1 
ATOM   1015 C  CB  . GLN A 1 128 ? -8.875  -11.066 4.006   1.00 16.56 ? 128 GLN A CB  1 
ATOM   1016 C  CG  . GLN A 1 128 ? -10.150 -10.221 4.105   1.00 23.69 ? 128 GLN A CG  1 
ATOM   1017 C  CD  . GLN A 1 128 ? -10.559 -10.257 5.625   1.00 30.05 ? 128 GLN A CD  1 
ATOM   1018 O  OE1 . GLN A 1 128 ? -11.782 -10.468 5.876   1.00 33.20 ? 128 GLN A OE1 1 
ATOM   1019 N  NE2 . GLN A 1 128 ? -9.488  -10.128 6.404   1.00 29.77 ? 128 GLN A NE2 1 
ATOM   1020 N  N   . GLY A 1 129 ? -7.543  -13.312 2.164   1.00 11.93 ? 129 GLY A N   1 
ATOM   1021 C  CA  . GLY A 1 129 ? -6.523  -14.306 1.956   1.00 10.78 ? 129 GLY A CA  1 
ATOM   1022 C  C   . GLY A 1 129 ? -5.750  -13.993 0.615   1.00 10.71 ? 129 GLY A C   1 
ATOM   1023 O  O   . GLY A 1 129 ? -4.526  -13.934 0.672   1.00 9.12  ? 129 GLY A O   1 
ATOM   1024 N  N   . ALA A 1 130 ? -6.537  -13.739 -0.442  1.00 10.75 ? 130 ALA A N   1 
ATOM   1025 C  CA  . ALA A 1 130 ? -5.919  -13.434 -1.782  1.00 10.50 ? 130 ALA A CA  1 
ATOM   1026 C  C   . ALA A 1 130 ? -5.192  -12.094 -1.743  1.00 11.09 ? 130 ALA A C   1 
ATOM   1027 O  O   . ALA A 1 130 ? -4.123  -11.951 -2.273  1.00 11.11 ? 130 ALA A O   1 
ATOM   1028 C  CB  . ALA A 1 130 ? -7.047  -13.387 -2.802  1.00 10.70 ? 130 ALA A CB  1 
ATOM   1029 N  N   . MET A 1 131 ? -5.733  -11.071 -1.037  1.00 10.78 ? 131 MET A N   1 
ATOM   1030 C  CA  . MET A 1 131 ? -5.105  -9.749  -0.958  1.00 11.76 ? 131 MET A CA  1 
ATOM   1031 C  C   . MET A 1 131 ? -3.835  -9.907  -0.178  1.00 11.47 ? 131 MET A C   1 
ATOM   1032 O  O   . MET A 1 131 ? -2.756  -9.398  -0.464  1.00 11.08 ? 131 MET A O   1 
ATOM   1033 C  CB  . MET A 1 131 ? -6.107  -8.688  -0.444  1.00 12.34 ? 131 MET A CB  1 
ATOM   1034 C  CG  . MET A 1 131 ? -5.445  -7.313  -0.309  1.00 13.09 ? 131 MET A CG  1 
ATOM   1035 S  SD  . MET A 1 131 ? -5.092  -6.675  -2.014  1.00 18.16 ? 131 MET A SD  1 
ATOM   1036 C  CE  . MET A 1 131 ? -6.694  -6.485  -2.635  1.00 13.43 ? 131 MET A CE  1 
ATOM   1037 N  N   . ASN A 1 132 ? -3.921  -10.665 0.912   1.00 12.68 ? 132 ASN A N   1 
ATOM   1038 C  CA  . ASN A 1 132 ? -2.748  -10.874 1.764   1.00 12.52 ? 132 ASN A CA  1 
ATOM   1039 C  C   . ASN A 1 132 ? -1.612  -11.458 0.917   1.00 11.86 ? 132 ASN A C   1 
ATOM   1040 O  O   . ASN A 1 132 ? -0.450  -11.065 1.089   1.00 12.53 ? 132 ASN A O   1 
ATOM   1041 C  CB  . ASN A 1 132 ? -3.124  -11.770 2.920   1.00 18.56 ? 132 ASN A CB  1 
ATOM   1042 C  CG  . ASN A 1 132 ? -1.989  -11.597 3.929   1.00 25.18 ? 132 ASN A CG  1 
ATOM   1043 O  OD1 . ASN A 1 132 ? -1.203  -12.595 4.009   1.00 30.98 ? 132 ASN A OD1 1 
ATOM   1044 N  ND2 . ASN A 1 132 ? -1.938  -10.451 4.627   1.00 25.43 ? 132 ASN A ND2 1 
ATOM   1045 N  N   . LYS A 1 133 ? -2.042  -12.445 0.146   1.00 10.90 ? 133 LYS A N   1 
ATOM   1046 C  CA  . LYS A 1 133 ? -1.024  -13.080 -0.752  1.00 12.01 ? 133 LYS A CA  1 
ATOM   1047 C  C   . LYS A 1 133 ? -0.509  -12.102 -1.793  1.00 9.72  ? 133 LYS A C   1 
ATOM   1048 O  O   . LYS A 1 133 ? 0.690   -12.232 -1.954  1.00 10.93 ? 133 LYS A O   1 
ATOM   1049 C  CB  . LYS A 1 133 ? -1.555  -14.264 -1.585  1.00 15.48 ? 133 LYS A CB  1 
ATOM   1050 C  CG  . LYS A 1 133 ? -1.863  -15.411 -0.552  1.00 21.06 ? 133 LYS A CG  1 
ATOM   1051 C  CD  . LYS A 1 133 ? -2.745  -16.509 -1.159  1.00 23.95 ? 133 LYS A CD  1 
ATOM   1052 C  CE  . LYS A 1 133 ? -1.981  -17.387 -2.112  1.00 26.47 ? 133 LYS A CE  1 
ATOM   1053 N  NZ  . LYS A 1 133 ? -2.921  -18.571 -2.470  1.00 29.37 ? 133 LYS A NZ  1 
ATOM   1054 N  N   . ALA A 1 134 ? -1.271  -11.256 -2.390  1.00 10.51 ? 134 ALA A N   1 
ATOM   1055 C  CA  . ALA A 1 134 ? -0.804  -10.261 -3.391  1.00 9.32  ? 134 ALA A CA  1 
ATOM   1056 C  C   . ALA A 1 134 ? 0.159   -9.287  -2.762  1.00 11.22 ? 134 ALA A C   1 
ATOM   1057 O  O   . ALA A 1 134 ? 1.187   -8.962  -3.406  1.00 10.23 ? 134 ALA A O   1 
ATOM   1058 C  CB  . ALA A 1 134 ? -1.984  -9.621  -4.032  1.00 8.16  ? 134 ALA A CB  1 
ATOM   1059 N  N   . LEU A 1 135 ? -0.122  -8.800  -1.544  1.00 9.74  ? 135 LEU A N   1 
ATOM   1060 C  CA  . LEU A 1 135 ? 0.716   -7.822  -0.891  1.00 10.91 ? 135 LEU A CA  1 
ATOM   1061 C  C   . LEU A 1 135 ? 1.997   -8.502  -0.456  1.00 11.87 ? 135 LEU A C   1 
ATOM   1062 O  O   . LEU A 1 135 ? 3.061   -7.908  -0.439  1.00 11.41 ? 135 LEU A O   1 
ATOM   1063 C  CB  . LEU A 1 135 ? -0.068  -7.050  0.201   1.00 11.68 ? 135 LEU A CB  1 
ATOM   1064 C  CG  . LEU A 1 135 ? -1.244  -6.180  -0.261  1.00 12.02 ? 135 LEU A CG  1 
ATOM   1065 C  CD1 . LEU A 1 135 ? -2.106  -5.746  0.970   1.00 13.68 ? 135 LEU A CD1 1 
ATOM   1066 C  CD2 . LEU A 1 135 ? -0.768  -5.012  -1.117  1.00 14.73 ? 135 LEU A CD2 1 
ATOM   1067 N  N   . GLU A 1 136 ? 1.870   -9.752  -0.053  1.00 12.96 ? 136 GLU A N   1 
ATOM   1068 C  CA  . GLU A 1 136 ? 3.139   -10.415 0.340   1.00 15.23 ? 136 GLU A CA  1 
ATOM   1069 C  C   . GLU A 1 136 ? 4.000   -10.664 -0.881  1.00 13.45 ? 136 GLU A C   1 
ATOM   1070 O  O   . GLU A 1 136 ? 5.200   -10.469 -0.721  1.00 12.95 ? 136 GLU A O   1 
ATOM   1071 C  CB  . GLU A 1 136 ? 3.048   -11.484 1.341   1.00 22.52 ? 136 GLU A CB  1 
ATOM   1072 C  CG  . GLU A 1 136 ? 2.309   -12.723 0.959   1.00 30.99 ? 136 GLU A CG  1 
ATOM   1073 C  CD  . GLU A 1 136 ? 2.623   -13.919 1.878   1.00 35.60 ? 136 GLU A CD  1 
ATOM   1074 O  OE1 . GLU A 1 136 ? 3.784   -14.314 1.624   1.00 36.71 ? 136 GLU A OE1 1 
ATOM   1075 O  OE2 . GLU A 1 136 ? 1.704   -14.253 2.663   1.00 38.22 ? 136 GLU A OE2 1 
ATOM   1076 N  N   . LEU A 1 137 ? 3.575   -10.995 -2.046  1.00 13.87 ? 137 LEU A N   1 
ATOM   1077 C  CA  . LEU A 1 137 ? 4.379   -11.113 -3.283  1.00 13.84 ? 137 LEU A CA  1 
ATOM   1078 C  C   . LEU A 1 137 ? 5.034   -9.721  -3.594  1.00 14.44 ? 137 LEU A C   1 
ATOM   1079 O  O   . LEU A 1 137 ? 6.265   -9.738  -3.808  1.00 15.79 ? 137 LEU A O   1 
ATOM   1080 C  CB  . LEU A 1 137 ? 3.389   -11.566 -4.353  1.00 14.68 ? 137 LEU A CB  1 
ATOM   1081 C  CG  . LEU A 1 137 ? 4.103   -11.542 -5.755  1.00 15.82 ? 137 LEU A CG  1 
ATOM   1082 C  CD1 . LEU A 1 137 ? 5.276   -12.480 -5.663  1.00 15.24 ? 137 LEU A CD1 1 
ATOM   1083 C  CD2 . LEU A 1 137 ? 3.037   -11.916 -6.793  1.00 14.55 ? 137 LEU A CD2 1 
ATOM   1084 N  N   . PHE A 1 138 ? 4.271   -8.669  -3.551  1.00 13.82 ? 138 PHE A N   1 
ATOM   1085 C  CA  . PHE A 1 138 ? 4.694   -7.262  -3.721  1.00 14.57 ? 138 PHE A CA  1 
ATOM   1086 C  C   . PHE A 1 138 ? 5.894   -6.956  -2.809  1.00 15.76 ? 138 PHE A C   1 
ATOM   1087 O  O   . PHE A 1 138 ? 6.969   -6.506  -3.218  1.00 13.47 ? 138 PHE A O   1 
ATOM   1088 C  CB  . PHE A 1 138 ? 3.459   -6.399  -3.512  1.00 16.54 ? 138 PHE A CB  1 
ATOM   1089 C  CG  . PHE A 1 138 ? 3.714   -4.966  -3.205  1.00 19.47 ? 138 PHE A CG  1 
ATOM   1090 C  CD1 . PHE A 1 138 ? 4.012   -4.081  -4.215  1.00 19.83 ? 138 PHE A CD1 1 
ATOM   1091 C  CD2 . PHE A 1 138 ? 3.713   -4.519  -1.868  1.00 19.94 ? 138 PHE A CD2 1 
ATOM   1092 C  CE1 . PHE A 1 138 ? 4.287   -2.703  -3.965  1.00 20.63 ? 138 PHE A CE1 1 
ATOM   1093 C  CE2 . PHE A 1 138 ? 4.009   -3.179  -1.603  1.00 21.20 ? 138 PHE A CE2 1 
ATOM   1094 C  CZ  . PHE A 1 138 ? 4.291   -2.270  -2.606  1.00 21.53 ? 138 PHE A CZ  1 
ATOM   1095 N  N   . ARG A 1 139 ? 5.785   -7.287  -1.461  1.00 15.97 ? 139 ARG A N   1 
ATOM   1096 C  CA  . ARG A 1 139 ? 6.897   -7.017  -0.537  1.00 15.82 ? 139 ARG A CA  1 
ATOM   1097 C  C   . ARG A 1 139 ? 8.161   -7.822  -0.855  1.00 16.18 ? 139 ARG A C   1 
ATOM   1098 O  O   . ARG A 1 139 ? 9.304   -7.355  -0.729  1.00 16.33 ? 139 ARG A O   1 
ATOM   1099 C  CB  . ARG A 1 139 ? 6.511   -7.359  0.921   1.00 15.33 ? 139 ARG A CB  1 
ATOM   1100 C  CG  . ARG A 1 139 ? 5.556   -6.340  1.491   1.00 17.59 ? 139 ARG A CG  1 
ATOM   1101 C  CD  . ARG A 1 139 ? 5.543   -6.493  2.998   1.00 16.80 ? 139 ARG A CD  1 
ATOM   1102 N  NE  . ARG A 1 139 ? 4.914   -7.692  3.498   1.00 17.79 ? 139 ARG A NE  1 
ATOM   1103 C  CZ  . ARG A 1 139 ? 3.679   -8.156  3.489   1.00 16.66 ? 139 ARG A CZ  1 
ATOM   1104 N  NH1 . ARG A 1 139 ? 2.557   -7.665  2.996   1.00 16.90 ? 139 ARG A NH1 1 
ATOM   1105 N  NH2 . ARG A 1 139 ? 3.532   -9.414  3.967   1.00 20.32 ? 139 ARG A NH2 1 
ATOM   1106 N  N   . LYS A 1 140 ? 7.956   -9.101  -1.083  1.00 15.72 ? 140 LYS A N   1 
ATOM   1107 C  CA  . LYS A 1 140 ? 8.997   -10.064 -1.414  1.00 17.27 ? 140 LYS A CA  1 
ATOM   1108 C  C   . LYS A 1 140 ? 9.756   -9.530  -2.661  1.00 15.44 ? 140 LYS A C   1 
ATOM   1109 O  O   . LYS A 1 140 ? 11.002  -9.610  -2.652  1.00 16.01 ? 140 LYS A O   1 
ATOM   1110 C  CB  . LYS A 1 140 ? 8.318   -11.387 -1.768  1.00 20.48 ? 140 LYS A CB  1 
ATOM   1111 C  CG  . LYS A 1 140 ? 9.208   -12.612 -1.892  1.00 26.82 ? 140 LYS A CG  1 
ATOM   1112 C  CD  . LYS A 1 140 ? 8.472   -13.553 -2.911  1.00 30.97 ? 140 LYS A CD  1 
ATOM   1113 C  CE  . LYS A 1 140 ? 7.364   -14.226 -2.107  1.00 35.12 ? 140 LYS A CE  1 
ATOM   1114 N  NZ  . LYS A 1 140 ? 7.273   -13.593 -0.713  1.00 39.41 ? 140 LYS A NZ  1 
ATOM   1115 N  N   . ASP A 1 141 ? 9.046   -9.039  -3.631  1.00 14.86 ? 141 ASP A N   1 
ATOM   1116 C  CA  . ASP A 1 141 ? 9.672   -8.529  -4.872  1.00 14.59 ? 141 ASP A CA  1 
ATOM   1117 C  C   . ASP A 1 141 ? 10.413  -7.253  -4.569  1.00 14.91 ? 141 ASP A C   1 
ATOM   1118 O  O   . ASP A 1 141 ? 11.469  -6.972  -5.092  1.00 15.00 ? 141 ASP A O   1 
ATOM   1119 C  CB  . ASP A 1 141 ? 8.650   -8.431  -5.958  1.00 16.54 ? 141 ASP A CB  1 
ATOM   1120 C  CG  . ASP A 1 141 ? 8.388   -9.808  -6.592  1.00 19.48 ? 141 ASP A CG  1 
ATOM   1121 O  OD1 . ASP A 1 141 ? 9.063   -10.781 -6.249  1.00 19.75 ? 141 ASP A OD1 1 
ATOM   1122 O  OD2 . ASP A 1 141 ? 7.407   -9.849  -7.383  1.00 21.42 ? 141 ASP A OD2 1 
ATOM   1123 N  N   . ILE A 1 142 ? 9.848   -6.431  -3.666  1.00 15.17 ? 142 ILE A N   1 
ATOM   1124 C  CA  . ILE A 1 142 ? 10.509  -5.206  -3.242  1.00 13.30 ? 142 ILE A CA  1 
ATOM   1125 C  C   . ILE A 1 142 ? 11.777  -5.561  -2.508  1.00 14.22 ? 142 ILE A C   1 
ATOM   1126 O  O   . ILE A 1 142 ? 12.898  -5.041  -2.764  1.00 15.90 ? 142 ILE A O   1 
ATOM   1127 C  CB  . ILE A 1 142 ? 9.566   -4.254  -2.419  1.00 13.12 ? 142 ILE A CB  1 
ATOM   1128 C  CG1 . ILE A 1 142 ? 8.519   -3.697  -3.418  1.00 14.43 ? 142 ILE A CG1 1 
ATOM   1129 C  CG2 . ILE A 1 142 ? 10.461  -3.151  -1.808  1.00 9.80  ? 142 ILE A CG2 1 
ATOM   1130 C  CD1 . ILE A 1 142 ? 7.459   -2.676  -3.005  1.00 19.94 ? 142 ILE A CD1 1 
ATOM   1131 N  N   . ALA A 1 143 ? 11.658  -6.486  -1.578  1.00 15.00 ? 143 ALA A N   1 
ATOM   1132 C  CA  . ALA A 1 143 ? 12.840  -6.940  -0.800  1.00 16.47 ? 143 ALA A CA  1 
ATOM   1133 C  C   . ALA A 1 143 ? 13.883  -7.476  -1.776  1.00 17.35 ? 143 ALA A C   1 
ATOM   1134 O  O   . ALA A 1 143 ? 15.045  -7.167  -1.462  1.00 18.21 ? 143 ALA A O   1 
ATOM   1135 C  CB  . ALA A 1 143 ? 12.383  -7.920  0.258   1.00 16.28 ? 143 ALA A CB  1 
ATOM   1136 N  N   . ALA A 1 144 ? 13.578  -8.185  -2.824  1.00 17.26 ? 144 ALA A N   1 
ATOM   1137 C  CA  . ALA A 1 144 ? 14.568  -8.659  -3.842  1.00 18.68 ? 144 ALA A CA  1 
ATOM   1138 C  C   . ALA A 1 144 ? 15.323  -7.498  -4.475  1.00 18.67 ? 144 ALA A C   1 
ATOM   1139 O  O   . ALA A 1 144 ? 16.543  -7.503  -4.618  1.00 19.91 ? 144 ALA A O   1 
ATOM   1140 C  CB  . ALA A 1 144 ? 13.841  -9.372  -4.980  1.00 18.55 ? 144 ALA A CB  1 
ATOM   1141 N  N   . LYS A 1 145 ? 14.596  -6.433  -4.858  1.00 18.17 ? 145 LYS A N   1 
ATOM   1142 C  CA  . LYS A 1 145 ? 15.299  -5.270  -5.436  1.00 18.21 ? 145 LYS A CA  1 
ATOM   1143 C  C   . LYS A 1 145 ? 16.193  -4.581  -4.425  1.00 19.54 ? 145 LYS A C   1 
ATOM   1144 O  O   . LYS A 1 145 ? 17.239  -4.029  -4.777  1.00 19.21 ? 145 LYS A O   1 
ATOM   1145 C  CB  . LYS A 1 145 ? 14.386  -4.247  -6.016  1.00 18.07 ? 145 LYS A CB  1 
ATOM   1146 C  CG  . LYS A 1 145 ? 13.340  -4.698  -6.991  1.00 21.80 ? 145 LYS A CG  1 
ATOM   1147 C  CD  . LYS A 1 145 ? 13.847  -5.417  -8.217  1.00 23.14 ? 145 LYS A CD  1 
ATOM   1148 C  CE  . LYS A 1 145 ? 12.671  -6.285  -8.664  1.00 25.83 ? 145 LYS A CE  1 
ATOM   1149 N  NZ  . LYS A 1 145 ? 12.277  -7.330  -7.627  1.00 24.54 ? 145 LYS A NZ  1 
ATOM   1150 N  N   . TYR A 1 146 ? 15.761  -4.468  -3.164  1.00 19.94 ? 146 TYR A N   1 
ATOM   1151 C  CA  . TYR A 1 146 ? 16.508  -3.817  -2.097  1.00 20.60 ? 146 TYR A CA  1 
ATOM   1152 C  C   . TYR A 1 146 ? 17.901  -4.499  -1.994  1.00 22.12 ? 146 TYR A C   1 
ATOM   1153 O  O   . TYR A 1 146 ? 18.956  -3.790  -1.888  1.00 23.01 ? 146 TYR A O   1 
ATOM   1154 C  CB  . TYR A 1 146 ? 15.756  -3.879  -0.748  1.00 18.26 ? 146 TYR A CB  1 
ATOM   1155 C  CG  . TYR A 1 146 ? 14.793  -2.786  -0.415  1.00 19.55 ? 146 TYR A CG  1 
ATOM   1156 C  CD1 . TYR A 1 146 ? 14.075  -2.055  -1.395  1.00 18.18 ? 146 TYR A CD1 1 
ATOM   1157 C  CD2 . TYR A 1 146 ? 14.473  -2.499  0.911   1.00 21.18 ? 146 TYR A CD2 1 
ATOM   1158 C  CE1 . TYR A 1 146 ? 13.200  -1.076  -1.073  1.00 18.03 ? 146 TYR A CE1 1 
ATOM   1159 C  CE2 . TYR A 1 146 ? 13.590  -1.486  1.294   1.00 19.46 ? 146 TYR A CE2 1 
ATOM   1160 C  CZ  . TYR A 1 146 ? 12.942  -0.791  0.288   1.00 19.32 ? 146 TYR A CZ  1 
ATOM   1161 O  OH  . TYR A 1 146 ? 12.038  0.226   0.551   1.00 19.60 ? 146 TYR A OH  1 
ATOM   1162 N  N   . LYS A 1 147 ? 17.811  -5.816  -2.021  1.00 22.24 ? 147 LYS A N   1 
ATOM   1163 C  CA  . LYS A 1 147 ? 18.940  -6.743  -1.950  1.00 24.74 ? 147 LYS A CA  1 
ATOM   1164 C  C   . LYS A 1 147 ? 20.045  -6.437  -2.972  1.00 25.18 ? 147 LYS A C   1 
ATOM   1165 O  O   . LYS A 1 147 ? 21.297  -6.415  -2.766  1.00 25.90 ? 147 LYS A O   1 
ATOM   1166 C  CB  . LYS A 1 147 ? 18.543  -8.202  -2.078  1.00 25.98 ? 147 LYS A CB  1 
ATOM   1167 C  CG  . LYS A 1 147 ? 18.247  -8.979  -0.793  1.00 29.01 ? 147 LYS A CG  1 
ATOM   1168 C  CD  . LYS A 1 147 ? 17.345  -8.183  0.099   1.00 33.19 ? 147 LYS A CD  1 
ATOM   1169 C  CE  . LYS A 1 147 ? 16.697  -8.942  1.253   1.00 35.74 ? 147 LYS A CE  1 
ATOM   1170 N  NZ  . LYS A 1 147 ? 15.917  -10.132 0.765   1.00 37.63 ? 147 LYS A NZ  1 
ATOM   1171 N  N   . GLU A 1 148 ? 19.560  -6.260  -4.169  1.00 26.40 ? 148 GLU A N   1 
ATOM   1172 C  CA  . GLU A 1 148 ? 20.336  -5.973  -5.376  1.00 26.84 ? 148 GLU A CA  1 
ATOM   1173 C  C   . GLU A 1 148 ? 21.057  -4.649  -5.216  1.00 25.77 ? 148 GLU A C   1 
ATOM   1174 O  O   . GLU A 1 148 ? 22.184  -4.496  -5.713  1.00 25.19 ? 148 GLU A O   1 
ATOM   1175 C  CB  . GLU A 1 148 ? 19.570  -5.979  -6.669  1.00 30.14 ? 148 GLU A CB  1 
ATOM   1176 C  CG  . GLU A 1 148 ? 20.234  -5.151  -7.807  1.00 35.54 ? 148 GLU A CG  1 
ATOM   1177 C  CD  . GLU A 1 148 ? 19.586  -5.378  -9.168  1.00 37.37 ? 148 GLU A CD  1 
ATOM   1178 O  OE1 . GLU A 1 148 ? 18.359  -5.335  -9.348  1.00 37.95 ? 148 GLU A OE1 1 
ATOM   1179 O  OE2 . GLU A 1 148 ? 20.531  -5.623  -9.982  1.00 39.66 ? 148 GLU A OE2 1 
ATOM   1180 N  N   . LEU A 1 149 ? 20.399  -3.773  -4.464  1.00 25.20 ? 149 LEU A N   1 
ATOM   1181 C  CA  . LEU A 1 149 ? 21.083  -2.474  -4.219  1.00 24.61 ? 149 LEU A CA  1 
ATOM   1182 C  C   . LEU A 1 149 ? 21.969  -2.681  -2.994  1.00 25.44 ? 149 LEU A C   1 
ATOM   1183 O  O   . LEU A 1 149 ? 22.824  -1.787  -2.858  1.00 24.61 ? 149 LEU A O   1 
ATOM   1184 C  CB  . LEU A 1 149 ? 20.095  -1.336  -4.171  1.00 25.02 ? 149 LEU A CB  1 
ATOM   1185 C  CG  . LEU A 1 149 ? 19.290  -1.024  -5.430  1.00 24.62 ? 149 LEU A CG  1 
ATOM   1186 C  CD1 . LEU A 1 149 ? 18.172  -0.028  -5.136  1.00 24.04 ? 149 LEU A CD1 1 
ATOM   1187 C  CD2 . LEU A 1 149 ? 20.291  -0.445  -6.463  1.00 25.77 ? 149 LEU A CD2 1 
ATOM   1188 N  N   . GLY A 1 150 ? 21.780  -3.780  -2.207  1.00 24.62 ? 150 GLY A N   1 
ATOM   1189 C  CA  . GLY A 1 150 ? 22.708  -3.860  -1.028  1.00 26.36 ? 150 GLY A CA  1 
ATOM   1190 C  C   . GLY A 1 150 ? 22.063  -3.092  0.130   1.00 28.66 ? 150 GLY A C   1 
ATOM   1191 O  O   . GLY A 1 150 ? 22.664  -2.860  1.234   1.00 29.08 ? 150 GLY A O   1 
ATOM   1192 N  N   . TYR A 1 151 ? 20.812  -2.677  -0.166  1.00 30.02 ? 151 TYR A N   1 
ATOM   1193 C  CA  . TYR A 1 151 ? 19.992  -1.900  0.784   1.00 31.83 ? 151 TYR A CA  1 
ATOM   1194 C  C   . TYR A 1 151 ? 19.276  -2.870  1.768   1.00 32.24 ? 151 TYR A C   1 
ATOM   1195 O  O   . TYR A 1 151 ? 18.371  -3.650  1.441   1.00 31.98 ? 151 TYR A O   1 
ATOM   1196 C  CB  . TYR A 1 151 ? 18.990  -0.908  0.145   1.00 30.75 ? 151 TYR A CB  1 
ATOM   1197 C  CG  . TYR A 1 151 ? 18.233  -0.226  1.273   1.00 34.73 ? 151 TYR A CG  1 
ATOM   1198 C  CD1 . TYR A 1 151 ? 18.816  0.777   2.049   1.00 35.31 ? 151 TYR A CD1 1 
ATOM   1199 C  CD2 . TYR A 1 151 ? 16.941  -0.661  1.663   1.00 35.02 ? 151 TYR A CD2 1 
ATOM   1200 C  CE1 . TYR A 1 151 ? 18.135  1.419   3.105   1.00 36.79 ? 151 TYR A CE1 1 
ATOM   1201 C  CE2 . TYR A 1 151 ? 16.263  -0.066  2.722   1.00 36.06 ? 151 TYR A CE2 1 
ATOM   1202 C  CZ  . TYR A 1 151 ? 16.845  0.997   3.434   1.00 36.18 ? 151 TYR A CZ  1 
ATOM   1203 O  OH  . TYR A 1 151 ? 16.202  1.581   4.508   1.00 36.01 ? 151 TYR A OH  1 
ATOM   1204 N  N   . GLN A 1 152 ? 19.742  -2.764  2.981   1.00 33.67 ? 152 GLN A N   1 
ATOM   1205 C  CA  . GLN A 1 152 ? 19.258  -3.530  4.133   1.00 35.72 ? 152 GLN A CA  1 
ATOM   1206 C  C   . GLN A 1 152 ? 18.017  -2.807  4.667   1.00 37.00 ? 152 GLN A C   1 
ATOM   1207 O  O   . GLN A 1 152 ? 17.008  -2.729  3.861   1.00 37.47 ? 152 GLN A O   1 
ATOM   1208 C  CB  . GLN A 1 152 ? 20.384  -3.500  5.161   1.00 38.90 ? 152 GLN A CB  1 
ATOM   1209 C  CG  . GLN A 1 152 ? 21.534  -4.372  4.593   1.00 42.50 ? 152 GLN A CG  1 
ATOM   1210 C  CD  . GLN A 1 152 ? 20.929  -5.745  4.282   1.00 45.76 ? 152 GLN A CD  1 
ATOM   1211 O  OE1 . GLN A 1 152 ? 20.972  -6.658  5.120   1.00 46.16 ? 152 GLN A OE1 1 
ATOM   1212 N  NE2 . GLN A 1 152 ? 20.398  -5.804  3.040   1.00 47.35 ? 152 GLN A NE2 1 
ATOM   1213 N  N   . GLY A 1 153 ? 18.178  -2.251  5.881   1.00 35.46 ? 153 GLY A N   1 
ATOM   1214 C  CA  . GLY A 1 153 ? 17.014  -1.518  6.448   1.00 35.07 ? 153 GLY A CA  1 
ATOM   1215 C  C   . GLY A 1 153 ? 16.572  -2.290  7.694   1.00 34.91 ? 153 GLY A C   1 
ATOM   1216 O  O   . GLY A 1 153 ? 16.140  -3.456  7.414   1.00 35.57 ? 153 GLY A O   1 
ATOM   1217 O  OXT . GLY A 1 153 ? 16.686  -1.760  8.823   1.00 32.96 ? 153 GLY A OXT 1 
HETATM 1218 C  C   . CYN B 2 .   ? 4.327   6.139   0.225   1.00 14.63 ? 154 CYN A C   1 
HETATM 1219 N  N   . CYN B 2 .   ? 3.501   5.561   1.073   1.00 11.89 ? 154 CYN A N   1 
HETATM 1220 FE FE  . POR C 3 .   ? 5.910   5.372   -0.536  1.00 17.10 ? 155 POR A FE  1 
HETATM 1221 C  CHA . POR C 3 .   ? 7.147   8.383   -1.589  1.00 16.20 ? 155 POR A CHA 1 
HETATM 1222 C  CHB . POR C 3 .   ? 4.451   4.889   -3.572  1.00 17.26 ? 155 POR A CHB 1 
HETATM 1223 C  CHC . POR C 3 .   ? 4.803   2.245   0.484   1.00 17.03 ? 155 POR A CHC 1 
HETATM 1224 C  CHD . POR C 3 .   ? 7.362   5.808   2.459   1.00 17.35 ? 155 POR A CHD 1 
HETATM 1225 N  NA  . POR C 3 .   ? 5.728   6.472   -2.204  1.00 17.67 ? 155 POR A NA  1 
HETATM 1226 C  C1A . POR C 3 .   ? 6.305   7.730   -2.425  1.00 16.56 ? 155 POR A C1A 1 
HETATM 1227 C  C2A . POR C 3 .   ? 6.050   8.105   -3.797  1.00 16.97 ? 155 POR A C2A 1 
HETATM 1228 C  C3A . POR C 3 .   ? 5.444   7.070   -4.345  1.00 16.77 ? 155 POR A C3A 1 
HETATM 1229 C  C4A . POR C 3 .   ? 4.923   6.199   -3.313  1.00 16.75 ? 155 POR A C4A 1 
HETATM 1230 N  NB  . POR C 3 .   ? 4.764   3.932   -1.330  1.00 16.98 ? 155 POR A NB  1 
HETATM 1231 C  C1B . POR C 3 .   ? 4.436   3.828   -2.684  1.00 16.82 ? 155 POR A C1B 1 
HETATM 1232 C  C2B . POR C 3 .   ? 3.467   2.726   -2.752  1.00 17.86 ? 155 POR A C2B 1 
HETATM 1233 C  C3B . POR C 3 .   ? 3.707   1.922   -1.701  1.00 16.92 ? 155 POR A C3B 1 
HETATM 1234 C  C4B . POR C 3 .   ? 4.342   2.737   -0.736  1.00 17.21 ? 155 POR A C4B 1 
HETATM 1235 N  NC  . POR C 3 .   ? 6.122   4.229   1.118   1.00 17.45 ? 155 POR A NC  1 
HETATM 1236 C  C1C . POR C 3 .   ? 5.510   2.988   1.395   1.00 17.17 ? 155 POR A C1C 1 
HETATM 1237 C  C2C . POR C 3 .   ? 5.537   2.766   2.817   1.00 17.90 ? 155 POR A C2C 1 
HETATM 1238 C  C3C . POR C 3 .   ? 6.388   3.684   3.345   1.00 18.14 ? 155 POR A C3C 1 
HETATM 1239 C  C4C . POR C 3 .   ? 6.620   4.680   2.327   1.00 17.66 ? 155 POR A C4C 1 
HETATM 1240 N  ND  . POR C 3 .   ? 7.094   6.756   0.261   1.00 17.77 ? 155 POR A ND  1 
HETATM 1241 C  C1D . POR C 3 .   ? 7.490   6.830   1.590   1.00 17.75 ? 155 POR A C1D 1 
HETATM 1242 C  C2D . POR C 3 .   ? 8.033   8.114   1.882   1.00 18.47 ? 155 POR A C2D 1 
HETATM 1243 C  C3D . POR C 3 .   ? 7.946   8.818   0.725   1.00 18.46 ? 155 POR A C3D 1 
HETATM 1244 C  C4D . POR C 3 .   ? 7.516   7.934   -0.332  1.00 18.08 ? 155 POR A C4D 1 
HETATM 1245 O  O   . HOH D 4 .   ? 2.672   21.609  2.908   1.00 15.20 ? 201 HOH A O   1 
HETATM 1246 O  O   . HOH D 4 .   ? 6.015   -5.474  -16.148 1.00 31.94 ? 202 HOH A O   1 
HETATM 1247 O  O   . HOH D 4 .   ? -12.672 10.019  -4.555  1.00 28.31 ? 203 HOH A O   1 
HETATM 1248 O  O   . HOH D 4 .   ? -11.534 9.067   4.142   1.00 41.86 ? 204 HOH A O   1 
HETATM 1249 O  O   . HOH D 4 .   ? -0.827  -1.930  -14.901 1.00 23.89 ? 205 HOH A O   1 
HETATM 1250 O  O   . HOH D 4 .   ? -5.445  1.952   -8.628  1.00 33.72 ? 206 HOH A O   1 
HETATM 1251 O  O   . HOH D 4 .   ? 14.906  -0.720  -16.020 1.00 25.28 ? 207 HOH A O   1 
HETATM 1252 O  O   . HOH D 4 .   ? 24.821  -3.243  1.741   1.00 25.99 ? 208 HOH A O   1 
HETATM 1253 O  O   . HOH D 4 .   ? 19.711  -4.244  -12.340 1.00 32.58 ? 209 HOH A O   1 
HETATM 1254 O  O   . HOH D 4 .   ? 1.094   -8.162  -9.387  1.00 21.08 ? 210 HOH A O   1 
HETATM 1255 O  O   . HOH D 4 .   ? 19.010  1.916   -8.413  1.00 33.60 ? 211 HOH A O   1 
HETATM 1256 O  O   . HOH D 4 .   ? 9.773   12.722  1.749   1.00 33.08 ? 212 HOH A O   1 
HETATM 1257 O  O   . HOH D 4 .   ? -8.694  -15.280 5.002   1.00 34.07 ? 213 HOH A O   1 
HETATM 1258 O  O   . HOH D 4 .   ? 0.568   -15.472 -8.283  1.00 29.14 ? 214 HOH A O   1 
HETATM 1259 O  O   . HOH D 4 .   ? 18.183  3.909   -6.207  1.00 42.74 ? 215 HOH A O   1 
HETATM 1260 O  O   . HOH D 4 .   ? -13.757 -9.342  -3.887  1.00 31.99 ? 216 HOH A O   1 
HETATM 1261 O  O   . HOH D 4 .   ? 7.393   -9.129  4.060   1.00 38.44 ? 217 HOH A O   1 
HETATM 1262 O  O   . HOH D 4 .   ? -8.582  -20.426 -10.061 1.00 28.76 ? 218 HOH A O   1 
HETATM 1263 O  O   . HOH D 4 .   ? -15.907 -10.712 -3.769  1.00 41.58 ? 219 HOH A O   1 
HETATM 1264 O  O   . HOH D 4 .   ? -4.888  -5.727  9.091   1.00 26.12 ? 220 HOH A O   1 
HETATM 1265 O  O   . HOH D 4 .   ? -3.870  -1.426  10.399  1.00 34.32 ? 221 HOH A O   1 
HETATM 1266 O  O   . HOH D 4 .   ? -4.609  19.743  7.704   1.00 31.79 ? 222 HOH A O   1 
HETATM 1267 O  O   . HOH D 4 .   ? -15.784 3.099   -3.411  1.00 36.90 ? 223 HOH A O   1 
HETATM 1268 O  O   . HOH D 4 .   ? 1.871   -8.059  -6.042  1.00 30.66 ? 224 HOH A O   1 
HETATM 1269 O  O   . HOH D 4 .   ? 5.331   0.432   14.941  1.00 36.37 ? 225 HOH A O   1 
HETATM 1270 O  O   . HOH D 4 .   ? 7.318   13.854  8.990   1.00 40.15 ? 226 HOH A O   1 
HETATM 1271 O  O   . HOH D 4 .   ? -8.341  5.274   8.728   1.00 25.43 ? 227 HOH A O   1 
HETATM 1272 O  O   . HOH D 4 .   ? -2.906  -17.558 -11.859 1.00 32.36 ? 228 HOH A O   1 
HETATM 1273 O  O   . HOH D 4 .   ? -0.772  -0.521  9.739   1.00 25.57 ? 229 HOH A O   1 
HETATM 1274 O  O   . HOH D 4 .   ? -5.690  -7.180  -14.939 1.00 44.39 ? 230 HOH A O   1 
HETATM 1275 O  O   . HOH D 4 .   ? -8.932  -1.227  15.240  1.00 46.21 ? 231 HOH A O   1 
HETATM 1276 O  O   . HOH D 4 .   ? -8.016  -16.962 -0.878  1.00 27.31 ? 232 HOH A O   1 
HETATM 1277 O  O   . HOH D 4 .   ? 24.749  -4.163  -5.268  1.00 38.88 ? 233 HOH A O   1 
HETATM 1278 O  O   . HOH D 4 .   ? 22.091  -1.271  4.011   1.00 43.05 ? 234 HOH A O   1 
HETATM 1279 O  O   . HOH D 4 .   ? 2.347   -14.545 -1.651  1.00 42.28 ? 235 HOH A O   1 
HETATM 1280 O  O   . HOH D 4 .   ? -12.641 8.045   -9.368  1.00 33.25 ? 236 HOH A O   1 
HETATM 1281 O  O   . HOH D 4 .   ? 17.484  -3.177  -7.418  1.00 24.45 ? 237 HOH A O   1 
HETATM 1282 O  O   . HOH D 4 .   ? 1.991   14.813  -1.031  1.00 32.08 ? 238 HOH A O   1 
HETATM 1283 O  O   . HOH D 4 .   ? 10.498  5.897   11.609  1.00 46.75 ? 239 HOH A O   1 
HETATM 1284 O  O   . HOH D 4 .   ? 15.041  2.698   -11.556 1.00 45.77 ? 240 HOH A O   1 
HETATM 1285 O  O   . HOH D 4 .   ? 6.382   -11.720 -9.275  1.00 30.24 ? 241 HOH A O   1 
HETATM 1286 O  O   . HOH D 4 .   ? -14.863 8.561   -6.299  1.00 44.07 ? 242 HOH A O   1 
HETATM 1287 O  O   . HOH D 4 .   ? -16.124 3.149   -0.336  1.00 38.01 ? 243 HOH A O   1 
HETATM 1288 O  O   . HOH D 4 .   ? 1.699   -12.210 5.093   1.00 47.21 ? 244 HOH A O   1 
HETATM 1289 O  O   . HOH D 4 .   ? 4.003   -7.666  -18.073 1.00 44.12 ? 245 HOH A O   1 
HETATM 1290 O  O   . HOH D 4 .   ? -6.186  14.175  4.029   1.00 20.82 ? 246 HOH A O   1 
HETATM 1291 O  O   . HOH D 4 .   ? 0.097   -9.154  3.334   1.00 29.58 ? 247 HOH A O   1 
HETATM 1292 O  O   . HOH D 4 .   ? -16.451 -0.116  -8.809  1.00 44.34 ? 248 HOH A O   1 
HETATM 1293 O  O   . HOH D 4 .   ? -3.125  2.593   -11.090 1.00 34.79 ? 249 HOH A O   1 
HETATM 1294 O  O   . HOH D 4 .   ? -3.303  -15.487 2.861   1.00 37.16 ? 250 HOH A O   1 
HETATM 1295 O  O   . HOH D 4 .   ? 16.630  -4.430  3.332   1.00 36.63 ? 251 HOH A O   1 
HETATM 1296 O  O   . HOH D 4 .   ? -0.678  -14.270 -13.785 1.00 37.41 ? 252 HOH A O   1 
HETATM 1297 O  O   . HOH D 4 .   ? -14.372 8.395   1.426   1.00 35.69 ? 253 HOH A O   1 
HETATM 1298 O  O   . HOH D 4 .   ? 3.445   -16.897 -13.566 1.00 40.03 ? 254 HOH A O   1 
HETATM 1299 O  O   . HOH D 4 .   ? -1.341  -7.710  6.471   1.00 43.95 ? 255 HOH A O   1 
HETATM 1300 O  O   . HOH D 4 .   ? -4.593  -10.900 5.273   1.00 40.64 ? 256 HOH A O   1 
HETATM 1301 O  O   . HOH D 4 .   ? -1.554  6.761   17.415  1.00 45.01 ? 257 HOH A O   1 
HETATM 1302 O  O   . HOH D 4 .   ? -10.300 -19.585 0.820   1.00 51.29 ? 258 HOH A O   1 
HETATM 1303 O  O   . HOH D 4 .   ? 0.506   -3.056  11.502  1.00 44.40 ? 269 HOH A O   1 
# 
